data_9IUK
#
_entry.id   9IUK
#
_cell.length_a   1.00
_cell.length_b   1.00
_cell.length_c   1.00
_cell.angle_alpha   90.00
_cell.angle_beta   90.00
_cell.angle_gamma   90.00
#
_symmetry.space_group_name_H-M   'P 1'
#
loop_
_entity.id
_entity.type
_entity.pdbx_description
1 polymer 'Pleiotropic ABC efflux transporter of multiple drugs CDR1'
2 non-polymer Pip2(20:4/18:0)
#
_entity_poly.entity_id   1
_entity_poly.type   'polypeptide(L)'
_entity_poly.pdbx_seq_one_letter_code
;MSDSKMSSQDESKLEKAISQDSSSENHSINEYHGFDAHTSENIQNLARTFTHDSFKDDSSAGLLKYLTHMSEVPGVNPYE
HEEINNDQLNPDSENFNAKFWVKNLRKLFESDPEYYKPSKLGIGYRNLRAYGVANDSDYQPTVTNALWKLATEGFRHFQK
DDDSRYFDILKSMDAIMRPGELTVVLGRPGAGCSTLLKTIAVNTYGFHIGKESQITYDGLSPHDIERHYRGDVIYSAETD
VHFPHLSVGDTLEFAARLRTPQNRGEGIDRETYAKHMASVYMATYGLSHTRNTNVGNDFVRGVSGGERKRVSIAEASLSG
ANIQCWDNATRGLDSATALEFIRALKTSAVILDTTPLIAIYQCSQDAYDLFDKVVVLYEGYQIFFGKATKAKEYFEKMGW
KCPQRQTTADFLTSLTNPAEREPLPGYEDKVPRTAQEFETYWKNSPEYAELTKEIDEYFVECERSNTRETYRESHVAKQS
NNTRPASPYTVSFFMQVRYGVARNFLRMKGDPSIPIFSVFGQLVMGLILSSVFYNLSQTTGSFYYRGAAMFFAVLFNAFS
SLLEIMSLFEARPIVEKHKKYALYRPSADALASIISELPVKLAMSMSFNFVFYFMVNFRRNPGRFFFYWLMCIWCTFVMS
HLFRSIGAVSTSISGAMTPATVLLLAMVIYTGFVIPTPSMLGWSRWINYINPVGYVFESLMVNEFHGREFQCAQYVPSGP
GYENISRSNQVCTAVGSVPGNEMVSGTNYLAGAYQYYNSHKWRNLGITIGFAVFFLAIYIALTEFNKGAMQKGEIVLFLK
GSLKKHKRKTAASNKGDIEAGPVAGKLDYQDEAEAVNNEKFTEKGSTGSVDFPENREIFFWRDLTYQVKIKKEDRVILDH
VDGWVKPGQITALMGASGAGKTTLLNCLSERVTTGIITDGERLVNGHALDSSFQRSIGYVQQQDVHLETTTVREALQFSA
YLRQSNKISKKEKDDYVDYVIDLLEMTDYADALVGVAGEGLNVEQRKRLTIGVELVAKPKLLLFLDEPTSGLDSQTAWSI
CKLMRKLADHGQAILCTIHQPSALIMAEFDRLLFLQKGGRTAYFGELGENCQTMINYFEKYGADPCPKEANPAEWMLQVV
GAAPGSHAKQDYFEVWRNSSEYQAVREEINRMEAELSKLPRDNDPEALLKYAAPLWKQYLLVSWRTIVQDWRSPGYIYSK
IFLVVSAALFNGFSFFKAKNNMQGLQNQMFSVFMFFIPFNTLVQQMLPYFVKQRDVYEVREAPSRTFSWFAFIAGQITSE
IPYQVAVGTIAFFCWYYPLGLYNNATPTDSVNPRGVLMWMLVTAFYVYTATMGQLCMSFSELADNAANLATLLFTMCLNF
CGVLAGPDVLPGFWIFMYRCNPFTYLVQAMLSTGLANTFVKCAEREYVSVKPPNGESCSTYLDPYIKFAGGYFETRNDGS
CAFCQMSSTNTFLKSVNSLYSERWRNFGIFIAFIAINIILTVIFYWLARVPKGNREKKNKK
;
_entity_poly.pdbx_strand_id   A
#
loop_
_chem_comp.id
_chem_comp.type
_chem_comp.name
_chem_comp.formula
A1L26 non-polymer Pip2(20:4/18:0) 'C47 H85 O19 P3'
#
# COMPACT_ATOMS: atom_id res chain seq x y z
N GLU A 31 29.57 -4.37 14.54
CA GLU A 31 29.06 -2.97 14.64
C GLU A 31 29.96 -2.01 13.86
N TYR A 32 29.58 -0.74 13.84
CA TYR A 32 30.30 0.29 13.11
C TYR A 32 30.87 1.29 14.11
N HIS A 33 32.18 1.56 13.98
CA HIS A 33 32.86 2.50 14.86
C HIS A 33 33.59 3.59 14.08
N GLY A 34 33.18 3.85 12.83
CA GLY A 34 33.67 4.99 12.09
C GLY A 34 35.10 4.93 11.60
N PHE A 35 35.37 4.06 10.62
CA PHE A 35 36.64 4.08 9.88
C PHE A 35 37.84 3.90 10.81
N ASP A 36 37.90 2.73 11.44
CA ASP A 36 38.97 2.39 12.36
C ASP A 36 40.11 1.71 11.60
N ALA A 37 41.04 1.12 12.35
CA ALA A 37 42.18 0.46 11.72
C ALA A 37 41.74 -0.71 10.84
N HIS A 38 40.77 -1.51 11.31
CA HIS A 38 40.36 -2.67 10.53
C HIS A 38 39.73 -2.26 9.20
N THR A 39 38.98 -1.16 9.19
CA THR A 39 38.45 -0.66 7.93
C THR A 39 39.59 -0.26 7.00
N SER A 40 40.62 0.38 7.54
CA SER A 40 41.76 0.78 6.71
C SER A 40 42.46 -0.44 6.12
N GLU A 41 42.66 -1.48 6.92
CA GLU A 41 43.33 -2.68 6.40
C GLU A 41 42.45 -3.41 5.39
N ASN A 42 41.12 -3.40 5.60
CA ASN A 42 40.23 -3.98 4.60
C ASN A 42 40.34 -3.23 3.28
N ILE A 43 40.37 -1.90 3.33
CA ILE A 43 40.53 -1.12 2.10
C ILE A 43 41.89 -1.41 1.47
N GLN A 44 42.92 -1.59 2.30
CA GLN A 44 44.24 -1.94 1.78
C GLN A 44 44.18 -3.24 1.00
N ASN A 45 43.55 -4.27 1.59
CA ASN A 45 43.44 -5.55 0.91
C ASN A 45 42.65 -5.42 -0.39
N LEU A 46 41.54 -4.68 -0.36
CA LEU A 46 40.75 -4.49 -1.57
C LEU A 46 41.55 -3.82 -2.66
N ALA A 47 42.32 -2.78 -2.31
CA ALA A 47 43.14 -2.10 -3.30
C ALA A 47 44.22 -3.02 -3.84
N ARG A 48 44.81 -3.84 -2.97
CA ARG A 48 45.82 -4.78 -3.43
C ARG A 48 45.24 -5.76 -4.45
N THR A 49 44.07 -6.33 -4.15
CA THR A 49 43.44 -7.25 -5.09
C THR A 49 43.10 -6.54 -6.40
N PHE A 50 42.57 -5.32 -6.31
CA PHE A 50 42.18 -4.61 -7.52
C PHE A 50 43.39 -4.28 -8.40
N THR A 51 44.49 -3.83 -7.78
CA THR A 51 45.66 -3.50 -8.58
C THR A 51 46.33 -4.77 -9.14
N HIS A 52 46.28 -5.88 -8.40
CA HIS A 52 46.76 -7.14 -8.95
C HIS A 52 45.93 -7.55 -10.17
N ASP A 53 44.60 -7.39 -10.08
CA ASP A 53 43.75 -7.71 -11.22
C ASP A 53 44.06 -6.81 -12.41
N SER A 54 44.24 -5.51 -12.16
CA SER A 54 44.57 -4.59 -13.24
C SER A 54 45.97 -4.80 -13.78
N PHE A 55 46.83 -5.48 -13.03
CA PHE A 55 48.19 -5.75 -13.51
C PHE A 55 48.17 -6.60 -14.76
N LYS A 56 47.34 -7.64 -14.78
CA LYS A 56 47.23 -8.52 -15.94
C LYS A 56 46.68 -7.77 -17.14
N ASN A 86 52.24 7.71 -5.79
CA ASN A 86 53.65 7.48 -5.50
C ASN A 86 53.79 6.58 -4.28
N ASP A 87 54.58 6.99 -3.28
CA ASP A 87 54.76 6.16 -2.09
C ASP A 87 53.47 6.03 -1.30
N GLN A 88 52.62 7.06 -1.30
CA GLN A 88 51.40 7.07 -0.52
C GLN A 88 50.20 6.49 -1.27
N LEU A 89 50.42 5.98 -2.48
CA LEU A 89 49.34 5.40 -3.27
C LEU A 89 49.54 3.93 -3.60
N ASN A 90 50.76 3.41 -3.52
CA ASN A 90 51.01 2.01 -3.86
C ASN A 90 50.55 1.12 -2.71
N PRO A 91 49.57 0.24 -2.92
CA PRO A 91 49.17 -0.65 -1.81
C PRO A 91 50.28 -1.55 -1.33
N ASP A 92 51.16 -1.99 -2.22
CA ASP A 92 52.23 -2.90 -1.81
C ASP A 92 53.18 -2.25 -0.82
N SER A 93 53.55 -1.00 -1.08
CA SER A 93 54.45 -0.30 -0.18
C SER A 93 53.72 0.14 1.08
N GLU A 94 54.49 0.34 2.15
CA GLU A 94 53.93 0.83 3.40
C GLU A 94 53.82 2.35 3.34
N ASN A 95 53.52 2.98 4.48
CA ASN A 95 53.33 4.42 4.53
C ASN A 95 52.20 4.86 3.61
N PHE A 96 51.17 4.02 3.52
CA PHE A 96 50.01 4.29 2.67
C PHE A 96 48.75 4.04 3.48
N ASN A 97 47.85 5.02 3.47
CA ASN A 97 46.61 4.95 4.24
C ASN A 97 45.41 5.01 3.31
N ALA A 98 44.34 4.35 3.72
CA ALA A 98 43.17 4.21 2.87
C ALA A 98 42.42 5.53 2.66
N LYS A 99 42.61 6.51 3.55
CA LYS A 99 41.90 7.78 3.40
C LYS A 99 42.23 8.44 2.07
N PHE A 100 43.51 8.57 1.76
CA PHE A 100 43.92 9.21 0.51
C PHE A 100 43.46 8.39 -0.68
N TRP A 101 43.54 7.07 -0.57
CA TRP A 101 43.10 6.21 -1.67
C TRP A 101 41.63 6.43 -1.98
N VAL A 102 40.78 6.44 -0.94
CA VAL A 102 39.36 6.63 -1.16
C VAL A 102 39.08 8.02 -1.70
N LYS A 103 39.76 9.03 -1.17
CA LYS A 103 39.53 10.40 -1.65
C LYS A 103 39.91 10.53 -3.13
N ASN A 104 41.06 9.96 -3.52
CA ASN A 104 41.57 10.14 -4.87
C ASN A 104 40.95 9.19 -5.89
N LEU A 105 40.33 8.09 -5.44
CA LEU A 105 39.80 7.13 -6.39
C LEU A 105 38.71 7.75 -7.25
N ARG A 106 37.83 8.54 -6.65
CA ARG A 106 36.76 9.19 -7.41
C ARG A 106 37.36 10.15 -8.44
N LYS A 107 38.31 10.98 -8.02
CA LYS A 107 38.87 11.98 -8.93
C LYS A 107 39.86 11.35 -9.90
N LEU A 108 40.95 10.78 -9.39
CA LEU A 108 41.94 10.15 -10.24
C LEU A 108 41.47 8.76 -10.63
N PHE A 109 42.33 8.05 -11.36
CA PHE A 109 42.00 6.71 -11.85
C PHE A 109 40.75 6.72 -12.73
N GLU A 110 40.49 7.85 -13.39
CA GLU A 110 39.36 7.97 -14.29
C GLU A 110 39.54 9.23 -15.11
N SER A 111 39.43 9.11 -16.43
CA SER A 111 39.59 10.27 -17.30
C SER A 111 38.58 11.35 -16.93
N ASP A 112 39.07 12.58 -16.78
CA ASP A 112 38.24 13.68 -16.33
C ASP A 112 37.61 14.39 -17.53
N PRO A 113 36.29 14.47 -17.61
CA PRO A 113 35.68 15.21 -18.72
C PRO A 113 36.06 16.68 -18.70
N GLU A 114 36.16 17.27 -19.89
CA GLU A 114 36.55 18.67 -20.00
C GLU A 114 35.52 19.61 -19.36
N TYR A 115 34.28 19.16 -19.18
CA TYR A 115 33.26 20.01 -18.58
C TYR A 115 33.53 20.18 -17.07
N TYR A 116 32.72 21.04 -16.45
CA TYR A 116 32.88 21.33 -15.03
C TYR A 116 31.98 20.42 -14.21
N LYS A 117 32.58 19.68 -13.29
CA LYS A 117 31.85 18.81 -12.37
C LYS A 117 32.45 18.97 -10.98
N PRO A 118 31.88 19.83 -10.13
CA PRO A 118 32.51 20.11 -8.85
C PRO A 118 32.58 18.89 -7.95
N SER A 119 33.63 18.83 -7.15
CA SER A 119 33.85 17.73 -6.21
C SER A 119 33.57 18.12 -4.77
N LYS A 120 33.12 19.35 -4.52
CA LYS A 120 32.82 19.80 -3.17
C LYS A 120 32.00 21.07 -3.27
N LEU A 121 30.91 21.13 -2.51
CA LEU A 121 30.00 22.27 -2.54
C LEU A 121 29.77 22.78 -1.13
N GLY A 122 30.09 24.04 -0.90
CA GLY A 122 29.76 24.72 0.35
C GLY A 122 28.77 25.83 0.06
N ILE A 123 27.73 25.92 0.88
CA ILE A 123 26.59 26.78 0.62
C ILE A 123 26.62 27.95 1.60
N GLY A 124 26.48 29.16 1.08
CA GLY A 124 26.43 30.33 1.94
C GLY A 124 25.26 31.24 1.59
N TYR A 125 24.32 31.42 2.50
CA TYR A 125 23.12 32.20 2.21
C TYR A 125 22.95 33.31 3.24
N ARG A 126 22.43 34.44 2.76
CA ARG A 126 22.20 35.62 3.58
C ARG A 126 20.80 36.16 3.29
N ASN A 127 20.14 36.62 4.35
CA ASN A 127 18.80 37.23 4.25
C ASN A 127 17.81 36.26 3.59
N LEU A 128 17.87 34.99 3.97
CA LEU A 128 16.93 34.01 3.47
C LEU A 128 15.59 34.17 4.16
N ARG A 129 14.51 33.89 3.42
CA ARG A 129 13.16 33.97 3.96
C ARG A 129 12.22 33.20 3.05
N ALA A 130 11.30 32.46 3.65
CA ALA A 130 10.31 31.67 2.91
C ALA A 130 8.94 31.91 3.49
N TYR A 131 7.94 32.03 2.62
CA TYR A 131 6.57 32.30 3.01
C TYR A 131 5.63 31.35 2.27
N GLY A 132 4.46 31.11 2.87
CA GLY A 132 3.46 30.26 2.28
C GLY A 132 2.09 30.91 2.35
N VAL A 133 1.14 30.28 1.65
CA VAL A 133 -0.23 30.80 1.58
C VAL A 133 -1.16 29.85 2.32
N PRO A 141 -14.03 15.22 4.29
CA PRO A 141 -15.40 15.73 4.20
C PRO A 141 -16.40 14.69 3.71
N THR A 142 -17.61 14.73 4.26
CA THR A 142 -18.65 13.81 3.82
C THR A 142 -18.86 13.95 2.32
N VAL A 143 -18.98 12.81 1.64
CA VAL A 143 -19.04 12.82 0.17
C VAL A 143 -20.24 13.61 -0.34
N THR A 144 -21.27 13.79 0.49
CA THR A 144 -22.38 14.65 0.09
C THR A 144 -21.89 16.08 -0.18
N ASN A 145 -20.87 16.52 0.55
CA ASN A 145 -20.26 17.82 0.32
C ASN A 145 -19.06 17.76 -0.61
N ALA A 146 -18.70 16.57 -1.09
CA ALA A 146 -17.52 16.44 -1.94
C ALA A 146 -17.70 17.19 -3.25
N LEU A 147 -18.90 17.13 -3.83
CA LEU A 147 -19.14 17.82 -5.09
C LEU A 147 -19.04 19.33 -4.90
N TRP A 148 -19.60 19.85 -3.81
CA TRP A 148 -19.50 21.28 -3.52
C TRP A 148 -18.04 21.68 -3.31
N LYS A 149 -17.28 20.85 -2.59
CA LYS A 149 -15.87 21.14 -2.36
C LYS A 149 -15.10 21.15 -3.68
N LEU A 150 -15.42 20.20 -4.57
CA LEU A 150 -14.76 20.16 -5.88
C LEU A 150 -15.11 21.39 -6.70
N ALA A 151 -16.37 21.84 -6.63
CA ALA A 151 -16.76 23.05 -7.33
C ALA A 151 -15.99 24.26 -6.81
N THR A 152 -15.85 24.34 -5.49
CA THR A 152 -15.10 25.45 -4.88
C THR A 152 -13.64 25.39 -5.32
N GLU A 153 -13.06 24.18 -5.36
CA GLU A 153 -11.67 24.03 -5.80
C GLU A 153 -11.52 24.43 -7.26
N GLY A 154 -12.50 24.08 -8.09
CA GLY A 154 -12.46 24.49 -9.48
C GLY A 154 -12.53 25.99 -9.64
N PHE A 155 -13.38 26.64 -8.84
CA PHE A 155 -13.44 28.10 -8.86
C PHE A 155 -12.11 28.70 -8.42
N ARG A 156 -11.48 28.11 -7.39
CA ARG A 156 -10.17 28.57 -6.96
C ARG A 156 -9.15 28.47 -8.08
N HIS A 157 -9.14 27.32 -8.78
CA HIS A 157 -8.22 27.15 -9.89
C HIS A 157 -8.51 28.14 -11.01
N PHE A 158 -9.78 28.45 -11.25
CA PHE A 158 -10.14 29.37 -12.33
C PHE A 158 -9.52 30.75 -12.12
N GLN A 159 -9.56 31.25 -10.89
CA GLN A 159 -9.00 32.57 -10.58
C GLN A 159 -8.84 32.75 -9.08
N ARG A 165 -3.67 35.35 2.47
CA ARG A 165 -2.49 36.22 2.44
C ARG A 165 -1.22 35.38 2.47
N TYR A 166 -0.08 36.03 2.69
CA TYR A 166 1.21 35.37 2.74
C TYR A 166 1.60 35.11 4.19
N PHE A 167 1.93 33.86 4.49
CA PHE A 167 2.28 33.42 5.84
C PHE A 167 3.77 33.13 5.88
N ASP A 168 4.49 33.90 6.69
CA ASP A 168 5.93 33.71 6.80
C ASP A 168 6.23 32.46 7.60
N ILE A 169 7.04 31.57 7.03
CA ILE A 169 7.47 30.35 7.70
C ILE A 169 8.94 30.40 8.09
N LEU A 170 9.77 31.04 7.28
CA LEU A 170 11.18 31.23 7.59
C LEU A 170 11.51 32.71 7.48
N LYS A 171 12.06 33.28 8.54
CA LYS A 171 12.38 34.70 8.59
C LYS A 171 13.84 34.90 8.22
N SER A 172 14.30 36.14 8.34
CA SER A 172 15.67 36.47 7.95
C SER A 172 16.67 35.61 8.71
N MET A 173 17.63 35.04 7.97
CA MET A 173 18.60 34.13 8.56
C MET A 173 19.87 34.16 7.71
N ASP A 174 21.00 34.00 8.38
CA ASP A 174 22.31 33.99 7.75
C ASP A 174 23.04 32.70 8.10
N ALA A 175 23.74 32.12 7.13
CA ALA A 175 24.50 30.92 7.42
C ALA A 175 25.55 30.70 6.34
N ILE A 176 26.61 30.00 6.74
CA ILE A 176 27.68 29.55 5.84
C ILE A 176 28.05 28.14 6.25
N MET A 177 28.21 27.26 5.26
CA MET A 177 28.53 25.85 5.51
C MET A 177 29.58 25.42 4.51
N ARG A 178 30.79 25.19 4.98
CA ARG A 178 31.90 24.77 4.14
C ARG A 178 31.87 23.25 3.94
N PRO A 179 32.52 22.76 2.89
CA PRO A 179 32.61 21.31 2.72
C PRO A 179 33.39 20.66 3.84
N GLY A 180 33.00 19.44 4.19
CA GLY A 180 33.69 18.69 5.22
C GLY A 180 33.26 19.00 6.63
N GLU A 181 32.08 19.60 6.82
CA GLU A 181 31.58 19.92 8.14
C GLU A 181 30.15 19.42 8.26
N LEU A 182 29.87 18.66 9.32
CA LEU A 182 28.54 18.12 9.57
C LEU A 182 27.73 19.14 10.36
N THR A 183 26.56 19.50 9.82
CA THR A 183 25.73 20.53 10.43
C THR A 183 24.43 19.92 10.95
N VAL A 184 23.94 20.46 12.07
CA VAL A 184 22.76 19.96 12.75
C VAL A 184 21.77 21.09 12.91
N VAL A 185 20.50 20.81 12.62
CA VAL A 185 19.40 21.76 12.77
C VAL A 185 18.58 21.33 13.97
N LEU A 186 18.45 22.21 14.96
CA LEU A 186 17.73 21.92 16.19
C LEU A 186 16.49 22.80 16.29
N GLY A 187 15.41 22.22 16.79
CA GLY A 187 14.17 22.94 16.98
C GLY A 187 13.01 22.02 17.29
N ARG A 188 11.92 22.56 17.83
CA ARG A 188 10.75 21.77 18.11
C ARG A 188 10.03 21.40 16.80
N PRO A 189 9.18 20.38 16.84
CA PRO A 189 8.42 20.04 15.63
C PRO A 189 7.59 21.24 15.17
N GLY A 190 7.58 21.45 13.86
CA GLY A 190 6.89 22.59 13.30
C GLY A 190 7.64 23.91 13.41
N ALA A 191 8.88 23.89 13.88
CA ALA A 191 9.65 25.12 14.01
C ALA A 191 10.18 25.62 12.67
N GLY A 192 10.25 24.77 11.67
CA GLY A 192 10.72 25.15 10.35
C GLY A 192 12.03 24.55 9.91
N CYS A 193 12.59 23.59 10.66
CA CYS A 193 13.84 22.97 10.25
C CYS A 193 13.69 22.23 8.93
N SER A 194 12.58 21.50 8.76
CA SER A 194 12.36 20.79 7.51
C SER A 194 12.28 21.75 6.34
N THR A 195 11.61 22.89 6.52
CA THR A 195 11.55 23.89 5.47
C THR A 195 12.94 24.42 5.13
N LEU A 196 13.78 24.65 6.15
CA LEU A 196 15.14 25.10 5.89
C LEU A 196 15.91 24.08 5.06
N LEU A 197 15.84 22.81 5.46
CA LEU A 197 16.57 21.78 4.71
C LEU A 197 16.03 21.64 3.29
N LYS A 198 14.72 21.76 3.10
CA LYS A 198 14.18 21.75 1.75
C LYS A 198 14.71 22.93 0.93
N THR A 199 14.81 24.11 1.55
CA THR A 199 15.35 25.25 0.85
C THR A 199 16.81 25.03 0.46
N ILE A 200 17.58 24.41 1.34
CA ILE A 200 18.98 24.12 1.03
C ILE A 200 19.08 23.19 -0.17
N ALA A 201 18.26 22.14 -0.19
CA ALA A 201 18.30 21.15 -1.25
C ALA A 201 17.55 21.58 -2.50
N VAL A 202 17.17 22.84 -2.59
CA VAL A 202 16.48 23.35 -3.78
C VAL A 202 15.24 22.50 -4.06
N ASN A 203 14.39 22.33 -3.05
CA ASN A 203 13.13 21.63 -3.21
C ASN A 203 12.00 22.61 -2.89
N THR A 204 12.10 23.80 -3.46
CA THR A 204 11.19 24.90 -3.13
C THR A 204 9.75 24.63 -3.52
N TYR A 205 9.45 23.50 -4.14
CA TYR A 205 8.07 23.21 -4.52
C TYR A 205 7.19 23.15 -3.28
N GLY A 206 6.04 23.83 -3.35
CA GLY A 206 5.14 23.96 -2.22
C GLY A 206 5.17 25.31 -1.55
N PHE A 207 6.16 26.14 -1.84
CA PHE A 207 6.25 27.48 -1.29
C PHE A 207 7.19 28.30 -2.17
N HIS A 208 7.52 29.51 -1.73
CA HIS A 208 8.38 30.41 -2.48
C HIS A 208 9.43 31.01 -1.56
N ILE A 209 10.39 31.70 -2.17
CA ILE A 209 11.47 32.36 -1.44
C ILE A 209 11.49 33.83 -1.82
N GLY A 210 11.87 34.66 -0.85
CA GLY A 210 11.95 36.08 -1.10
C GLY A 210 13.02 36.44 -2.10
N LYS A 211 12.81 37.55 -2.80
CA LYS A 211 13.73 37.98 -3.84
C LYS A 211 15.01 38.57 -3.27
N GLU A 212 14.96 39.11 -2.05
CA GLU A 212 16.14 39.73 -1.45
C GLU A 212 17.15 38.70 -0.94
N SER A 213 16.77 37.43 -0.84
CA SER A 213 17.68 36.42 -0.32
C SER A 213 18.82 36.17 -1.30
N GLN A 214 20.04 36.08 -0.76
CA GLN A 214 21.22 35.79 -1.57
C GLN A 214 21.69 34.39 -1.22
N ILE A 215 21.58 33.46 -2.17
CA ILE A 215 21.97 32.07 -1.99
C ILE A 215 23.02 31.73 -3.01
N THR A 216 24.11 31.12 -2.57
CA THR A 216 25.19 30.71 -3.47
C THR A 216 25.75 29.38 -3.04
N TYR A 217 26.06 28.55 -4.04
CA TYR A 217 26.67 27.23 -3.87
C TYR A 217 28.05 27.31 -4.51
N ASP A 218 29.04 27.78 -3.76
CA ASP A 218 30.40 27.94 -4.26
C ASP A 218 30.41 28.76 -5.55
N GLY A 219 29.57 29.79 -5.60
CA GLY A 219 29.50 30.69 -6.74
C GLY A 219 28.37 30.40 -7.71
N LEU A 220 27.73 29.24 -7.61
CA LEU A 220 26.63 28.91 -8.51
C LEU A 220 25.36 29.62 -8.02
N SER A 221 24.23 29.25 -8.59
CA SER A 221 22.94 29.83 -8.26
C SER A 221 21.92 28.71 -8.13
N PRO A 222 20.83 28.94 -7.39
CA PRO A 222 19.82 27.87 -7.26
C PRO A 222 19.31 27.36 -8.59
N HIS A 223 19.13 28.25 -9.57
CA HIS A 223 18.67 27.81 -10.89
C HIS A 223 19.68 26.88 -11.54
N ASP A 224 20.97 27.20 -11.44
CA ASP A 224 21.98 26.34 -12.03
C ASP A 224 21.95 24.95 -11.41
N ILE A 225 21.84 24.88 -10.08
CA ILE A 225 21.79 23.58 -9.41
C ILE A 225 20.53 22.83 -9.80
N GLU A 226 19.43 23.55 -9.98
CA GLU A 226 18.17 22.90 -10.34
C GLU A 226 18.18 22.40 -11.77
N ARG A 227 18.95 23.03 -12.65
CA ARG A 227 18.94 22.72 -14.07
C ARG A 227 20.16 21.93 -14.53
N HIS A 228 21.36 22.44 -14.28
CA HIS A 228 22.57 21.82 -14.81
C HIS A 228 23.13 20.75 -13.89
N TYR A 229 23.46 21.12 -12.64
CA TYR A 229 24.18 20.26 -11.72
C TYR A 229 23.26 19.55 -10.74
N ARG A 230 22.04 19.23 -11.16
CA ARG A 230 21.16 18.44 -10.31
C ARG A 230 21.84 17.12 -9.98
N GLY A 231 21.62 16.65 -8.75
CA GLY A 231 22.30 15.48 -8.24
C GLY A 231 23.52 15.79 -7.40
N ASP A 232 24.00 17.04 -7.45
CA ASP A 232 25.04 17.48 -6.53
C ASP A 232 24.48 17.91 -5.19
N VAL A 233 23.15 18.08 -5.10
CA VAL A 233 22.46 18.32 -3.83
C VAL A 233 21.21 17.46 -3.82
N ILE A 234 21.02 16.70 -2.75
CA ILE A 234 19.95 15.72 -2.66
C ILE A 234 19.09 16.02 -1.44
N TYR A 235 18.03 15.23 -1.26
CA TYR A 235 17.15 15.36 -0.11
C TYR A 235 16.35 14.08 0.03
N SER A 236 16.49 13.41 1.18
CA SER A 236 15.73 12.20 1.47
C SER A 236 15.49 12.18 2.97
N ALA A 237 14.23 12.27 3.39
CA ALA A 237 13.92 12.66 4.76
C ALA A 237 13.73 11.49 5.71
N GLU A 238 12.67 10.69 5.54
CA GLU A 238 12.48 9.50 6.36
C GLU A 238 12.34 8.23 5.56
N THR A 239 11.50 8.24 4.53
CA THR A 239 11.17 7.01 3.80
C THR A 239 12.41 6.54 3.06
N ASP A 240 13.05 5.49 3.58
CA ASP A 240 14.19 4.88 2.92
C ASP A 240 13.66 3.85 1.94
N VAL A 241 13.55 4.24 0.67
CA VAL A 241 12.93 3.42 -0.35
C VAL A 241 14.02 2.66 -1.10
N HIS A 242 13.93 1.33 -1.08
CA HIS A 242 14.84 0.47 -1.81
C HIS A 242 14.05 -0.72 -2.32
N PHE A 243 14.59 -1.38 -3.33
CA PHE A 243 13.94 -2.59 -3.83
C PHE A 243 14.10 -3.69 -2.80
N PRO A 244 13.02 -4.18 -2.19
CA PRO A 244 13.19 -5.13 -1.08
C PRO A 244 13.94 -6.39 -1.44
N HIS A 245 13.81 -6.87 -2.68
CA HIS A 245 14.34 -8.16 -3.07
C HIS A 245 15.70 -8.09 -3.75
N LEU A 246 16.29 -6.90 -3.84
CA LEU A 246 17.61 -6.73 -4.44
C LEU A 246 18.68 -6.70 -3.36
N SER A 247 19.75 -7.47 -3.58
CA SER A 247 20.82 -7.55 -2.60
C SER A 247 21.55 -6.21 -2.48
N VAL A 248 22.11 -5.97 -1.29
CA VAL A 248 22.82 -4.72 -1.05
C VAL A 248 23.96 -4.57 -2.04
N GLY A 249 24.71 -5.64 -2.30
CA GLY A 249 25.78 -5.55 -3.26
C GLY A 249 25.30 -5.09 -4.61
N ASP A 250 24.20 -5.68 -5.10
CA ASP A 250 23.65 -5.26 -6.39
C ASP A 250 23.13 -3.83 -6.34
N THR A 251 22.49 -3.45 -5.24
CA THR A 251 21.94 -2.10 -5.14
C THR A 251 23.06 -1.05 -5.22
N LEU A 252 24.18 -1.30 -4.55
CA LEU A 252 25.28 -0.35 -4.61
C LEU A 252 26.01 -0.42 -5.95
N GLU A 253 26.18 -1.63 -6.50
CA GLU A 253 26.82 -1.76 -7.80
C GLU A 253 26.04 -1.03 -8.88
N PHE A 254 24.71 -1.00 -8.77
CA PHE A 254 23.91 -0.29 -9.76
C PHE A 254 24.33 1.18 -9.84
N ALA A 255 24.35 1.87 -8.70
CA ALA A 255 24.79 3.26 -8.70
C ALA A 255 26.24 3.38 -9.13
N ALA A 256 27.10 2.47 -8.67
CA ALA A 256 28.51 2.55 -9.02
C ALA A 256 28.68 2.54 -10.54
N ARG A 257 28.01 1.60 -11.22
CA ARG A 257 28.17 1.50 -12.67
C ARG A 257 27.46 2.65 -13.38
N LEU A 258 26.31 3.08 -12.88
CA LEU A 258 25.59 4.17 -13.54
C LEU A 258 26.28 5.51 -13.37
N ARG A 259 27.22 5.64 -12.43
CA ARG A 259 27.94 6.89 -12.24
C ARG A 259 29.34 6.88 -12.82
N THR A 260 29.81 5.76 -13.36
CA THR A 260 31.16 5.70 -13.92
C THR A 260 31.23 6.45 -15.24
N PRO A 261 32.12 7.42 -15.42
CA PRO A 261 32.23 8.09 -16.71
C PRO A 261 32.90 7.20 -17.74
N GLN A 262 32.65 7.50 -19.01
CA GLN A 262 33.20 6.72 -20.11
C GLN A 262 34.48 7.36 -20.67
N ASN A 263 34.35 8.58 -21.20
CA ASN A 263 35.45 9.29 -21.83
C ASN A 263 36.33 8.33 -22.64
N ARG A 264 37.53 8.02 -22.14
CA ARG A 264 38.41 7.03 -22.75
C ARG A 264 38.73 5.99 -21.68
N GLY A 265 38.16 4.81 -21.82
CA GLY A 265 38.35 3.74 -20.85
C GLY A 265 39.60 2.93 -21.02
N GLU A 266 40.46 3.27 -21.98
CA GLU A 266 41.68 2.51 -22.20
C GLU A 266 42.52 2.48 -20.93
N GLY A 267 42.96 1.27 -20.56
CA GLY A 267 43.79 1.10 -19.38
C GLY A 267 43.06 0.47 -18.21
N ILE A 268 41.79 0.82 -18.03
CA ILE A 268 40.99 0.34 -16.91
C ILE A 268 39.69 -0.23 -17.44
N ASP A 269 39.30 -1.39 -16.92
CA ASP A 269 38.02 -2.00 -17.27
C ASP A 269 36.93 -1.41 -16.39
N ARG A 270 35.86 -0.93 -17.02
CA ARG A 270 34.84 -0.19 -16.29
C ARG A 270 34.17 -1.07 -15.24
N GLU A 271 33.87 -2.32 -15.57
CA GLU A 271 33.15 -3.19 -14.64
C GLU A 271 33.98 -3.43 -13.37
N THR A 272 35.27 -3.69 -13.53
CA THR A 272 36.13 -3.89 -12.37
C THR A 272 36.19 -2.63 -11.52
N TYR A 273 36.26 -1.46 -12.17
CA TYR A 273 36.28 -0.20 -11.44
C TYR A 273 35.00 -0.02 -10.64
N ALA A 274 33.85 -0.32 -11.25
CA ALA A 274 32.58 -0.19 -10.53
C ALA A 274 32.51 -1.15 -9.35
N LYS A 275 32.96 -2.40 -9.54
CA LYS A 275 32.97 -3.35 -8.43
C LYS A 275 33.88 -2.87 -7.31
N HIS A 276 35.05 -2.34 -7.67
CA HIS A 276 35.98 -1.84 -6.66
C HIS A 276 35.37 -0.68 -5.89
N MET A 277 34.70 0.24 -6.59
CA MET A 277 34.06 1.35 -5.90
C MET A 277 32.96 0.87 -4.96
N ALA A 278 32.13 -0.07 -5.42
CA ALA A 278 31.08 -0.59 -4.56
C ALA A 278 31.66 -1.22 -3.31
N SER A 279 32.70 -2.05 -3.47
CA SER A 279 33.29 -2.70 -2.32
C SER A 279 33.95 -1.69 -1.38
N VAL A 280 34.64 -0.70 -1.93
CA VAL A 280 35.32 0.28 -1.10
C VAL A 280 34.33 1.09 -0.29
N TYR A 281 33.23 1.52 -0.92
CA TYR A 281 32.24 2.30 -0.18
C TYR A 281 31.44 1.45 0.78
N MET A 282 31.29 0.15 0.49
CA MET A 282 30.69 -0.74 1.48
C MET A 282 31.58 -0.86 2.71
N ALA A 283 32.89 -1.03 2.50
CA ALA A 283 33.81 -1.13 3.62
C ALA A 283 33.87 0.18 4.41
N THR A 284 33.83 1.31 3.72
CA THR A 284 33.91 2.60 4.39
C THR A 284 32.76 2.78 5.37
N TYR A 285 31.56 2.38 4.97
CA TYR A 285 30.37 2.53 5.80
C TYR A 285 30.02 1.26 6.57
N GLY A 286 30.92 0.28 6.60
CA GLY A 286 30.72 -0.89 7.42
C GLY A 286 29.53 -1.74 7.02
N LEU A 287 29.38 -2.00 5.72
CA LEU A 287 28.34 -2.88 5.21
C LEU A 287 28.91 -4.15 4.59
N SER A 288 30.18 -4.46 4.86
CA SER A 288 30.83 -5.57 4.18
C SER A 288 30.12 -6.89 4.47
N HIS A 289 29.80 -7.14 5.74
CA HIS A 289 29.11 -8.38 6.08
C HIS A 289 27.73 -8.45 5.45
N THR A 290 27.12 -7.31 5.15
CA THR A 290 25.76 -7.28 4.61
C THR A 290 25.69 -7.68 3.15
N ARG A 291 26.83 -7.76 2.45
CA ARG A 291 26.86 -8.12 1.05
C ARG A 291 26.02 -9.35 0.78
N ASN A 292 25.50 -9.47 -0.44
CA ASN A 292 24.64 -10.58 -0.86
C ASN A 292 23.59 -10.88 0.20
N THR A 293 22.89 -9.83 0.63
CA THR A 293 21.77 -9.94 1.55
C THR A 293 20.69 -8.98 1.13
N ASN A 294 19.44 -9.42 1.20
CA ASN A 294 18.32 -8.59 0.75
C ASN A 294 18.26 -7.30 1.55
N VAL A 295 18.11 -6.18 0.85
CA VAL A 295 17.92 -4.90 1.53
C VAL A 295 16.63 -4.93 2.33
N GLY A 296 15.56 -5.43 1.72
CA GLY A 296 14.30 -5.58 2.42
C GLY A 296 13.63 -4.25 2.70
N ASN A 297 12.47 -4.35 3.35
CA ASN A 297 11.66 -3.21 3.72
C ASN A 297 11.15 -3.45 5.13
N ASP A 298 10.36 -2.51 5.65
CA ASP A 298 9.78 -2.70 6.97
C ASP A 298 8.96 -3.99 7.05
N PHE A 299 8.44 -4.47 5.92
CA PHE A 299 7.68 -5.72 5.89
C PHE A 299 8.59 -6.90 5.57
N VAL A 300 9.27 -6.85 4.43
CA VAL A 300 10.13 -7.96 4.02
C VAL A 300 11.35 -8.01 4.91
N ARG A 301 11.68 -9.20 5.39
CA ARG A 301 12.87 -9.37 6.21
C ARG A 301 14.13 -9.20 5.39
N GLY A 302 15.18 -8.71 6.03
CA GLY A 302 16.45 -8.47 5.36
C GLY A 302 17.50 -7.95 6.32
N VAL A 303 18.24 -6.92 5.90
CA VAL A 303 19.23 -6.32 6.79
C VAL A 303 18.54 -5.60 7.93
N SER A 304 19.30 -5.34 8.98
CA SER A 304 18.74 -4.70 10.18
C SER A 304 18.26 -3.30 9.85
N GLY A 305 17.24 -2.86 10.60
CA GLY A 305 16.69 -1.53 10.38
C GLY A 305 17.72 -0.43 10.53
N GLY A 306 18.75 -0.66 11.33
CA GLY A 306 19.81 0.33 11.48
C GLY A 306 20.83 0.31 10.35
N GLU A 307 20.81 -0.73 9.51
CA GLU A 307 21.72 -0.82 8.39
C GLU A 307 21.12 -0.32 7.09
N ARG A 308 19.79 -0.26 6.99
CA ARG A 308 19.17 0.30 5.80
C ARG A 308 19.51 1.78 5.65
N LYS A 309 19.56 2.52 6.77
CA LYS A 309 19.95 3.92 6.70
C LYS A 309 21.38 4.07 6.20
N ARG A 310 22.29 3.21 6.68
CA ARG A 310 23.66 3.28 6.19
C ARG A 310 23.75 2.89 4.73
N VAL A 311 22.92 1.95 4.29
CA VAL A 311 22.89 1.61 2.87
C VAL A 311 22.43 2.80 2.04
N SER A 312 21.41 3.51 2.53
CA SER A 312 20.95 4.71 1.81
C SER A 312 22.04 5.76 1.77
N ILE A 313 22.77 5.96 2.87
CA ILE A 313 23.87 6.91 2.87
C ILE A 313 24.93 6.50 1.87
N ALA A 314 25.27 5.21 1.83
CA ALA A 314 26.29 4.74 0.91
C ALA A 314 25.85 4.94 -0.53
N GLU A 315 24.59 4.65 -0.84
CA GLU A 315 24.10 4.87 -2.21
C GLU A 315 24.14 6.36 -2.56
N ALA A 316 23.69 7.22 -1.65
CA ALA A 316 23.68 8.65 -1.94
C ALA A 316 25.09 9.18 -2.16
N SER A 317 26.04 8.77 -1.31
CA SER A 317 27.39 9.28 -1.45
C SER A 317 28.10 8.65 -2.64
N LEU A 318 27.68 7.46 -3.06
CA LEU A 318 28.28 6.79 -4.21
C LEU A 318 27.85 7.41 -5.53
N SER A 319 26.69 8.05 -5.57
CA SER A 319 26.21 8.73 -6.77
C SER A 319 26.73 10.16 -6.86
N GLY A 320 27.79 10.48 -6.12
CA GLY A 320 28.40 11.81 -6.21
C GLY A 320 27.52 12.94 -5.72
N ALA A 321 26.80 12.75 -4.62
CA ALA A 321 26.01 13.82 -4.02
C ALA A 321 26.89 14.59 -3.05
N ASN A 322 26.99 15.91 -3.25
CA ASN A 322 27.90 16.73 -2.46
C ASN A 322 27.23 17.28 -1.20
N ILE A 323 26.12 17.98 -1.34
CA ILE A 323 25.36 18.51 -0.22
C ILE A 323 24.19 17.57 0.02
N GLN A 324 24.21 16.88 1.15
CA GLN A 324 23.14 15.97 1.54
C GLN A 324 22.34 16.57 2.68
N CYS A 325 21.03 16.42 2.64
CA CYS A 325 20.14 16.94 3.67
C CYS A 325 19.20 15.84 4.13
N TRP A 326 19.19 15.58 5.43
CA TRP A 326 18.31 14.60 6.04
C TRP A 326 17.54 15.23 7.18
N ASP A 327 16.29 14.83 7.35
CA ASP A 327 15.48 15.27 8.48
C ASP A 327 14.73 14.08 9.08
N ASN A 328 14.81 13.96 10.40
CA ASN A 328 14.21 12.84 11.13
C ASN A 328 14.61 11.50 10.51
N ALA A 329 15.82 11.45 9.94
CA ALA A 329 16.30 10.19 9.38
C ALA A 329 16.48 9.14 10.46
N THR A 330 16.74 9.56 11.69
CA THR A 330 16.93 8.65 12.81
C THR A 330 15.64 8.43 13.60
N ARG A 331 14.51 8.93 13.12
CA ARG A 331 13.25 8.74 13.82
C ARG A 331 12.93 7.26 13.96
N GLY A 332 12.41 6.90 15.12
CA GLY A 332 12.07 5.50 15.37
C GLY A 332 13.28 4.60 15.49
N LEU A 333 14.42 5.13 15.89
CA LEU A 333 15.65 4.35 16.01
C LEU A 333 16.28 4.63 17.37
N ASP A 334 16.80 3.57 17.99
CA ASP A 334 17.36 3.71 19.32
C ASP A 334 18.68 4.50 19.27
N SER A 335 19.10 4.97 20.45
CA SER A 335 20.30 5.80 20.52
C SER A 335 21.53 5.05 20.04
N ALA A 336 21.66 3.78 20.40
CA ALA A 336 22.83 3.00 19.99
C ALA A 336 22.97 2.92 18.48
N THR A 337 21.89 3.12 17.74
CA THR A 337 21.93 3.09 16.28
C THR A 337 21.89 4.48 15.67
N ALA A 338 21.20 5.44 16.29
CA ALA A 338 21.30 6.82 15.84
C ALA A 338 22.74 7.30 15.93
N LEU A 339 23.46 6.87 16.96
CA LEU A 339 24.88 7.19 17.06
C LEU A 339 25.66 6.64 15.87
N GLU A 340 25.36 5.39 15.47
CA GLU A 340 26.04 4.81 14.33
C GLU A 340 25.73 5.59 13.05
N PHE A 341 24.47 5.98 12.87
CA PHE A 341 24.09 6.77 11.69
C PHE A 341 24.84 8.09 11.66
N ILE A 342 24.89 8.77 12.81
CA ILE A 342 25.61 10.05 12.88
C ILE A 342 27.09 9.84 12.60
N ARG A 343 27.66 8.75 13.11
CA ARG A 343 29.07 8.48 12.88
C ARG A 343 29.34 8.22 11.40
N ALA A 344 28.45 7.49 10.73
CA ALA A 344 28.60 7.28 9.29
C ALA A 344 28.56 8.60 8.54
N LEU A 345 27.62 9.48 8.93
CA LEU A 345 27.59 10.81 8.31
C LEU A 345 28.90 11.55 8.54
N LYS A 346 29.45 11.45 9.74
CA LYS A 346 30.70 12.14 10.06
C LYS A 346 31.85 11.60 9.22
N THR A 347 31.94 10.28 9.06
CA THR A 347 33.01 9.72 8.23
C THR A 347 32.85 10.16 6.78
N SER A 348 31.61 10.18 6.28
CA SER A 348 31.38 10.66 4.92
C SER A 348 31.84 12.11 4.79
N ALA A 349 31.55 12.94 5.79
CA ALA A 349 31.97 14.33 5.74
C ALA A 349 33.49 14.48 5.78
N VAL A 350 34.16 13.66 6.60
CA VAL A 350 35.59 13.86 6.84
C VAL A 350 36.48 13.16 5.82
N ILE A 351 35.96 12.19 5.07
CA ILE A 351 36.77 11.46 4.11
C ILE A 351 36.45 11.96 2.71
N LEU A 352 35.19 11.84 2.28
CA LEU A 352 34.80 12.26 0.95
C LEU A 352 34.58 13.76 0.84
N ASP A 353 34.67 14.50 1.95
CA ASP A 353 34.55 15.96 1.95
C ASP A 353 33.18 16.40 1.42
N THR A 354 32.14 15.66 1.80
CA THR A 354 30.79 16.07 1.49
C THR A 354 30.30 17.07 2.53
N THR A 355 29.11 17.62 2.29
CA THR A 355 28.49 18.58 3.22
C THR A 355 27.16 17.99 3.70
N PRO A 356 27.13 17.36 4.87
CA PRO A 356 25.87 16.84 5.40
C PRO A 356 25.18 17.80 6.35
N LEU A 357 23.86 17.90 6.20
CA LEU A 357 22.97 18.61 7.10
C LEU A 357 21.97 17.61 7.64
N ILE A 358 21.74 17.60 8.94
CA ILE A 358 20.85 16.65 9.57
C ILE A 358 19.98 17.37 10.58
N ALA A 359 18.67 17.06 10.56
CA ALA A 359 17.71 17.60 11.51
C ALA A 359 17.24 16.48 12.42
N ILE A 360 17.42 16.66 13.72
CA ILE A 360 17.06 15.66 14.72
C ILE A 360 16.39 16.34 15.90
N TYR A 361 15.68 15.54 16.68
CA TYR A 361 15.03 16.00 17.91
C TYR A 361 15.56 15.29 19.15
N GLN A 362 15.68 13.96 19.11
CA GLN A 362 16.18 13.19 20.24
C GLN A 362 17.64 12.86 19.97
N CYS A 363 18.53 13.63 20.59
CA CYS A 363 19.97 13.47 20.42
C CYS A 363 20.64 13.22 21.76
N SER A 364 21.56 12.28 21.79
CA SER A 364 22.38 12.02 22.97
C SER A 364 23.59 12.95 22.99
N GLN A 365 24.17 13.11 24.17
CA GLN A 365 25.34 13.97 24.31
C GLN A 365 26.50 13.45 23.46
N ASP A 366 26.73 12.13 23.49
CA ASP A 366 27.82 11.58 22.70
C ASP A 366 27.59 11.81 21.21
N ALA A 367 26.36 11.60 20.75
CA ALA A 367 26.05 11.87 19.35
C ALA A 367 26.24 13.34 19.01
N TYR A 368 25.82 14.23 19.91
CA TYR A 368 25.99 15.66 19.68
C TYR A 368 27.46 16.04 19.60
N ASP A 369 28.32 15.32 20.32
CA ASP A 369 29.74 15.69 20.34
C ASP A 369 30.38 15.57 18.96
N LEU A 370 29.76 14.86 18.02
CA LEU A 370 30.33 14.69 16.70
C LEU A 370 30.02 15.84 15.76
N PHE A 371 29.08 16.72 16.11
CA PHE A 371 28.67 17.78 15.21
C PHE A 371 29.69 18.92 15.21
N ASP A 372 29.61 19.75 14.18
CA ASP A 372 30.52 20.88 13.98
C ASP A 372 29.80 22.21 14.04
N LYS A 373 28.68 22.35 13.34
CA LYS A 373 27.90 23.58 13.32
C LYS A 373 26.45 23.26 13.66
N VAL A 374 25.83 24.10 14.47
CA VAL A 374 24.46 23.90 14.93
C VAL A 374 23.66 25.16 14.66
N VAL A 375 22.46 24.99 14.12
CA VAL A 375 21.54 26.10 13.85
C VAL A 375 20.27 25.86 14.64
N VAL A 376 19.90 26.81 15.49
CA VAL A 376 18.77 26.67 16.42
C VAL A 376 17.62 27.52 15.92
N LEU A 377 16.44 26.91 15.82
CA LEU A 377 15.24 27.56 15.31
C LEU A 377 14.19 27.66 16.41
N TYR A 378 13.46 28.77 16.41
CA TYR A 378 12.41 29.04 17.40
C TYR A 378 11.27 29.72 16.66
N GLU A 379 10.21 28.96 16.38
CA GLU A 379 9.05 29.47 15.65
C GLU A 379 9.48 30.14 14.35
N GLY A 380 10.39 29.49 13.63
CA GLY A 380 10.86 30.00 12.36
C GLY A 380 11.89 31.11 12.46
N TYR A 381 12.34 31.45 13.66
CA TYR A 381 13.35 32.48 13.86
C TYR A 381 14.67 31.80 14.20
N GLN A 382 15.71 32.10 13.42
CA GLN A 382 17.03 31.54 13.69
C GLN A 382 17.67 32.32 14.84
N ILE A 383 17.97 31.62 15.94
CA ILE A 383 18.45 32.30 17.13
C ILE A 383 19.94 32.13 17.38
N PHE A 384 20.58 31.15 16.75
CA PHE A 384 22.02 30.98 16.92
C PHE A 384 22.58 30.14 15.78
N PHE A 385 23.84 30.39 15.46
CA PHE A 385 24.56 29.60 14.46
C PHE A 385 26.05 29.73 14.72
N GLY A 386 26.72 28.60 14.89
CA GLY A 386 28.14 28.61 15.15
C GLY A 386 28.62 27.24 15.57
N LYS A 387 29.84 27.20 16.08
CA LYS A 387 30.43 25.94 16.54
C LYS A 387 29.54 25.30 17.59
N ALA A 388 29.38 23.97 17.48
CA ALA A 388 28.49 23.26 18.40
C ALA A 388 28.93 23.42 19.84
N THR A 389 30.22 23.58 20.09
CA THR A 389 30.70 23.66 21.46
C THR A 389 30.38 25.00 22.10
N LYS A 390 30.31 26.07 21.29
CA LYS A 390 30.14 27.40 21.85
C LYS A 390 28.68 27.77 22.08
N ALA A 391 27.74 26.96 21.58
CA ALA A 391 26.32 27.29 21.74
C ALA A 391 25.92 27.30 23.21
N LYS A 392 26.37 26.30 23.96
CA LYS A 392 26.04 26.23 25.37
C LYS A 392 26.59 27.42 26.13
N GLU A 393 27.84 27.79 25.84
CA GLU A 393 28.45 28.95 26.49
C GLU A 393 27.69 30.22 26.14
N TYR A 394 27.30 30.36 24.88
CA TYR A 394 26.58 31.55 24.45
C TYR A 394 25.23 31.68 25.16
N PHE A 395 24.49 30.58 25.24
CA PHE A 395 23.18 30.64 25.89
C PHE A 395 23.30 30.68 27.41
N GLU A 396 24.45 30.30 27.95
CA GLU A 396 24.70 30.54 29.37
C GLU A 396 24.98 32.02 29.63
N LYS A 397 25.75 32.65 28.73
CA LYS A 397 25.92 34.09 28.79
C LYS A 397 24.59 34.81 28.63
N MET A 398 23.67 34.22 27.85
CA MET A 398 22.34 34.82 27.69
C MET A 398 21.72 35.10 29.06
N GLY A 399 21.71 34.11 29.94
CA GLY A 399 21.12 34.27 31.25
C GLY A 399 20.29 33.08 31.70
N TRP A 400 20.25 32.02 30.91
CA TRP A 400 19.50 30.82 31.27
C TRP A 400 20.37 29.84 32.05
N LYS A 401 19.72 28.90 32.72
CA LYS A 401 20.38 27.88 33.50
C LYS A 401 20.14 26.52 32.85
N CYS A 402 21.21 25.73 32.72
CA CYS A 402 21.08 24.35 32.26
C CYS A 402 20.99 23.45 33.48
N PRO A 403 19.91 22.67 33.64
CA PRO A 403 19.85 21.76 34.79
C PRO A 403 20.89 20.66 34.66
N GLN A 404 21.35 20.17 35.80
CA GLN A 404 22.34 19.11 35.81
C GLN A 404 21.76 17.84 35.18
N ARG A 405 22.63 17.05 34.56
CA ARG A 405 22.23 15.81 33.91
C ARG A 405 21.29 16.08 32.73
N GLN A 406 21.56 17.15 31.98
CA GLN A 406 20.79 17.50 30.80
C GLN A 406 21.72 17.61 29.61
N THR A 407 21.42 16.87 28.55
CA THR A 407 22.25 16.91 27.34
C THR A 407 22.14 18.27 26.68
N THR A 408 23.22 18.68 26.01
CA THR A 408 23.25 20.01 25.41
C THR A 408 22.19 20.17 24.34
N ALA A 409 21.98 19.14 23.52
CA ALA A 409 20.93 19.21 22.51
C ALA A 409 19.56 19.36 23.15
N ASP A 410 19.31 18.61 24.22
CA ASP A 410 18.03 18.74 24.92
C ASP A 410 17.88 20.13 25.51
N PHE A 411 18.96 20.68 26.08
CA PHE A 411 18.91 22.04 26.62
C PHE A 411 18.57 23.04 25.53
N LEU A 412 19.23 22.93 24.37
CA LEU A 412 18.97 23.86 23.28
C LEU A 412 17.53 23.75 22.80
N THR A 413 17.01 22.53 22.68
CA THR A 413 15.63 22.37 22.24
C THR A 413 14.66 22.95 23.28
N SER A 414 14.84 22.60 24.55
CA SER A 414 13.93 23.07 25.60
C SER A 414 14.03 24.57 25.80
N LEU A 415 15.12 25.20 25.38
CA LEU A 415 15.22 26.65 25.49
C LEU A 415 14.12 27.38 24.74
N THR A 416 13.34 26.69 23.91
CA THR A 416 12.27 27.30 23.14
C THR A 416 10.89 26.94 23.68
N ASN A 417 10.80 26.31 24.85
CA ASN A 417 9.54 25.92 25.44
C ASN A 417 9.20 26.84 26.61
N PRO A 418 8.11 27.61 26.56
CA PRO A 418 7.83 28.54 27.66
C PRO A 418 7.74 27.87 29.02
N ALA A 419 7.21 26.65 29.10
CA ALA A 419 7.14 25.96 30.39
C ALA A 419 8.53 25.70 30.95
N GLU A 420 9.45 25.27 30.09
CA GLU A 420 10.83 25.00 30.49
C GLU A 420 11.63 26.29 30.55
N ARG A 421 12.96 26.17 30.55
CA ARG A 421 13.88 27.30 30.44
C ARG A 421 13.68 28.29 31.60
N GLU A 422 13.99 27.81 32.79
CA GLU A 422 13.99 28.67 33.98
C GLU A 422 15.23 29.57 33.96
N PRO A 423 15.09 30.90 33.93
CA PRO A 423 16.28 31.77 33.94
C PRO A 423 17.20 31.50 35.11
N LEU A 424 18.44 31.99 35.01
CA LEU A 424 19.37 31.93 36.12
C LEU A 424 18.97 32.93 37.20
N PRO A 425 19.45 32.75 38.43
CA PRO A 425 19.21 33.75 39.46
C PRO A 425 19.82 35.09 39.10
N GLY A 426 19.03 36.15 39.24
CA GLY A 426 19.49 37.49 38.94
C GLY A 426 19.35 37.90 37.48
N TYR A 427 19.09 36.96 36.58
CA TYR A 427 18.92 37.26 35.17
C TYR A 427 17.46 37.24 34.73
N GLU A 428 16.53 37.08 35.67
CA GLU A 428 15.12 37.01 35.30
C GLU A 428 14.62 38.31 34.71
N ASP A 429 15.08 39.44 35.25
CA ASP A 429 14.58 40.73 34.77
C ASP A 429 14.93 40.96 33.30
N LYS A 430 16.15 40.62 32.90
CA LYS A 430 16.63 40.85 31.54
C LYS A 430 16.95 39.51 30.89
N VAL A 431 15.99 39.00 30.13
CA VAL A 431 16.18 37.74 29.40
C VAL A 431 15.09 37.63 28.34
N PRO A 432 15.41 37.25 27.10
CA PRO A 432 14.36 37.14 26.08
C PRO A 432 13.31 36.11 26.47
N ARG A 433 12.07 36.38 26.06
CA ARG A 433 10.95 35.49 26.32
C ARG A 433 10.19 35.08 25.07
N THR A 434 10.22 35.90 24.02
CA THR A 434 9.58 35.58 22.75
C THR A 434 10.61 35.56 21.64
N ALA A 435 10.24 34.93 20.52
CA ALA A 435 11.18 34.74 19.43
C ALA A 435 11.75 36.07 18.94
N GLN A 436 10.93 37.12 18.95
CA GLN A 436 11.40 38.41 18.46
C GLN A 436 12.57 38.92 19.29
N GLU A 437 12.49 38.82 20.62
CA GLU A 437 13.59 39.25 21.47
C GLU A 437 14.83 38.40 21.23
N PHE A 438 14.66 37.09 21.07
CA PHE A 438 15.79 36.21 20.81
C PHE A 438 16.50 36.64 19.53
N GLU A 439 15.74 36.87 18.45
CA GLU A 439 16.36 37.26 17.19
C GLU A 439 17.01 38.63 17.30
N THR A 440 16.38 39.56 18.02
CA THR A 440 16.98 40.88 18.17
C THR A 440 18.34 40.78 18.85
N TYR A 441 18.42 40.00 19.94
CA TYR A 441 19.71 39.83 20.59
C TYR A 441 20.70 39.15 19.67
N TRP A 442 20.29 38.05 19.03
CA TRP A 442 21.18 37.34 18.13
C TRP A 442 21.77 38.27 17.09
N LYS A 443 20.93 39.13 16.49
CA LYS A 443 21.42 40.11 15.54
C LYS A 443 22.38 41.08 16.20
N ASN A 444 22.06 41.55 17.40
CA ASN A 444 22.90 42.52 18.08
C ASN A 444 24.22 41.93 18.56
N SER A 445 24.28 40.61 18.75
CA SER A 445 25.46 40.00 19.33
C SER A 445 26.66 40.12 18.39
N PRO A 446 27.89 40.15 18.94
CA PRO A 446 29.07 40.19 18.07
C PRO A 446 29.22 38.96 17.20
N GLU A 447 28.68 37.82 17.64
CA GLU A 447 28.75 36.62 16.82
C GLU A 447 28.08 36.83 15.47
N TYR A 448 26.97 37.56 15.45
CA TYR A 448 26.32 37.88 14.18
C TYR A 448 27.22 38.74 13.31
N ALA A 449 27.93 39.69 13.91
CA ALA A 449 28.85 40.52 13.14
C ALA A 449 29.95 39.68 12.51
N GLU A 450 30.53 38.76 13.29
CA GLU A 450 31.57 37.88 12.75
C GLU A 450 31.02 37.01 11.64
N LEU A 451 29.81 36.47 11.82
CA LEU A 451 29.19 35.63 10.80
C LEU A 451 28.95 36.43 9.52
N THR A 452 28.47 37.67 9.65
CA THR A 452 28.23 38.49 8.47
C THR A 452 29.53 38.81 7.75
N LYS A 453 30.60 39.11 8.51
CA LYS A 453 31.88 39.36 7.87
C LYS A 453 32.36 38.14 7.11
N GLU A 454 32.25 36.96 7.72
CA GLU A 454 32.68 35.74 7.04
C GLU A 454 31.86 35.47 5.79
N ILE A 455 30.54 35.67 5.88
CA ILE A 455 29.67 35.43 4.73
C ILE A 455 30.00 36.41 3.60
N ASP A 456 30.25 37.67 3.94
CA ASP A 456 30.61 38.66 2.92
C ASP A 456 31.93 38.30 2.26
N GLU A 457 32.91 37.87 3.05
CA GLU A 457 34.18 37.44 2.47
C GLU A 457 33.98 36.24 1.54
N TYR A 458 33.14 35.28 1.96
CA TYR A 458 32.87 34.12 1.12
C TYR A 458 32.20 34.52 -0.17
N PHE A 459 31.23 35.44 -0.11
CA PHE A 459 30.56 35.90 -1.32
C PHE A 459 31.54 36.59 -2.26
N VAL A 460 32.41 37.44 -1.71
CA VAL A 460 33.40 38.12 -2.54
C VAL A 460 34.30 37.11 -3.21
N GLU A 461 34.78 36.11 -2.45
CA GLU A 461 35.66 35.10 -3.03
C GLU A 461 34.96 34.32 -4.13
N CYS A 462 33.70 33.93 -3.91
CA CYS A 462 32.97 33.19 -4.92
C CYS A 462 32.76 34.02 -6.18
N GLU A 463 32.40 35.29 -6.01
CA GLU A 463 32.18 36.15 -7.17
C GLU A 463 33.48 36.36 -7.95
N ARG A 464 34.60 36.50 -7.24
CA ARG A 464 35.88 36.72 -7.91
C ARG A 464 36.18 35.58 -8.89
N SER A 465 35.97 34.34 -8.47
CA SER A 465 36.22 33.19 -9.33
C SER A 465 35.02 32.91 -10.22
N PRO A 485 27.85 21.27 -18.72
CA PRO A 485 27.10 20.02 -18.88
C PRO A 485 25.62 20.24 -19.15
N ALA A 486 25.22 20.05 -20.40
CA ALA A 486 23.80 20.15 -20.74
C ALA A 486 22.99 19.06 -20.05
N SER A 487 23.54 17.85 -19.99
CA SER A 487 22.84 16.71 -19.40
C SER A 487 23.38 16.44 -18.01
N PRO A 488 22.57 16.54 -16.95
CA PRO A 488 23.09 16.20 -15.62
C PRO A 488 23.55 14.76 -15.49
N TYR A 489 22.99 13.86 -16.29
CA TYR A 489 23.36 12.45 -16.20
C TYR A 489 24.75 12.23 -16.79
N THR A 490 25.34 11.08 -16.44
CA THR A 490 26.71 10.78 -16.84
C THR A 490 26.75 9.89 -18.09
N VAL A 491 26.10 8.74 -18.04
CA VAL A 491 26.13 7.80 -19.15
C VAL A 491 25.02 8.15 -20.15
N SER A 492 25.20 7.71 -21.39
CA SER A 492 24.27 8.01 -22.45
C SER A 492 22.99 7.16 -22.31
N PHE A 493 22.00 7.47 -23.13
CA PHE A 493 20.68 6.86 -22.97
C PHE A 493 20.73 5.34 -23.14
N PHE A 494 21.46 4.86 -24.15
CA PHE A 494 21.44 3.43 -24.44
C PHE A 494 21.93 2.63 -23.24
N MET A 495 22.99 3.08 -22.58
CA MET A 495 23.51 2.32 -21.45
C MET A 495 22.62 2.50 -20.22
N GLN A 496 21.92 3.62 -20.11
CA GLN A 496 20.90 3.71 -19.07
C GLN A 496 19.84 2.64 -19.26
N VAL A 497 19.40 2.45 -20.51
CA VAL A 497 18.41 1.41 -20.79
C VAL A 497 18.98 0.04 -20.50
N ARG A 498 20.23 -0.20 -20.89
CA ARG A 498 20.85 -1.50 -20.68
C ARG A 498 20.94 -1.83 -19.19
N TYR A 499 21.37 -0.87 -18.38
CA TYR A 499 21.48 -1.11 -16.94
C TYR A 499 20.10 -1.26 -16.30
N GLY A 500 19.12 -0.52 -16.79
CA GLY A 500 17.76 -0.74 -16.32
C GLY A 500 17.28 -2.14 -16.60
N VAL A 501 17.57 -2.65 -17.80
CA VAL A 501 17.17 -4.01 -18.15
C VAL A 501 17.88 -5.02 -17.24
N ALA A 502 19.17 -4.81 -17.01
CA ALA A 502 19.92 -5.73 -16.16
C ALA A 502 19.34 -5.74 -14.74
N ARG A 503 19.04 -4.56 -14.19
CA ARG A 503 18.46 -4.51 -12.85
C ARG A 503 17.09 -5.15 -12.82
N ASN A 504 16.30 -4.97 -13.88
CA ASN A 504 14.99 -5.61 -13.94
C ASN A 504 15.13 -7.13 -13.93
N PHE A 505 16.08 -7.66 -14.69
CA PHE A 505 16.30 -9.11 -14.69
C PHE A 505 16.76 -9.58 -13.32
N LEU A 506 17.64 -8.83 -12.66
CA LEU A 506 18.07 -9.21 -11.32
C LEU A 506 16.89 -9.23 -10.35
N ARG A 507 16.02 -8.22 -10.42
CA ARG A 507 14.86 -8.19 -9.55
C ARG A 507 13.92 -9.36 -9.83
N MET A 508 13.72 -9.69 -11.11
CA MET A 508 12.86 -10.82 -11.45
C MET A 508 13.44 -12.13 -10.92
N LYS A 509 14.74 -12.34 -11.10
CA LYS A 509 15.37 -13.54 -10.59
C LYS A 509 15.33 -13.59 -9.06
N GLY A 510 15.35 -12.42 -8.42
CA GLY A 510 15.32 -12.39 -6.97
C GLY A 510 13.98 -12.82 -6.39
N ASP A 511 12.91 -12.69 -7.19
CA ASP A 511 11.55 -13.04 -6.76
C ASP A 511 10.77 -13.54 -7.96
N PRO A 512 10.86 -14.84 -8.27
CA PRO A 512 10.13 -15.40 -9.41
C PRO A 512 8.71 -15.79 -9.04
N SER A 513 7.92 -14.80 -8.60
CA SER A 513 6.54 -15.01 -8.21
C SER A 513 5.58 -14.50 -9.26
N ILE A 514 5.63 -13.21 -9.60
CA ILE A 514 4.74 -12.68 -10.63
C ILE A 514 4.92 -13.39 -11.95
N PRO A 515 6.13 -13.59 -12.47
CA PRO A 515 6.26 -14.24 -13.79
C PRO A 515 5.77 -15.67 -13.79
N ILE A 516 6.24 -16.50 -12.85
CA ILE A 516 5.86 -17.91 -12.85
C ILE A 516 4.36 -18.05 -12.62
N PHE A 517 3.83 -17.34 -11.63
CA PHE A 517 2.40 -17.43 -11.35
C PHE A 517 1.59 -16.97 -12.55
N SER A 518 1.98 -15.86 -13.18
CA SER A 518 1.24 -15.37 -14.33
C SER A 518 1.25 -16.39 -15.46
N VAL A 519 2.42 -16.96 -15.76
CA VAL A 519 2.52 -17.90 -16.87
C VAL A 519 1.68 -19.14 -16.60
N PHE A 520 1.77 -19.69 -15.39
CA PHE A 520 1.06 -20.94 -15.12
C PHE A 520 -0.44 -20.69 -14.99
N GLY A 521 -0.84 -19.57 -14.41
CA GLY A 521 -2.25 -19.23 -14.40
C GLY A 521 -2.80 -19.05 -15.80
N GLN A 522 -2.05 -18.40 -16.68
CA GLN A 522 -2.49 -18.26 -18.06
C GLN A 522 -2.64 -19.61 -18.73
N LEU A 523 -1.65 -20.50 -18.55
CA LEU A 523 -1.74 -21.82 -19.18
C LEU A 523 -2.94 -22.60 -18.66
N VAL A 524 -3.15 -22.60 -17.34
CA VAL A 524 -4.24 -23.38 -16.78
C VAL A 524 -5.58 -22.81 -17.21
N MET A 525 -5.73 -21.48 -17.21
CA MET A 525 -6.98 -20.88 -17.64
C MET A 525 -7.23 -21.14 -19.11
N GLY A 526 -6.17 -21.11 -19.93
CA GLY A 526 -6.33 -21.45 -21.33
C GLY A 526 -6.80 -22.89 -21.52
N LEU A 527 -6.22 -23.82 -20.77
CA LEU A 527 -6.66 -25.22 -20.86
C LEU A 527 -8.12 -25.35 -20.46
N ILE A 528 -8.51 -24.72 -19.35
CA ILE A 528 -9.89 -24.84 -18.88
C ILE A 528 -10.85 -24.23 -19.89
N LEU A 529 -10.51 -23.05 -20.43
CA LEU A 529 -11.38 -22.42 -21.42
C LEU A 529 -11.50 -23.28 -22.67
N SER A 530 -10.38 -23.78 -23.19
CA SER A 530 -10.44 -24.62 -24.38
C SER A 530 -11.26 -25.87 -24.13
N SER A 531 -11.27 -26.37 -22.90
CA SER A 531 -12.06 -27.56 -22.60
C SER A 531 -13.54 -27.35 -22.95
N VAL A 532 -14.03 -26.11 -22.86
CA VAL A 532 -15.42 -25.84 -23.21
C VAL A 532 -15.63 -26.00 -24.71
N PHE A 533 -14.66 -25.54 -25.51
CA PHE A 533 -14.76 -25.57 -26.97
C PHE A 533 -13.92 -26.70 -27.57
N TYR A 534 -13.86 -27.86 -26.92
CA TYR A 534 -12.99 -28.92 -27.41
C TYR A 534 -13.52 -29.50 -28.71
N ASN A 535 -12.65 -29.52 -29.73
CA ASN A 535 -12.91 -30.19 -31.00
C ASN A 535 -14.21 -29.68 -31.63
N LEU A 536 -14.19 -28.40 -31.99
CA LEU A 536 -15.31 -27.80 -32.70
C LEU A 536 -15.51 -28.52 -34.04
N SER A 537 -16.77 -28.82 -34.35
CA SER A 537 -17.08 -29.57 -35.56
C SER A 537 -16.91 -28.69 -36.80
N GLN A 538 -16.78 -29.35 -37.96
CA GLN A 538 -16.59 -28.66 -39.22
C GLN A 538 -17.91 -28.25 -39.88
N THR A 539 -19.05 -28.70 -39.36
CA THR A 539 -20.33 -28.36 -39.95
C THR A 539 -20.73 -26.94 -39.57
N THR A 540 -21.72 -26.41 -40.28
CA THR A 540 -22.14 -25.03 -40.03
C THR A 540 -22.61 -24.83 -38.59
N GLY A 541 -23.05 -25.89 -37.92
CA GLY A 541 -23.52 -25.75 -36.56
C GLY A 541 -22.47 -25.20 -35.62
N SER A 542 -21.21 -25.28 -35.98
CA SER A 542 -20.12 -24.77 -35.15
C SER A 542 -19.87 -23.28 -35.35
N PHE A 543 -20.45 -22.66 -36.39
CA PHE A 543 -20.15 -21.27 -36.71
C PHE A 543 -20.14 -20.41 -35.46
N TYR A 544 -21.28 -20.32 -34.78
CA TYR A 544 -21.37 -19.46 -33.61
C TYR A 544 -20.23 -19.75 -32.64
N TYR A 545 -20.02 -21.02 -32.30
CA TYR A 545 -18.98 -21.36 -31.34
C TYR A 545 -17.64 -20.82 -31.80
N ARG A 546 -17.28 -21.04 -33.06
CA ARG A 546 -16.00 -20.54 -33.56
C ARG A 546 -15.90 -19.05 -33.29
N GLY A 547 -16.95 -18.30 -33.63
CA GLY A 547 -16.95 -16.89 -33.29
C GLY A 547 -16.55 -16.65 -31.85
N ALA A 548 -17.30 -17.25 -30.92
CA ALA A 548 -16.96 -17.10 -29.51
C ALA A 548 -15.52 -17.52 -29.26
N ALA A 549 -15.12 -18.67 -29.82
CA ALA A 549 -13.77 -19.17 -29.57
C ALA A 549 -12.72 -18.15 -29.93
N MET A 550 -12.99 -17.31 -30.94
CA MET A 550 -12.05 -16.26 -31.28
C MET A 550 -12.16 -15.08 -30.33
N PHE A 551 -13.39 -14.63 -30.06
CA PHE A 551 -13.56 -13.44 -29.22
C PHE A 551 -12.82 -13.60 -27.91
N PHE A 552 -13.08 -14.70 -27.20
CA PHE A 552 -12.43 -14.92 -25.91
C PHE A 552 -10.92 -15.01 -26.10
N ALA A 553 -10.46 -15.66 -27.17
CA ALA A 553 -9.03 -15.69 -27.44
C ALA A 553 -8.49 -14.27 -27.48
N VAL A 554 -9.16 -13.39 -28.23
CA VAL A 554 -8.68 -12.01 -28.33
C VAL A 554 -8.66 -11.36 -26.96
N LEU A 555 -9.61 -11.71 -26.09
CA LEU A 555 -9.58 -11.19 -24.73
C LEU A 555 -8.39 -11.73 -23.97
N PHE A 556 -8.13 -13.04 -24.05
CA PHE A 556 -7.09 -13.62 -23.23
C PHE A 556 -5.72 -13.10 -23.63
N ASN A 557 -5.48 -12.94 -24.93
CA ASN A 557 -4.25 -12.29 -25.37
C ASN A 557 -4.27 -10.81 -25.06
N ALA A 558 -5.45 -10.20 -25.00
CA ALA A 558 -5.55 -8.77 -24.73
C ALA A 558 -5.17 -8.45 -23.28
N PHE A 559 -5.73 -9.20 -22.34
CA PHE A 559 -5.58 -8.91 -20.92
C PHE A 559 -4.52 -9.79 -20.25
N SER A 560 -3.68 -10.46 -21.02
CA SER A 560 -2.66 -11.32 -20.44
C SER A 560 -1.70 -10.54 -19.57
N SER A 561 -1.28 -9.35 -20.04
CA SER A 561 -0.25 -8.56 -19.37
C SER A 561 -0.84 -7.49 -18.47
N LEU A 562 -2.03 -7.71 -17.93
CA LEU A 562 -2.61 -6.72 -17.03
C LEU A 562 -1.82 -6.62 -15.74
N LEU A 563 -1.36 -7.75 -15.20
CA LEU A 563 -0.67 -7.74 -13.91
C LEU A 563 0.63 -6.96 -13.96
N GLU A 564 1.22 -6.82 -15.15
CA GLU A 564 2.52 -6.16 -15.25
C GLU A 564 2.48 -4.74 -14.68
N ILE A 565 1.35 -4.05 -14.81
CA ILE A 565 1.28 -2.67 -14.34
C ILE A 565 1.54 -2.61 -12.84
N MET A 566 1.25 -3.69 -12.11
CA MET A 566 1.54 -3.68 -10.68
C MET A 566 3.01 -3.36 -10.43
N SER A 567 3.91 -3.91 -11.25
CA SER A 567 5.33 -3.60 -11.10
C SER A 567 5.56 -2.10 -11.16
N LEU A 568 4.90 -1.41 -12.09
CA LEU A 568 5.08 0.03 -12.19
C LEU A 568 4.80 0.72 -10.87
N PHE A 569 3.80 0.25 -10.12
CA PHE A 569 3.49 0.88 -8.84
C PHE A 569 4.53 0.53 -7.78
N GLU A 570 5.13 -0.66 -7.86
CA GLU A 570 6.17 -1.01 -6.92
C GLU A 570 7.46 -0.24 -7.19
N ALA A 571 7.79 -0.01 -8.45
CA ALA A 571 9.03 0.62 -8.84
C ALA A 571 8.90 2.13 -9.05
N ARG A 572 7.71 2.70 -8.87
CA ARG A 572 7.56 4.13 -9.08
C ARG A 572 8.39 4.95 -8.10
N PRO A 573 8.31 4.74 -6.79
CA PRO A 573 9.09 5.59 -5.88
C PRO A 573 10.58 5.58 -6.18
N ILE A 574 11.17 4.38 -6.28
CA ILE A 574 12.61 4.30 -6.50
C ILE A 574 13.01 5.12 -7.71
N VAL A 575 12.28 4.96 -8.81
CA VAL A 575 12.62 5.70 -10.03
C VAL A 575 12.69 7.19 -9.74
N GLU A 576 11.66 7.72 -9.08
CA GLU A 576 11.68 9.15 -8.75
C GLU A 576 12.94 9.49 -7.97
N LYS A 577 13.25 8.70 -6.94
CA LYS A 577 14.47 8.94 -6.19
C LYS A 577 15.68 8.93 -7.10
N HIS A 578 15.76 7.91 -7.97
CA HIS A 578 16.92 7.82 -8.86
C HIS A 578 16.90 8.94 -9.89
N LYS A 579 15.73 9.50 -10.18
CA LYS A 579 15.68 10.69 -11.03
C LYS A 579 16.26 11.89 -10.29
N LYS A 580 15.99 11.99 -8.99
CA LYS A 580 16.49 13.13 -8.22
C LYS A 580 18.00 13.07 -8.09
N TYR A 581 18.56 11.87 -7.91
CA TYR A 581 20.00 11.72 -7.83
C TYR A 581 20.69 12.00 -9.16
N ALA A 582 19.93 12.14 -10.25
CA ALA A 582 20.50 12.34 -11.58
C ALA A 582 21.34 11.12 -12.00
N LEU A 583 20.66 9.98 -12.08
CA LEU A 583 21.27 8.75 -12.57
C LEU A 583 20.74 8.36 -13.95
N TYR A 584 19.42 8.26 -14.11
CA TYR A 584 18.84 7.96 -15.40
C TYR A 584 17.43 8.55 -15.46
N ARG A 585 17.01 8.90 -16.67
CA ARG A 585 15.70 9.50 -16.85
C ARG A 585 14.61 8.46 -16.58
N PRO A 586 13.41 8.89 -16.18
CA PRO A 586 12.29 7.93 -16.12
C PRO A 586 11.98 7.30 -17.45
N SER A 587 12.27 7.99 -18.56
CA SER A 587 12.04 7.39 -19.88
C SER A 587 12.91 6.16 -20.08
N ALA A 588 14.17 6.22 -19.65
CA ALA A 588 15.03 5.05 -19.75
C ALA A 588 14.48 3.90 -18.93
N ASP A 589 13.98 4.20 -17.73
CA ASP A 589 13.39 3.14 -16.91
C ASP A 589 12.17 2.54 -17.58
N ALA A 590 11.32 3.37 -18.19
CA ALA A 590 10.14 2.85 -18.86
C ALA A 590 10.53 1.96 -20.03
N LEU A 591 11.51 2.39 -20.83
CA LEU A 591 11.96 1.56 -21.94
C LEU A 591 12.55 0.25 -21.45
N ALA A 592 13.35 0.30 -20.38
CA ALA A 592 13.92 -0.91 -19.83
C ALA A 592 12.84 -1.84 -19.30
N SER A 593 11.81 -1.29 -18.68
CA SER A 593 10.72 -2.13 -18.19
C SER A 593 9.98 -2.79 -19.35
N ILE A 594 9.77 -2.05 -20.44
CA ILE A 594 9.13 -2.65 -21.61
C ILE A 594 9.99 -3.77 -22.18
N ILE A 595 11.30 -3.56 -22.29
CA ILE A 595 12.17 -4.56 -22.87
C ILE A 595 12.27 -5.79 -21.98
N SER A 596 12.29 -5.58 -20.66
CA SER A 596 12.58 -6.68 -19.75
C SER A 596 11.41 -7.64 -19.61
N GLU A 597 10.20 -7.20 -19.94
CA GLU A 597 9.03 -8.07 -19.86
C GLU A 597 8.79 -8.86 -21.13
N LEU A 598 9.58 -8.64 -22.17
CA LEU A 598 9.38 -9.37 -23.42
C LEU A 598 9.47 -10.88 -23.22
N PRO A 599 10.45 -11.41 -22.49
CA PRO A 599 10.47 -12.87 -22.27
C PRO A 599 9.19 -13.40 -21.66
N VAL A 600 8.63 -12.68 -20.68
CA VAL A 600 7.40 -13.15 -20.04
C VAL A 600 6.24 -13.11 -21.04
N LYS A 601 6.16 -12.04 -21.84
CA LYS A 601 5.09 -11.96 -22.83
C LYS A 601 5.21 -13.10 -23.84
N LEU A 602 6.43 -13.38 -24.30
CA LEU A 602 6.63 -14.48 -25.24
C LEU A 602 6.22 -15.80 -24.61
N ALA A 603 6.63 -16.05 -23.37
CA ALA A 603 6.28 -17.30 -22.70
C ALA A 603 4.78 -17.46 -22.57
N MET A 604 4.10 -16.41 -22.11
CA MET A 604 2.65 -16.49 -21.95
C MET A 604 1.96 -16.71 -23.29
N SER A 605 2.37 -15.95 -24.32
CA SER A 605 1.74 -16.09 -25.62
C SER A 605 1.91 -17.50 -26.16
N MET A 606 3.12 -18.05 -26.09
CA MET A 606 3.34 -19.41 -26.54
C MET A 606 2.47 -20.39 -25.75
N SER A 607 2.59 -20.36 -24.42
CA SER A 607 1.94 -21.37 -23.59
C SER A 607 0.42 -21.33 -23.74
N PHE A 608 -0.14 -20.16 -24.05
CA PHE A 608 -1.58 -20.09 -24.21
C PHE A 608 -2.02 -20.43 -25.63
N ASN A 609 -1.41 -19.82 -26.65
CA ASN A 609 -1.87 -20.03 -28.01
C ASN A 609 -1.59 -21.45 -28.49
N PHE A 610 -0.39 -21.97 -28.24
CA PHE A 610 -0.08 -23.30 -28.76
C PHE A 610 -1.01 -24.37 -28.20
N VAL A 611 -1.69 -24.07 -27.10
CA VAL A 611 -2.67 -24.99 -26.53
C VAL A 611 -4.08 -24.67 -27.02
N PHE A 612 -4.46 -23.40 -27.01
CA PHE A 612 -5.83 -23.03 -27.38
C PHE A 612 -6.10 -23.29 -28.85
N TYR A 613 -5.21 -22.82 -29.73
CA TYR A 613 -5.50 -22.91 -31.16
C TYR A 613 -5.61 -24.35 -31.64
N PHE A 614 -4.96 -25.29 -30.95
CA PHE A 614 -4.98 -26.68 -31.37
C PHE A 614 -5.99 -27.52 -30.61
N MET A 615 -6.25 -27.23 -29.34
CA MET A 615 -7.34 -27.91 -28.65
C MET A 615 -8.67 -27.60 -29.31
N VAL A 616 -8.90 -26.35 -29.67
CA VAL A 616 -10.05 -25.95 -30.45
C VAL A 616 -9.68 -26.12 -31.92
N ASN A 617 -10.45 -26.92 -32.65
CA ASN A 617 -10.07 -27.32 -34.01
C ASN A 617 -10.28 -26.14 -34.96
N PHE A 618 -9.37 -25.19 -34.89
CA PHE A 618 -9.34 -24.10 -35.86
C PHE A 618 -8.70 -24.60 -37.15
N ARG A 619 -8.39 -23.71 -38.07
CA ARG A 619 -7.70 -24.12 -39.29
C ARG A 619 -6.37 -24.76 -38.94
N ARG A 620 -6.04 -25.85 -39.65
CA ARG A 620 -4.83 -26.61 -39.37
C ARG A 620 -3.65 -26.21 -40.24
N ASN A 621 -3.84 -25.30 -41.20
CA ASN A 621 -2.74 -24.92 -42.06
C ASN A 621 -1.66 -24.21 -41.24
N PRO A 622 -0.39 -24.59 -41.36
CA PRO A 622 0.64 -23.93 -40.55
C PRO A 622 0.68 -22.42 -40.74
N GLY A 623 0.53 -21.95 -41.98
CA GLY A 623 0.55 -20.52 -42.22
C GLY A 623 -0.57 -19.80 -41.52
N ARG A 624 -1.76 -20.40 -41.50
CA ARG A 624 -2.88 -19.78 -40.80
C ARG A 624 -2.61 -19.67 -39.31
N PHE A 625 -2.05 -20.73 -38.71
CA PHE A 625 -1.72 -20.66 -37.30
C PHE A 625 -0.68 -19.59 -37.03
N PHE A 626 0.34 -19.50 -37.88
CA PHE A 626 1.37 -18.49 -37.66
C PHE A 626 0.80 -17.08 -37.77
N PHE A 627 -0.09 -16.85 -38.73
CA PHE A 627 -0.71 -15.53 -38.83
C PHE A 627 -1.56 -15.23 -37.61
N TYR A 628 -2.29 -16.24 -37.11
CA TYR A 628 -3.06 -16.05 -35.89
C TYR A 628 -2.16 -15.67 -34.73
N TRP A 629 -1.02 -16.34 -34.61
CA TRP A 629 -0.08 -16.03 -33.55
C TRP A 629 0.46 -14.61 -33.68
N LEU A 630 0.78 -14.19 -34.91
CA LEU A 630 1.30 -12.84 -35.12
C LEU A 630 0.26 -11.80 -34.71
N MET A 631 -0.98 -11.99 -35.12
CA MET A 631 -2.03 -11.05 -34.76
C MET A 631 -2.23 -11.00 -33.25
N CYS A 632 -2.20 -12.17 -32.59
CA CYS A 632 -2.36 -12.18 -31.15
C CYS A 632 -1.21 -11.46 -30.46
N ILE A 633 0.02 -11.67 -30.95
CA ILE A 633 1.17 -11.01 -30.34
C ILE A 633 1.02 -9.50 -30.45
N TRP A 634 0.64 -9.00 -31.62
CA TRP A 634 0.50 -7.55 -31.75
C TRP A 634 -0.67 -7.02 -30.92
N CYS A 635 -1.74 -7.79 -30.79
CA CYS A 635 -2.84 -7.37 -29.93
C CYS A 635 -2.39 -7.24 -28.49
N THR A 636 -1.64 -8.22 -27.98
CA THR A 636 -1.17 -8.14 -26.61
C THR A 636 -0.16 -7.00 -26.43
N PHE A 637 0.64 -6.72 -27.45
CA PHE A 637 1.53 -5.56 -27.36
C PHE A 637 0.73 -4.27 -27.21
N VAL A 638 -0.31 -4.11 -28.04
CA VAL A 638 -1.13 -2.89 -27.98
C VAL A 638 -1.76 -2.76 -26.61
N MET A 639 -2.34 -3.84 -26.10
CA MET A 639 -3.00 -3.79 -24.80
C MET A 639 -2.00 -3.51 -23.68
N SER A 640 -0.82 -4.13 -23.73
CA SER A 640 0.17 -3.87 -22.70
C SER A 640 0.57 -2.40 -22.69
N HIS A 641 0.78 -1.81 -23.87
CA HIS A 641 1.17 -0.41 -23.91
C HIS A 641 0.03 0.49 -23.42
N LEU A 642 -1.21 0.15 -23.75
CA LEU A 642 -2.33 0.96 -23.25
C LEU A 642 -2.42 0.88 -21.74
N PHE A 643 -2.27 -0.32 -21.17
CA PHE A 643 -2.31 -0.46 -19.72
C PHE A 643 -1.18 0.31 -19.06
N ARG A 644 0.02 0.25 -19.64
CA ARG A 644 1.14 1.00 -19.08
C ARG A 644 0.87 2.50 -19.15
N SER A 645 0.29 2.97 -20.26
CA SER A 645 -0.02 4.40 -20.37
C SER A 645 -1.03 4.81 -19.31
N ILE A 646 -2.05 3.98 -19.07
CA ILE A 646 -3.01 4.29 -18.02
C ILE A 646 -2.33 4.32 -16.66
N GLY A 647 -1.44 3.36 -16.40
CA GLY A 647 -0.79 3.29 -15.11
C GLY A 647 0.23 4.38 -14.88
N ALA A 648 0.72 5.00 -15.96
CA ALA A 648 1.73 6.04 -15.82
C ALA A 648 1.19 7.29 -15.15
N VAL A 649 -0.13 7.49 -15.17
CA VAL A 649 -0.75 8.69 -14.60
C VAL A 649 -1.54 8.40 -13.34
N SER A 650 -1.84 7.14 -13.03
CA SER A 650 -2.61 6.79 -11.86
C SER A 650 -1.69 6.69 -10.64
N THR A 651 -2.25 6.25 -9.51
CA THR A 651 -1.51 6.10 -8.28
C THR A 651 -1.77 4.79 -7.55
N SER A 652 -2.77 4.01 -7.97
CA SER A 652 -3.10 2.76 -7.30
C SER A 652 -3.85 1.86 -8.27
N ILE A 653 -3.92 0.57 -7.92
CA ILE A 653 -4.63 -0.38 -8.76
C ILE A 653 -6.10 0.01 -8.86
N SER A 654 -6.72 0.37 -7.73
CA SER A 654 -8.14 0.73 -7.75
C SER A 654 -8.36 2.09 -8.37
N GLY A 655 -7.48 3.05 -8.09
CA GLY A 655 -7.60 4.37 -8.69
C GLY A 655 -7.48 4.32 -10.21
N ALA A 656 -6.65 3.41 -10.71
CA ALA A 656 -6.54 3.20 -12.15
C ALA A 656 -7.71 2.39 -12.69
N MET A 657 -8.23 1.45 -11.91
CA MET A 657 -9.27 0.55 -12.40
C MET A 657 -10.63 1.24 -12.48
N THR A 658 -10.89 2.19 -11.59
CA THR A 658 -12.21 2.84 -11.60
C THR A 658 -12.51 3.50 -12.93
N PRO A 659 -11.65 4.34 -13.49
CA PRO A 659 -11.93 4.93 -14.81
C PRO A 659 -11.55 4.04 -15.97
N ALA A 660 -10.58 3.16 -15.77
CA ALA A 660 -10.12 2.29 -16.85
C ALA A 660 -11.12 1.21 -17.20
N THR A 661 -11.97 0.80 -16.25
CA THR A 661 -12.92 -0.27 -16.51
C THR A 661 -13.91 0.15 -17.59
N VAL A 662 -14.35 1.40 -17.58
CA VAL A 662 -15.30 1.87 -18.58
C VAL A 662 -14.69 1.77 -19.98
N LEU A 663 -13.44 2.22 -20.13
CA LEU A 663 -12.78 2.16 -21.42
C LEU A 663 -12.57 0.71 -21.87
N LEU A 664 -12.13 -0.15 -20.95
CA LEU A 664 -11.92 -1.54 -21.32
C LEU A 664 -13.22 -2.21 -21.74
N LEU A 665 -14.32 -1.92 -21.03
CA LEU A 665 -15.61 -2.46 -21.42
C LEU A 665 -16.05 -1.92 -22.77
N ALA A 666 -15.80 -0.63 -23.02
CA ALA A 666 -16.16 -0.05 -24.31
C ALA A 666 -15.43 -0.76 -25.44
N MET A 667 -14.16 -1.09 -25.22
CA MET A 667 -13.41 -1.79 -26.26
C MET A 667 -13.89 -3.24 -26.40
N VAL A 668 -14.19 -3.90 -25.28
CA VAL A 668 -14.58 -5.30 -25.32
C VAL A 668 -15.92 -5.47 -26.02
N ILE A 669 -16.89 -4.63 -25.69
CA ILE A 669 -18.22 -4.78 -26.27
C ILE A 669 -18.17 -4.58 -27.78
N TYR A 670 -17.39 -3.61 -28.25
CA TYR A 670 -17.32 -3.27 -29.66
C TYR A 670 -16.21 -4.01 -30.40
N THR A 671 -15.80 -5.18 -29.91
CA THR A 671 -14.82 -5.98 -30.64
C THR A 671 -15.35 -6.36 -32.02
N GLY A 672 -16.61 -6.77 -32.07
CA GLY A 672 -17.22 -7.18 -33.32
C GLY A 672 -17.99 -8.47 -33.21
N PHE A 673 -18.06 -9.04 -32.00
CA PHE A 673 -18.78 -10.27 -31.75
C PHE A 673 -20.03 -10.05 -30.90
N VAL A 674 -19.92 -9.30 -29.80
CA VAL A 674 -21.10 -8.99 -29.01
C VAL A 674 -22.10 -8.19 -29.84
N ILE A 675 -21.61 -7.18 -30.56
CA ILE A 675 -22.44 -6.37 -31.44
C ILE A 675 -21.86 -6.43 -32.85
N PRO A 676 -22.29 -7.38 -33.68
CA PRO A 676 -21.78 -7.42 -35.05
C PRO A 676 -22.09 -6.13 -35.80
N THR A 677 -21.21 -5.78 -36.73
CA THR A 677 -21.33 -4.49 -37.40
C THR A 677 -22.71 -4.21 -37.96
N PRO A 678 -23.41 -5.14 -38.60
CA PRO A 678 -24.75 -4.82 -39.10
C PRO A 678 -25.72 -4.37 -38.03
N SER A 679 -25.52 -4.79 -36.78
CA SER A 679 -26.44 -4.46 -35.69
C SER A 679 -25.92 -3.32 -34.82
N MET A 680 -24.90 -2.61 -35.25
CA MET A 680 -24.37 -1.49 -34.48
C MET A 680 -25.24 -0.26 -34.69
N LEU A 681 -25.51 0.45 -33.60
CA LEU A 681 -26.29 1.67 -33.69
C LEU A 681 -25.49 2.78 -34.37
N GLY A 682 -26.20 3.79 -34.86
CA GLY A 682 -25.53 4.86 -35.57
C GLY A 682 -24.53 5.60 -34.69
N TRP A 683 -24.92 5.90 -33.45
CA TRP A 683 -24.06 6.72 -32.60
C TRP A 683 -22.79 5.99 -32.17
N SER A 684 -22.76 4.66 -32.27
CA SER A 684 -21.61 3.88 -31.82
C SER A 684 -20.79 3.32 -32.96
N ARG A 685 -21.18 3.58 -34.22
CA ARG A 685 -20.40 3.08 -35.33
C ARG A 685 -19.00 3.70 -35.36
N TRP A 686 -18.87 4.94 -34.90
CA TRP A 686 -17.56 5.60 -34.93
C TRP A 686 -16.60 4.99 -33.92
N ILE A 687 -17.11 4.45 -32.81
CA ILE A 687 -16.23 3.86 -31.81
C ILE A 687 -15.42 2.73 -32.42
N ASN A 688 -16.07 1.87 -33.19
CA ASN A 688 -15.36 0.74 -33.80
C ASN A 688 -14.19 1.21 -34.66
N TYR A 689 -14.24 2.44 -35.18
CA TYR A 689 -13.12 2.93 -35.98
C TYR A 689 -11.87 3.11 -35.13
N ILE A 690 -12.02 3.59 -33.90
CA ILE A 690 -10.87 3.87 -33.04
C ILE A 690 -10.69 2.76 -31.99
N ASN A 691 -11.20 1.56 -32.26
CA ASN A 691 -11.07 0.46 -31.32
C ASN A 691 -9.88 -0.41 -31.73
N PRO A 692 -8.78 -0.43 -30.97
CA PRO A 692 -7.62 -1.21 -31.40
C PRO A 692 -7.86 -2.71 -31.40
N VAL A 693 -8.90 -3.20 -30.73
CA VAL A 693 -9.15 -4.63 -30.67
C VAL A 693 -10.12 -5.12 -31.74
N GLY A 694 -10.94 -4.23 -32.30
CA GLY A 694 -11.85 -4.65 -33.35
C GLY A 694 -11.13 -5.11 -34.60
N TYR A 695 -10.05 -4.41 -34.96
CA TYR A 695 -9.29 -4.79 -36.14
C TYR A 695 -8.64 -6.16 -35.98
N VAL A 696 -8.15 -6.46 -34.78
CA VAL A 696 -7.57 -7.77 -34.52
C VAL A 696 -8.61 -8.86 -34.74
N PHE A 697 -9.80 -8.67 -34.19
CA PHE A 697 -10.84 -9.68 -34.34
C PHE A 697 -11.24 -9.84 -35.79
N GLU A 698 -11.36 -8.73 -36.51
CA GLU A 698 -11.70 -8.80 -37.93
C GLU A 698 -10.64 -9.59 -38.70
N SER A 699 -9.37 -9.31 -38.42
CA SER A 699 -8.30 -10.01 -39.13
C SER A 699 -8.34 -11.51 -38.82
N LEU A 700 -8.53 -11.87 -37.55
CA LEU A 700 -8.56 -13.29 -37.19
C LEU A 700 -9.74 -14.00 -37.85
N MET A 701 -10.92 -13.40 -37.80
CA MET A 701 -12.09 -14.05 -38.40
C MET A 701 -11.93 -14.18 -39.90
N VAL A 702 -11.42 -13.14 -40.56
CA VAL A 702 -11.18 -13.23 -42.00
C VAL A 702 -10.17 -14.32 -42.29
N ASN A 703 -9.12 -14.42 -41.48
CA ASN A 703 -8.12 -15.46 -41.69
C ASN A 703 -8.73 -16.84 -41.59
N GLU A 704 -9.64 -17.05 -40.62
CA GLU A 704 -10.20 -18.37 -40.44
C GLU A 704 -11.23 -18.71 -41.50
N PHE A 705 -12.31 -17.94 -41.59
CA PHE A 705 -13.47 -18.37 -42.36
C PHE A 705 -13.26 -18.27 -43.86
N HIS A 706 -12.39 -17.38 -44.32
CA HIS A 706 -12.31 -17.10 -45.75
C HIS A 706 -11.89 -18.34 -46.54
N GLY A 707 -12.48 -18.51 -47.71
CA GLY A 707 -12.10 -19.59 -48.60
C GLY A 707 -12.27 -20.97 -47.99
N ARG A 708 -13.34 -21.17 -47.23
CA ARG A 708 -13.59 -22.44 -46.56
C ARG A 708 -15.03 -22.86 -46.81
N GLU A 709 -15.22 -24.16 -47.03
CA GLU A 709 -16.53 -24.73 -47.29
C GLU A 709 -16.97 -25.54 -46.08
N PHE A 710 -18.14 -25.21 -45.54
CA PHE A 710 -18.68 -25.90 -44.37
C PHE A 710 -19.87 -26.75 -44.78
N GLN A 711 -19.85 -28.01 -44.36
CA GLN A 711 -20.97 -28.92 -44.60
C GLN A 711 -22.18 -28.47 -43.80
N CYS A 712 -23.35 -28.53 -44.43
CA CYS A 712 -24.58 -28.11 -43.78
C CYS A 712 -24.95 -29.09 -42.67
N ALA A 713 -25.49 -28.56 -41.58
CA ALA A 713 -25.90 -29.36 -40.44
C ALA A 713 -27.42 -29.42 -40.26
N GLN A 714 -28.17 -28.53 -40.91
CA GLN A 714 -29.61 -28.49 -40.73
C GLN A 714 -30.23 -27.83 -41.96
N TYR A 715 -31.17 -28.52 -42.59
CA TYR A 715 -31.87 -28.02 -43.76
C TYR A 715 -33.27 -27.61 -43.35
N VAL A 716 -33.68 -26.40 -43.75
CA VAL A 716 -34.87 -25.80 -43.15
C VAL A 716 -36.11 -26.67 -43.33
N PRO A 717 -36.39 -27.27 -44.51
CA PRO A 717 -37.51 -28.19 -44.59
C PRO A 717 -37.09 -29.60 -44.22
N SER A 718 -37.58 -30.12 -43.10
CA SER A 718 -37.21 -31.45 -42.66
C SER A 718 -38.14 -31.90 -41.54
N GLY A 719 -38.15 -33.20 -41.30
CA GLY A 719 -39.00 -33.78 -40.28
C GLY A 719 -39.80 -34.95 -40.82
N PRO A 720 -40.73 -35.45 -40.00
CA PRO A 720 -41.55 -36.59 -40.45
C PRO A 720 -42.32 -36.31 -41.74
N GLY A 721 -42.76 -35.08 -41.96
CA GLY A 721 -43.49 -34.79 -43.18
C GLY A 721 -42.64 -34.94 -44.43
N TYR A 722 -41.39 -34.52 -44.37
CA TYR A 722 -40.48 -34.54 -45.51
C TYR A 722 -39.41 -35.59 -45.26
N GLU A 723 -39.58 -36.76 -45.88
CA GLU A 723 -38.60 -37.83 -45.80
C GLU A 723 -37.78 -37.96 -47.08
N ASN A 724 -38.40 -37.81 -48.24
CA ASN A 724 -37.73 -37.90 -49.53
C ASN A 724 -38.05 -36.63 -50.31
N ILE A 725 -37.23 -35.60 -50.11
CA ILE A 725 -37.36 -34.33 -50.79
C ILE A 725 -36.05 -34.01 -51.47
N SER A 726 -36.11 -33.64 -52.75
CA SER A 726 -34.90 -33.33 -53.50
C SER A 726 -34.13 -32.21 -52.82
N ARG A 727 -32.80 -32.34 -52.79
CA ARG A 727 -31.97 -31.34 -52.13
C ARG A 727 -32.15 -29.96 -52.74
N SER A 728 -32.64 -29.88 -53.98
CA SER A 728 -32.81 -28.57 -54.61
C SER A 728 -33.80 -27.72 -53.84
N ASN A 729 -34.87 -28.31 -53.32
CA ASN A 729 -35.89 -27.55 -52.61
C ASN A 729 -35.47 -27.14 -51.21
N GLN A 730 -34.44 -27.78 -50.65
CA GLN A 730 -34.01 -27.45 -49.30
C GLN A 730 -33.02 -26.29 -49.33
N VAL A 731 -32.52 -25.90 -48.16
CA VAL A 731 -31.54 -24.84 -48.05
C VAL A 731 -30.95 -24.87 -46.64
N CYS A 732 -29.71 -24.45 -46.50
CA CYS A 732 -29.03 -24.45 -45.21
C CYS A 732 -29.45 -23.23 -44.39
N THR A 733 -29.44 -23.39 -43.07
CA THR A 733 -29.83 -22.32 -42.16
C THR A 733 -28.59 -21.58 -41.67
N ALA A 734 -28.03 -20.78 -42.57
CA ALA A 734 -26.89 -19.94 -42.25
C ALA A 734 -27.08 -18.58 -42.92
N VAL A 735 -26.33 -17.60 -42.45
CA VAL A 735 -26.50 -16.23 -42.95
C VAL A 735 -26.17 -16.16 -44.44
N GLY A 736 -25.10 -16.83 -44.86
CA GLY A 736 -24.67 -16.77 -46.25
C GLY A 736 -25.09 -17.97 -47.06
N SER A 737 -26.04 -18.75 -46.56
CA SER A 737 -26.47 -19.96 -47.24
C SER A 737 -27.13 -19.61 -48.57
N VAL A 738 -26.88 -20.45 -49.58
CA VAL A 738 -27.46 -20.28 -50.91
C VAL A 738 -28.42 -21.44 -51.15
N PRO A 739 -29.61 -21.21 -51.70
CA PRO A 739 -30.56 -22.31 -51.86
C PRO A 739 -30.01 -23.42 -52.74
N GLY A 740 -30.30 -24.66 -52.36
CA GLY A 740 -29.93 -25.81 -53.14
C GLY A 740 -28.48 -26.24 -53.04
N ASN A 741 -27.70 -25.60 -52.16
CA ASN A 741 -26.28 -25.89 -52.04
C ASN A 741 -26.03 -26.75 -50.80
N GLU A 742 -25.22 -27.80 -50.97
CA GLU A 742 -24.91 -28.68 -49.86
C GLU A 742 -23.92 -28.05 -48.88
N MET A 743 -23.08 -27.13 -49.37
CA MET A 743 -22.03 -26.53 -48.57
C MET A 743 -22.20 -25.02 -48.55
N VAL A 744 -21.94 -24.41 -47.40
CA VAL A 744 -21.97 -22.96 -47.26
C VAL A 744 -20.55 -22.43 -47.32
N SER A 745 -20.37 -21.34 -48.04
CA SER A 745 -19.07 -20.72 -48.23
C SER A 745 -18.77 -19.78 -47.08
N GLY A 746 -17.59 -19.92 -46.48
CA GLY A 746 -17.25 -19.07 -45.35
C GLY A 746 -17.23 -17.60 -45.70
N THR A 747 -16.75 -17.26 -46.89
CA THR A 747 -16.65 -15.86 -47.28
C THR A 747 -18.03 -15.20 -47.30
N ASN A 748 -19.03 -15.91 -47.84
CA ASN A 748 -20.39 -15.37 -47.85
C ASN A 748 -20.90 -15.15 -46.44
N TYR A 749 -20.67 -16.12 -45.55
CA TYR A 749 -21.13 -15.97 -44.17
C TYR A 749 -20.49 -14.77 -43.52
N LEU A 750 -19.18 -14.58 -43.71
CA LEU A 750 -18.52 -13.43 -43.11
C LEU A 750 -19.05 -12.12 -43.69
N ALA A 751 -19.21 -12.06 -45.02
CA ALA A 751 -19.70 -10.83 -45.63
C ALA A 751 -21.14 -10.53 -45.25
N GLY A 752 -21.91 -11.54 -44.84
CA GLY A 752 -23.31 -11.32 -44.53
C GLY A 752 -23.60 -11.09 -43.05
N ALA A 753 -22.86 -11.76 -42.17
CA ALA A 753 -23.14 -11.71 -40.74
C ALA A 753 -22.34 -10.62 -40.04
N TYR A 754 -21.01 -10.69 -40.13
CA TYR A 754 -20.14 -9.71 -39.51
C TYR A 754 -19.69 -8.61 -40.45
N GLN A 755 -19.93 -8.75 -41.75
CA GLN A 755 -19.54 -7.75 -42.74
C GLN A 755 -18.03 -7.51 -42.72
N TYR A 756 -17.28 -8.61 -42.73
CA TYR A 756 -15.83 -8.57 -42.91
C TYR A 756 -15.47 -9.12 -44.27
N TYR A 757 -14.34 -8.67 -44.81
CA TYR A 757 -13.89 -9.08 -46.12
C TYR A 757 -12.41 -9.43 -46.06
N ASN A 758 -11.96 -10.18 -47.06
CA ASN A 758 -10.57 -10.65 -47.09
C ASN A 758 -9.59 -9.55 -47.51
N SER A 759 -10.07 -8.44 -48.07
CA SER A 759 -9.17 -7.36 -48.42
C SER A 759 -8.59 -6.68 -47.19
N HIS A 760 -9.20 -6.88 -46.02
CA HIS A 760 -8.75 -6.26 -44.78
C HIS A 760 -7.88 -7.17 -43.93
N LYS A 761 -7.47 -8.31 -44.47
CA LYS A 761 -6.69 -9.25 -43.66
C LYS A 761 -5.37 -8.64 -43.21
N TRP A 762 -4.68 -7.95 -44.12
CA TRP A 762 -3.36 -7.40 -43.84
C TRP A 762 -3.38 -5.94 -43.40
N ARG A 763 -4.34 -5.16 -43.89
CA ARG A 763 -4.42 -3.76 -43.48
C ARG A 763 -4.56 -3.65 -41.97
N ASN A 764 -5.36 -4.52 -41.37
CA ASN A 764 -5.60 -4.42 -39.93
C ASN A 764 -4.33 -4.66 -39.15
N LEU A 765 -3.43 -5.49 -39.66
CA LEU A 765 -2.14 -5.68 -39.00
C LEU A 765 -1.36 -4.36 -38.96
N GLY A 766 -1.34 -3.65 -40.09
CA GLY A 766 -0.68 -2.36 -40.11
C GLY A 766 -1.33 -1.37 -39.16
N ILE A 767 -2.66 -1.36 -39.10
CA ILE A 767 -3.35 -0.43 -38.20
C ILE A 767 -3.03 -0.76 -36.75
N THR A 768 -2.98 -2.05 -36.40
CA THR A 768 -2.66 -2.43 -35.03
C THR A 768 -1.21 -2.08 -34.68
N ILE A 769 -0.29 -2.24 -35.63
CA ILE A 769 1.09 -1.82 -35.39
C ILE A 769 1.15 -0.32 -35.15
N GLY A 770 0.41 0.45 -35.96
CA GLY A 770 0.34 1.88 -35.72
C GLY A 770 -0.19 2.21 -34.34
N PHE A 771 -1.23 1.50 -33.90
CA PHE A 771 -1.76 1.72 -32.56
C PHE A 771 -0.71 1.42 -31.50
N ALA A 772 0.03 0.32 -31.67
CA ALA A 772 1.05 -0.04 -30.70
C ALA A 772 2.12 1.04 -30.61
N VAL A 773 2.58 1.53 -31.75
CA VAL A 773 3.61 2.57 -31.75
C VAL A 773 3.08 3.83 -31.09
N PHE A 774 1.85 4.22 -31.42
CA PHE A 774 1.27 5.43 -30.84
C PHE A 774 1.16 5.31 -29.33
N PHE A 775 0.70 4.16 -28.84
CA PHE A 775 0.55 4.00 -27.39
C PHE A 775 1.90 3.95 -26.70
N LEU A 776 2.92 3.38 -27.35
CA LEU A 776 4.26 3.42 -26.77
C LEU A 776 4.75 4.85 -26.65
N ALA A 777 4.55 5.66 -27.69
CA ALA A 777 4.96 7.05 -27.62
C ALA A 777 4.22 7.79 -26.52
N ILE A 778 2.91 7.56 -26.41
CA ILE A 778 2.13 8.22 -25.37
C ILE A 778 2.64 7.83 -24.00
N TYR A 779 2.92 6.53 -23.79
CA TYR A 779 3.37 6.08 -22.49
C TYR A 779 4.72 6.69 -22.13
N ILE A 780 5.65 6.74 -23.08
CA ILE A 780 6.95 7.33 -22.80
C ILE A 780 6.81 8.80 -22.46
N ALA A 781 6.02 9.53 -23.25
CA ALA A 781 5.84 10.96 -22.98
C ALA A 781 5.22 11.18 -21.60
N LEU A 782 4.21 10.38 -21.25
CA LEU A 782 3.56 10.55 -19.96
C LEU A 782 4.54 10.29 -18.83
N THR A 783 5.25 9.15 -18.88
CA THR A 783 6.17 8.85 -17.78
C THR A 783 7.28 9.88 -17.70
N GLU A 784 7.67 10.49 -18.82
CA GLU A 784 8.71 11.50 -18.79
C GLU A 784 8.22 12.80 -18.16
N PHE A 785 7.04 13.26 -18.57
CA PHE A 785 6.57 14.58 -18.15
C PHE A 785 5.66 14.51 -16.91
N ASN A 786 4.54 13.80 -17.01
CA ASN A 786 3.53 13.81 -15.96
C ASN A 786 4.04 12.99 -14.77
N LYS A 787 4.90 13.63 -13.98
CA LYS A 787 5.42 13.02 -12.77
C LYS A 787 5.75 14.10 -11.77
N GLY A 788 5.59 13.79 -10.49
CA GLY A 788 5.86 14.72 -9.42
C GLY A 788 5.60 14.13 -8.05
N ASN A 855 -9.11 3.92 42.71
CA ASN A 855 -8.56 2.57 42.63
C ASN A 855 -8.16 2.07 44.02
N ARG A 856 -9.10 1.45 44.72
CA ARG A 856 -8.82 0.96 46.06
C ARG A 856 -8.00 -0.33 46.03
N GLU A 857 -8.24 -1.19 45.06
CA GLU A 857 -7.57 -2.47 45.02
C GLU A 857 -6.08 -2.30 44.70
N ILE A 858 -5.27 -3.18 45.27
CA ILE A 858 -3.82 -3.19 45.06
C ILE A 858 -3.46 -4.51 44.40
N PHE A 859 -2.73 -4.42 43.29
CA PHE A 859 -2.40 -5.58 42.46
C PHE A 859 -0.92 -5.88 42.62
N PHE A 860 -0.59 -7.13 42.99
CA PHE A 860 0.81 -7.52 43.14
C PHE A 860 0.99 -8.95 42.65
N TRP A 861 2.26 -9.36 42.55
CA TRP A 861 2.60 -10.69 42.08
C TRP A 861 3.78 -11.19 42.90
N ARG A 862 3.87 -12.52 43.03
CA ARG A 862 4.92 -13.14 43.84
C ARG A 862 5.55 -14.28 43.06
N ASP A 863 6.89 -14.27 43.01
CA ASP A 863 7.67 -15.37 42.47
C ASP A 863 7.22 -15.76 41.06
N LEU A 864 6.93 -14.76 40.25
CA LEU A 864 6.50 -15.04 38.88
C LEU A 864 7.65 -15.63 38.07
N THR A 865 7.40 -16.79 37.46
CA THR A 865 8.37 -17.45 36.60
C THR A 865 7.66 -17.81 35.30
N TYR A 866 8.26 -17.46 34.17
CA TYR A 866 7.62 -17.64 32.88
C TYR A 866 8.66 -18.11 31.87
N GLN A 867 8.34 -19.21 31.19
CA GLN A 867 9.25 -19.84 30.23
C GLN A 867 8.52 -20.10 28.92
N VAL A 868 9.27 -20.07 27.82
CA VAL A 868 8.72 -20.26 26.49
C VAL A 868 9.43 -21.44 25.84
N LYS A 869 8.68 -22.23 25.08
CA LYS A 869 9.22 -23.38 24.36
C LYS A 869 9.64 -22.93 22.96
N ILE A 870 10.93 -22.99 22.67
CA ILE A 870 11.46 -22.67 21.36
C ILE A 870 12.43 -23.78 20.96
N LYS A 871 12.33 -24.24 19.71
CA LYS A 871 13.20 -25.31 19.21
C LYS A 871 13.14 -26.54 20.12
N LYS A 872 11.96 -26.79 20.70
CA LYS A 872 11.74 -27.89 21.64
C LYS A 872 12.58 -27.74 22.91
N GLU A 873 13.10 -26.54 23.16
CA GLU A 873 13.89 -26.25 24.34
C GLU A 873 13.14 -25.26 25.24
N ASP A 874 13.15 -25.53 26.53
CA ASP A 874 12.46 -24.69 27.52
C ASP A 874 13.46 -23.73 28.13
N ARG A 875 13.31 -22.45 27.84
CA ARG A 875 14.15 -21.40 28.42
C ARG A 875 13.28 -20.46 29.23
N VAL A 876 13.70 -20.18 30.45
CA VAL A 876 12.94 -19.29 31.33
C VAL A 876 13.21 -17.85 30.91
N ILE A 877 12.14 -17.12 30.59
CA ILE A 877 12.27 -15.70 30.25
C ILE A 877 12.22 -14.84 31.51
N LEU A 878 11.32 -15.15 32.44
CA LEU A 878 11.21 -14.44 33.70
C LEU A 878 11.52 -15.42 34.83
N ASP A 879 12.44 -15.02 35.72
CA ASP A 879 12.93 -15.87 36.80
C ASP A 879 12.61 -15.20 38.14
N HIS A 880 11.48 -15.58 38.73
CA HIS A 880 11.11 -15.16 40.07
C HIS A 880 11.19 -13.64 40.22
N VAL A 881 10.36 -12.95 39.44
CA VAL A 881 10.23 -11.50 39.54
C VAL A 881 9.04 -11.18 40.43
N ASP A 882 9.25 -10.35 41.44
CA ASP A 882 8.21 -9.96 42.38
C ASP A 882 8.11 -8.45 42.43
N GLY A 883 6.89 -7.96 42.57
CA GLY A 883 6.66 -6.52 42.63
C GLY A 883 5.20 -6.24 42.88
N TRP A 884 4.90 -4.95 43.04
CA TRP A 884 3.54 -4.50 43.29
C TRP A 884 3.38 -3.08 42.78
N VAL A 885 2.12 -2.68 42.59
CA VAL A 885 1.78 -1.31 42.24
C VAL A 885 0.75 -0.83 43.25
N LYS A 886 0.69 0.49 43.41
CA LYS A 886 -0.22 1.11 44.36
C LYS A 886 -0.87 2.32 43.71
N PRO A 887 -2.04 2.73 44.19
CA PRO A 887 -2.68 3.92 43.62
C PRO A 887 -1.82 5.15 43.84
N GLY A 888 -1.79 6.02 42.83
CA GLY A 888 -1.07 7.27 42.92
C GLY A 888 0.44 7.14 42.80
N GLN A 889 0.96 6.00 42.37
CA GLN A 889 2.39 5.80 42.23
C GLN A 889 2.67 5.21 40.85
N ILE A 890 3.64 5.80 40.16
CA ILE A 890 4.08 5.34 38.85
C ILE A 890 5.29 4.45 39.02
N THR A 891 5.22 3.24 38.48
CA THR A 891 6.27 2.24 38.63
C THR A 891 6.88 1.98 37.25
N ALA A 892 8.00 2.65 36.97
CA ALA A 892 8.71 2.41 35.73
C ALA A 892 9.30 1.01 35.73
N LEU A 893 9.24 0.35 34.56
CA LEU A 893 9.73 -1.01 34.40
C LEU A 893 10.72 -1.01 33.25
N MET A 894 12.01 -1.14 33.57
CA MET A 894 13.07 -1.03 32.58
C MET A 894 13.92 -2.28 32.54
N GLY A 895 14.64 -2.43 31.43
CA GLY A 895 15.54 -3.55 31.25
C GLY A 895 16.30 -3.37 29.95
N ALA A 896 17.27 -4.25 29.75
CA ALA A 896 18.03 -4.23 28.52
C ALA A 896 17.14 -4.65 27.34
N SER A 897 17.73 -4.67 26.15
CA SER A 897 16.97 -5.10 24.98
C SER A 897 16.49 -6.54 25.13
N GLY A 898 17.35 -7.41 25.61
CA GLY A 898 17.02 -8.80 25.85
C GLY A 898 16.49 -9.12 27.23
N ALA A 899 16.29 -8.10 28.08
CA ALA A 899 15.79 -8.36 29.42
C ALA A 899 14.32 -8.75 29.45
N GLY A 900 13.60 -8.53 28.35
CA GLY A 900 12.21 -8.93 28.28
C GLY A 900 11.29 -8.19 29.22
N LYS A 901 11.46 -6.86 29.35
CA LYS A 901 10.51 -6.07 30.13
C LYS A 901 9.13 -6.11 29.48
N THR A 902 9.07 -6.02 28.15
CA THR A 902 7.80 -6.11 27.46
C THR A 902 7.14 -7.47 27.71
N THR A 903 7.94 -8.53 27.78
CA THR A 903 7.38 -9.85 28.06
C THR A 903 6.73 -9.87 29.44
N LEU A 904 7.39 -9.29 30.44
CA LEU A 904 6.80 -9.24 31.77
C LEU A 904 5.52 -8.42 31.77
N LEU A 905 5.53 -7.28 31.08
CA LEU A 905 4.32 -6.45 31.03
C LEU A 905 3.16 -7.22 30.40
N ASN A 906 3.41 -7.88 29.27
CA ASN A 906 2.34 -8.61 28.61
C ASN A 906 1.87 -9.79 29.44
N CYS A 907 2.79 -10.49 30.12
CA CYS A 907 2.40 -11.60 30.97
C CYS A 907 1.55 -11.13 32.14
N LEU A 908 1.88 -9.97 32.72
CA LEU A 908 1.10 -9.48 33.84
C LEU A 908 -0.32 -9.12 33.44
N SER A 909 -0.51 -8.61 32.22
CA SER A 909 -1.83 -8.22 31.74
C SER A 909 -2.54 -9.34 31.01
N GLU A 910 -1.98 -10.54 30.97
CA GLU A 910 -2.59 -11.69 30.31
C GLU A 910 -2.85 -11.38 28.83
N ARG A 911 -1.78 -10.93 28.16
CA ARG A 911 -1.82 -10.64 26.74
C ARG A 911 -0.82 -11.46 25.95
N VAL A 912 -0.38 -12.60 26.51
CA VAL A 912 0.60 -13.47 25.87
C VAL A 912 -0.11 -14.77 25.50
N THR A 913 0.04 -15.18 24.25
CA THR A 913 -0.56 -16.39 23.74
C THR A 913 0.37 -17.60 23.78
N THR A 914 1.57 -17.44 24.33
CA THR A 914 2.57 -18.50 24.34
C THR A 914 3.18 -18.62 25.72
N GLY A 915 3.64 -19.82 26.05
CA GLY A 915 4.31 -20.08 27.31
C GLY A 915 3.34 -20.36 28.44
N ILE A 916 3.90 -20.78 29.57
CA ILE A 916 3.13 -21.10 30.77
C ILE A 916 3.84 -20.52 31.98
N ILE A 917 3.08 -20.30 33.04
CA ILE A 917 3.62 -19.83 34.31
C ILE A 917 3.92 -21.04 35.18
N THR A 918 5.10 -21.04 35.81
CA THR A 918 5.59 -22.20 36.53
C THR A 918 5.37 -22.09 38.04
N ASP A 919 5.86 -21.03 38.66
CA ASP A 919 5.88 -20.93 40.12
C ASP A 919 5.15 -19.72 40.68
N GLY A 920 4.79 -18.75 39.85
CA GLY A 920 4.29 -17.49 40.36
C GLY A 920 2.85 -17.53 40.83
N GLU A 921 2.43 -16.41 41.41
CA GLU A 921 1.04 -16.22 41.80
C GLU A 921 0.74 -14.73 41.78
N ARG A 922 -0.29 -14.35 41.03
CA ARG A 922 -0.73 -12.96 40.93
C ARG A 922 -1.96 -12.76 41.80
N LEU A 923 -1.93 -11.72 42.63
CA LEU A 923 -2.98 -11.46 43.61
C LEU A 923 -3.51 -10.05 43.46
N VAL A 924 -4.80 -9.89 43.73
CA VAL A 924 -5.45 -8.59 43.80
C VAL A 924 -6.09 -8.49 45.17
N ASN A 925 -5.49 -7.68 46.04
CA ASN A 925 -5.96 -7.54 47.43
C ASN A 925 -5.93 -8.89 48.14
N GLY A 926 -4.98 -9.74 47.77
CA GLY A 926 -4.79 -11.03 48.42
C GLY A 926 -5.65 -12.15 47.91
N HIS A 927 -6.39 -11.95 46.82
CA HIS A 927 -7.24 -12.98 46.23
C HIS A 927 -6.72 -13.35 44.85
N ALA A 928 -6.92 -14.62 44.49
CA ALA A 928 -6.53 -15.09 43.17
C ALA A 928 -7.35 -14.40 42.09
N LEU A 929 -6.77 -14.28 40.90
CA LEU A 929 -7.44 -13.59 39.81
C LEU A 929 -8.67 -14.37 39.37
N ASP A 930 -9.76 -13.64 39.15
CA ASP A 930 -11.00 -14.20 38.63
C ASP A 930 -11.13 -13.84 37.15
N SER A 931 -12.28 -14.16 36.56
CA SER A 931 -12.50 -13.90 35.14
C SER A 931 -12.73 -12.42 34.84
N SER A 932 -12.92 -11.59 35.86
CA SER A 932 -13.17 -10.17 35.68
C SER A 932 -11.89 -9.34 35.60
N PHE A 933 -10.72 -9.97 35.74
CA PHE A 933 -9.48 -9.21 35.77
C PHE A 933 -9.24 -8.49 34.46
N GLN A 934 -9.40 -9.18 33.33
CA GLN A 934 -9.00 -8.61 32.05
C GLN A 934 -9.80 -7.36 31.72
N ARG A 935 -11.03 -7.27 32.21
CA ARG A 935 -11.85 -6.09 31.98
C ARG A 935 -11.63 -5.00 33.01
N SER A 936 -10.84 -5.27 34.05
CA SER A 936 -10.59 -4.31 35.12
C SER A 936 -9.24 -3.62 35.00
N ILE A 937 -8.56 -3.76 33.85
CA ILE A 937 -7.29 -3.10 33.61
C ILE A 937 -7.35 -2.40 32.26
N GLY A 938 -6.54 -1.35 32.11
CA GLY A 938 -6.38 -0.66 30.86
C GLY A 938 -5.00 -0.91 30.29
N TYR A 939 -4.89 -0.93 28.97
CA TYR A 939 -3.62 -1.19 28.30
C TYR A 939 -3.46 -0.18 27.18
N VAL A 940 -2.42 0.66 27.28
CA VAL A 940 -2.15 1.69 26.28
C VAL A 940 -0.98 1.20 25.43
N GLN A 941 -1.29 0.78 24.21
CA GLN A 941 -0.27 0.24 23.33
C GLN A 941 0.68 1.34 22.87
N GLN A 942 1.89 0.92 22.47
CA GLN A 942 2.85 1.87 21.92
C GLN A 942 2.35 2.43 20.60
N GLN A 943 1.91 1.56 19.70
CA GLN A 943 1.39 1.99 18.40
C GLN A 943 -0.07 2.40 18.55
N ASP A 944 -0.40 3.58 18.04
CA ASP A 944 -1.76 4.10 18.09
C ASP A 944 -2.48 3.71 16.81
N VAL A 945 -3.39 2.75 16.92
CA VAL A 945 -4.18 2.28 15.78
C VAL A 945 -5.60 2.80 15.96
N HIS A 946 -6.02 3.69 15.08
CA HIS A 946 -7.35 4.28 15.13
C HIS A 946 -7.91 4.38 13.72
N LEU A 947 -9.23 4.32 13.62
CA LEU A 947 -9.89 4.51 12.34
C LEU A 947 -9.57 5.90 11.80
N GLU A 948 -9.43 6.00 10.49
CA GLU A 948 -9.01 7.24 9.85
C GLU A 948 -10.16 8.22 9.63
N THR A 949 -11.38 7.87 10.03
CA THR A 949 -12.54 8.72 9.81
C THR A 949 -13.18 9.22 11.09
N THR A 950 -13.37 8.34 12.08
CA THR A 950 -14.06 8.74 13.30
C THR A 950 -13.30 9.86 14.01
N THR A 951 -14.02 10.88 14.42
CA THR A 951 -13.43 11.98 15.16
C THR A 951 -13.09 11.56 16.58
N VAL A 952 -12.38 12.43 17.30
CA VAL A 952 -11.95 12.11 18.65
C VAL A 952 -13.16 11.82 19.53
N ARG A 953 -14.14 12.72 19.51
CA ARG A 953 -15.31 12.53 20.36
C ARG A 953 -16.07 11.27 19.99
N GLU A 954 -16.19 10.99 18.69
CA GLU A 954 -16.88 9.78 18.27
C GLU A 954 -16.17 8.53 18.77
N ALA A 955 -14.85 8.48 18.66
CA ALA A 955 -14.10 7.32 19.12
C ALA A 955 -14.25 7.13 20.62
N LEU A 956 -14.11 8.21 21.38
CA LEU A 956 -14.27 8.11 22.82
C LEU A 956 -15.68 7.65 23.19
N GLN A 957 -16.70 8.19 22.52
CA GLN A 957 -18.07 7.80 22.81
C GLN A 957 -18.31 6.34 22.47
N PHE A 958 -17.77 5.87 21.34
CA PHE A 958 -17.91 4.46 20.98
C PHE A 958 -17.30 3.56 22.05
N SER A 959 -16.08 3.88 22.47
CA SER A 959 -15.43 3.06 23.50
C SER A 959 -16.23 3.08 24.79
N ALA A 960 -16.70 4.27 25.19
CA ALA A 960 -17.46 4.38 26.43
C ALA A 960 -18.74 3.55 26.37
N TYR A 961 -19.46 3.63 25.24
CA TYR A 961 -20.70 2.88 25.11
C TYR A 961 -20.44 1.38 25.14
N LEU A 962 -19.39 0.91 24.47
CA LEU A 962 -19.19 -0.52 24.33
C LEU A 962 -18.38 -1.14 25.46
N ARG A 963 -17.82 -0.36 26.38
CA ARG A 963 -16.98 -0.92 27.43
C ARG A 963 -17.49 -0.69 28.84
N GLN A 964 -18.10 0.46 29.14
CA GLN A 964 -18.60 0.68 30.48
C GLN A 964 -19.72 -0.30 30.79
N SER A 965 -20.07 -0.40 32.07
CA SER A 965 -21.12 -1.32 32.49
C SER A 965 -22.46 -0.92 31.89
N ASN A 966 -23.31 -1.92 31.64
CA ASN A 966 -24.57 -1.66 30.96
C ASN A 966 -25.55 -0.88 31.83
N LYS A 967 -25.44 -1.00 33.15
CA LYS A 967 -26.39 -0.34 34.04
C LYS A 967 -26.24 1.18 34.03
N ILE A 968 -25.13 1.69 33.50
CA ILE A 968 -24.90 3.13 33.46
C ILE A 968 -25.65 3.72 32.28
N SER A 969 -26.40 4.79 32.54
CA SER A 969 -27.20 5.42 31.50
C SER A 969 -26.30 6.15 30.50
N LYS A 970 -26.87 6.43 29.33
CA LYS A 970 -26.10 7.08 28.27
C LYS A 970 -25.63 8.46 28.69
N LYS A 971 -26.45 9.19 29.46
CA LYS A 971 -26.07 10.53 29.88
C LYS A 971 -24.81 10.50 30.72
N GLU A 972 -24.70 9.53 31.63
CA GLU A 972 -23.49 9.42 32.44
C GLU A 972 -22.28 9.10 31.59
N LYS A 973 -22.44 8.25 30.57
CA LYS A 973 -21.33 7.94 29.69
C LYS A 973 -20.87 9.17 28.93
N ASP A 974 -21.80 9.98 28.44
CA ASP A 974 -21.42 11.21 27.75
C ASP A 974 -20.74 12.18 28.71
N ASP A 975 -21.24 12.26 29.96
CA ASP A 975 -20.61 13.13 30.94
C ASP A 975 -19.17 12.68 31.21
N TYR A 976 -18.95 11.37 31.32
CA TYR A 976 -17.59 10.89 31.55
C TYR A 976 -16.69 11.11 30.35
N VAL A 977 -17.24 11.00 29.14
CA VAL A 977 -16.44 11.30 27.95
C VAL A 977 -16.01 12.76 27.97
N ASP A 978 -16.94 13.66 28.32
CA ASP A 978 -16.58 15.07 28.44
C ASP A 978 -15.53 15.28 29.52
N TYR A 979 -15.66 14.58 30.64
CA TYR A 979 -14.68 14.70 31.72
C TYR A 979 -13.30 14.27 31.25
N VAL A 980 -13.22 13.15 30.52
CA VAL A 980 -11.94 12.67 30.04
C VAL A 980 -11.35 13.66 29.03
N ILE A 981 -12.19 14.20 28.15
CA ILE A 981 -11.70 15.18 27.17
C ILE A 981 -11.12 16.38 27.89
N ASP A 982 -11.81 16.88 28.91
CA ASP A 982 -11.31 18.02 29.67
C ASP A 982 -10.01 17.67 30.39
N LEU A 983 -9.94 16.47 30.97
CA LEU A 983 -8.80 16.11 31.80
C LEU A 983 -7.53 15.94 30.98
N LEU A 984 -7.65 15.63 29.69
CA LEU A 984 -6.50 15.41 28.83
C LEU A 984 -6.14 16.65 28.02
N GLU A 985 -6.76 17.80 28.31
CA GLU A 985 -6.51 19.04 27.58
C GLU A 985 -6.75 18.83 26.08
N MET A 986 -7.82 18.10 25.78
CA MET A 986 -8.18 17.75 24.41
C MET A 986 -9.28 18.62 23.84
N THR A 987 -9.78 19.59 24.59
CA THR A 987 -10.94 20.35 24.15
C THR A 987 -10.70 21.12 22.86
N ASP A 988 -9.44 21.42 22.54
CA ASP A 988 -9.16 22.25 21.35
C ASP A 988 -9.67 21.55 20.09
N TYR A 989 -9.38 20.26 19.94
CA TYR A 989 -9.69 19.53 18.73
C TYR A 989 -10.55 18.31 19.05
N ALA A 990 -11.55 18.51 19.91
CA ALA A 990 -12.43 17.41 20.29
C ALA A 990 -13.29 16.92 19.14
N ASP A 991 -13.35 17.64 18.03
CA ASP A 991 -14.15 17.25 16.88
C ASP A 991 -13.31 17.23 15.60
N ALA A 992 -12.04 16.84 15.72
CA ALA A 992 -11.14 16.79 14.59
C ALA A 992 -10.94 15.35 14.14
N LEU A 993 -11.09 15.11 12.84
CA LEU A 993 -10.93 13.76 12.30
C LEU A 993 -9.52 13.26 12.58
N VAL A 994 -9.43 11.99 13.01
CA VAL A 994 -8.12 11.41 13.29
C VAL A 994 -7.28 11.37 12.04
N GLY A 995 -7.84 10.84 10.95
CA GLY A 995 -7.16 10.82 9.68
C GLY A 995 -5.84 10.07 9.71
N VAL A 996 -5.16 10.02 8.56
CA VAL A 996 -3.86 9.37 8.52
C VAL A 996 -2.85 10.16 9.36
N ALA A 997 -1.78 9.48 9.75
CA ALA A 997 -0.76 10.12 10.57
C ALA A 997 -0.15 11.33 9.86
N GLY A 998 -0.04 11.27 8.53
CA GLY A 998 0.55 12.39 7.81
C GLY A 998 -0.29 13.65 7.91
N GLU A 999 -1.60 13.52 7.71
CA GLU A 999 -2.53 14.64 7.72
C GLU A 999 -3.59 14.38 8.77
N GLY A 1000 -3.59 15.20 9.81
CA GLY A 1000 -4.53 15.06 10.90
C GLY A 1000 -3.85 15.32 12.23
N LEU A 1001 -4.17 14.50 13.22
CA LEU A 1001 -3.57 14.64 14.53
C LEU A 1001 -2.13 14.14 14.53
N ASN A 1002 -1.24 14.89 15.16
CA ASN A 1002 0.17 14.55 15.19
C ASN A 1002 0.42 13.49 16.27
N VAL A 1003 1.69 13.20 16.55
CA VAL A 1003 2.03 12.09 17.43
C VAL A 1003 1.48 12.33 18.84
N GLU A 1004 1.71 13.51 19.38
CA GLU A 1004 1.27 13.79 20.74
C GLU A 1004 -0.24 13.67 20.87
N GLN A 1005 -0.96 14.25 19.91
CA GLN A 1005 -2.42 14.20 19.96
C GLN A 1005 -2.93 12.78 19.82
N ARG A 1006 -2.31 11.98 18.95
CA ARG A 1006 -2.72 10.58 18.82
C ARG A 1006 -2.48 9.82 20.11
N LYS A 1007 -1.33 10.04 20.75
CA LYS A 1007 -1.06 9.35 22.01
C LYS A 1007 -2.05 9.76 23.08
N ARG A 1008 -2.38 11.05 23.16
CA ARG A 1008 -3.38 11.49 24.11
C ARG A 1008 -4.73 10.86 23.82
N LEU A 1009 -5.08 10.74 22.53
CA LEU A 1009 -6.34 10.09 22.18
C LEU A 1009 -6.35 8.63 22.62
N THR A 1010 -5.24 7.92 22.43
CA THR A 1010 -5.20 6.52 22.84
C THR A 1010 -5.34 6.39 24.35
N ILE A 1011 -4.63 7.24 25.10
CA ILE A 1011 -4.75 7.20 26.55
C ILE A 1011 -6.18 7.50 26.96
N GLY A 1012 -6.83 8.45 26.29
CA GLY A 1012 -8.22 8.75 26.61
C GLY A 1012 -9.15 7.58 26.31
N VAL A 1013 -8.93 6.91 25.18
CA VAL A 1013 -9.76 5.77 24.83
C VAL A 1013 -9.64 4.69 25.87
N GLU A 1014 -8.41 4.43 26.35
CA GLU A 1014 -8.24 3.42 27.38
C GLU A 1014 -8.76 3.88 28.73
N LEU A 1015 -8.79 5.19 28.98
CA LEU A 1015 -9.27 5.71 30.25
C LEU A 1015 -10.78 5.69 30.35
N VAL A 1016 -11.48 5.98 29.24
CA VAL A 1016 -12.93 6.14 29.30
C VAL A 1016 -13.61 4.84 29.69
N ALA A 1017 -12.95 3.70 29.50
CA ALA A 1017 -13.51 2.43 29.92
C ALA A 1017 -13.60 2.30 31.43
N LYS A 1018 -13.00 3.23 32.17
CA LYS A 1018 -13.06 3.23 33.63
C LYS A 1018 -12.41 1.97 34.21
N PRO A 1019 -11.10 1.79 34.02
CA PRO A 1019 -10.43 0.67 34.69
C PRO A 1019 -10.47 0.86 36.20
N LYS A 1020 -10.54 -0.27 36.91
CA LYS A 1020 -10.63 -0.25 38.36
C LYS A 1020 -9.37 -0.72 39.07
N LEU A 1021 -8.45 -1.36 38.37
CA LEU A 1021 -7.28 -1.98 38.99
C LEU A 1021 -5.97 -1.33 38.57
N LEU A 1022 -5.70 -1.26 37.27
CA LEU A 1022 -4.38 -0.84 36.80
C LEU A 1022 -4.50 -0.26 35.40
N LEU A 1023 -3.46 0.47 35.01
CA LEU A 1023 -3.36 1.05 33.67
C LEU A 1023 -1.93 0.82 33.18
N PHE A 1024 -1.71 -0.31 32.50
CA PHE A 1024 -0.42 -0.56 31.88
C PHE A 1024 -0.24 0.35 30.67
N LEU A 1025 0.97 0.87 30.51
CA LEU A 1025 1.33 1.65 29.33
C LEU A 1025 2.59 1.05 28.75
N ASP A 1026 2.60 0.81 27.44
CA ASP A 1026 3.73 0.18 26.76
C ASP A 1026 4.50 1.25 26.00
N GLU A 1027 5.70 1.57 26.47
CA GLU A 1027 6.59 2.52 25.81
C GLU A 1027 5.86 3.82 25.45
N PRO A 1028 5.25 4.48 26.42
CA PRO A 1028 4.56 5.74 26.11
C PRO A 1028 5.48 6.82 25.57
N THR A 1029 6.74 6.84 26.00
CA THR A 1029 7.67 7.90 25.66
C THR A 1029 8.69 7.47 24.61
N SER A 1030 8.37 6.49 23.78
CA SER A 1030 9.26 6.03 22.73
C SER A 1030 8.76 6.50 21.37
N GLY A 1031 9.67 7.02 20.56
CA GLY A 1031 9.31 7.54 19.26
C GLY A 1031 8.84 8.98 19.26
N LEU A 1032 8.97 9.68 20.38
CA LEU A 1032 8.54 11.06 20.51
C LEU A 1032 9.73 11.95 20.84
N ASP A 1033 9.64 13.20 20.43
CA ASP A 1033 10.72 14.15 20.68
C ASP A 1033 10.86 14.43 22.17
N SER A 1034 11.83 15.27 22.52
CA SER A 1034 12.13 15.53 23.92
C SER A 1034 11.07 16.39 24.61
N GLN A 1035 10.27 17.12 23.84
CA GLN A 1035 9.22 17.94 24.43
C GLN A 1035 7.89 17.20 24.53
N THR A 1036 7.52 16.47 23.48
CA THR A 1036 6.30 15.67 23.55
C THR A 1036 6.40 14.59 24.62
N ALA A 1037 7.58 13.99 24.78
CA ALA A 1037 7.77 13.01 25.84
C ALA A 1037 7.59 13.64 27.20
N TRP A 1038 8.11 14.86 27.40
CA TRP A 1038 7.91 15.56 28.67
C TRP A 1038 6.43 15.83 28.90
N SER A 1039 5.71 16.25 27.86
CA SER A 1039 4.29 16.51 28.01
C SER A 1039 3.53 15.24 28.39
N ILE A 1040 3.86 14.12 27.75
CA ILE A 1040 3.19 12.86 28.08
C ILE A 1040 3.51 12.45 29.51
N CYS A 1041 4.77 12.63 29.93
CA CYS A 1041 5.13 12.30 31.31
C CYS A 1041 4.36 13.16 32.30
N LYS A 1042 4.19 14.45 31.99
CA LYS A 1042 3.40 15.30 32.87
C LYS A 1042 1.94 14.84 32.91
N LEU A 1043 1.40 14.43 31.77
CA LEU A 1043 0.03 13.91 31.76
C LEU A 1043 -0.08 12.67 32.64
N MET A 1044 0.89 11.77 32.55
CA MET A 1044 0.87 10.57 33.38
C MET A 1044 0.98 10.93 34.86
N ARG A 1045 1.82 11.92 35.18
CA ARG A 1045 1.91 12.38 36.56
C ARG A 1045 0.57 12.93 37.05
N LYS A 1046 -0.12 13.69 36.21
CA LYS A 1046 -1.43 14.21 36.59
C LYS A 1046 -2.42 13.06 36.82
N LEU A 1047 -2.43 12.07 35.93
CA LEU A 1047 -3.32 10.94 36.10
C LEU A 1047 -3.04 10.21 37.41
N ALA A 1048 -1.76 9.99 37.71
CA ALA A 1048 -1.41 9.37 38.98
C ALA A 1048 -1.88 10.21 40.15
N ASP A 1049 -1.71 11.54 40.06
CA ASP A 1049 -2.18 12.41 41.12
C ASP A 1049 -3.68 12.29 41.34
N HIS A 1050 -4.44 12.07 40.27
CA HIS A 1050 -5.89 11.96 40.39
C HIS A 1050 -6.34 10.69 41.12
N GLY A 1051 -5.44 9.73 41.34
CA GLY A 1051 -5.79 8.54 42.09
C GLY A 1051 -5.76 7.25 41.28
N GLN A 1052 -4.85 7.18 40.30
CA GLN A 1052 -4.71 6.02 39.45
C GLN A 1052 -3.39 5.32 39.71
N ALA A 1053 -3.33 4.03 39.37
CA ALA A 1053 -2.12 3.24 39.47
C ALA A 1053 -1.59 2.96 38.07
N ILE A 1054 -0.31 3.25 37.85
CA ILE A 1054 0.31 3.16 36.53
C ILE A 1054 1.52 2.27 36.60
N LEU A 1055 1.71 1.43 35.59
CA LEU A 1055 2.89 0.59 35.44
C LEU A 1055 3.36 0.70 34.00
N CYS A 1056 4.39 1.50 33.76
CA CYS A 1056 4.83 1.83 32.42
C CYS A 1056 6.23 1.26 32.15
N THR A 1057 6.46 0.91 30.90
CA THR A 1057 7.77 0.45 30.44
C THR A 1057 8.41 1.57 29.64
N ILE A 1058 9.62 1.98 30.04
CA ILE A 1058 10.32 3.10 29.44
C ILE A 1058 11.57 2.58 28.75
N HIS A 1059 11.86 3.11 27.57
CA HIS A 1059 13.02 2.72 26.78
C HIS A 1059 13.86 3.95 26.49
N GLN A 1060 15.13 3.90 26.87
CA GLN A 1060 16.09 4.96 26.59
C GLN A 1060 15.54 6.31 27.02
N PRO A 1061 15.32 6.53 28.32
CA PRO A 1061 14.84 7.84 28.77
C PRO A 1061 15.96 8.81 29.09
N SER A 1062 15.61 10.05 29.41
CA SER A 1062 16.55 11.06 29.86
C SER A 1062 16.37 11.32 31.35
N ALA A 1063 17.25 12.14 31.90
CA ALA A 1063 17.24 12.39 33.34
C ALA A 1063 15.96 13.10 33.78
N LEU A 1064 15.55 14.12 33.04
CA LEU A 1064 14.40 14.91 33.47
C LEU A 1064 13.13 14.08 33.51
N ILE A 1065 12.87 13.30 32.45
CA ILE A 1065 11.70 12.43 32.46
C ILE A 1065 11.83 11.39 33.57
N MET A 1066 13.02 10.80 33.73
CA MET A 1066 13.21 9.77 34.75
C MET A 1066 12.93 10.30 36.14
N ALA A 1067 13.17 11.60 36.37
CA ALA A 1067 12.96 12.15 37.70
C ALA A 1067 11.49 12.17 38.11
N GLU A 1068 10.58 11.93 37.18
CA GLU A 1068 9.14 12.06 37.43
C GLU A 1068 8.48 10.78 37.89
N PHE A 1069 9.23 9.70 38.11
CA PHE A 1069 8.67 8.42 38.52
C PHE A 1069 8.84 8.22 40.02
N ASP A 1070 8.00 7.34 40.57
CA ASP A 1070 7.99 7.06 42.00
C ASP A 1070 8.63 5.73 42.37
N ARG A 1071 8.52 4.72 41.52
CA ARG A 1071 9.14 3.43 41.78
C ARG A 1071 9.81 2.92 40.52
N LEU A 1072 10.83 2.07 40.70
CA LEU A 1072 11.61 1.54 39.60
C LEU A 1072 11.71 0.03 39.75
N LEU A 1073 11.66 -0.66 38.61
CA LEU A 1073 11.85 -2.12 38.58
C LEU A 1073 12.77 -2.43 37.40
N PHE A 1074 13.99 -2.87 37.70
CA PHE A 1074 15.02 -3.09 36.69
C PHE A 1074 15.22 -4.58 36.48
N LEU A 1075 15.21 -5.02 35.23
CA LEU A 1075 15.38 -6.42 34.87
C LEU A 1075 16.70 -6.60 34.13
N GLN A 1076 17.52 -7.52 34.63
CA GLN A 1076 18.76 -7.86 33.95
C GLN A 1076 18.46 -8.70 32.71
N LYS A 1077 19.51 -9.14 32.05
CA LYS A 1077 19.34 -10.10 30.94
C LYS A 1077 18.75 -11.38 31.47
N GLY A 1078 17.80 -11.94 30.71
CA GLY A 1078 17.12 -13.16 31.13
C GLY A 1078 15.99 -12.95 32.11
N GLY A 1079 15.50 -11.71 32.26
CA GLY A 1079 14.39 -11.46 33.16
C GLY A 1079 14.70 -11.69 34.62
N ARG A 1080 15.86 -11.23 35.09
CA ARG A 1080 16.25 -11.33 36.48
C ARG A 1080 16.27 -9.93 37.10
N THR A 1081 15.56 -9.75 38.21
CA THR A 1081 15.43 -8.44 38.80
C THR A 1081 16.75 -8.00 39.43
N ALA A 1082 17.15 -6.76 39.15
CA ALA A 1082 18.34 -6.16 39.75
C ALA A 1082 17.99 -5.22 40.89
N TYR A 1083 17.14 -4.24 40.64
CA TYR A 1083 16.71 -3.29 41.67
C TYR A 1083 15.20 -3.13 41.60
N PHE A 1084 14.58 -2.91 42.75
CA PHE A 1084 13.15 -2.67 42.82
C PHE A 1084 12.87 -1.84 44.06
N GLY A 1085 12.66 -0.54 43.87
CA GLY A 1085 12.37 0.33 44.98
C GLY A 1085 12.29 1.77 44.51
N GLU A 1086 11.75 2.62 45.37
CA GLU A 1086 11.64 4.03 45.06
C GLU A 1086 13.01 4.60 44.71
N LEU A 1087 13.05 5.38 43.63
CA LEU A 1087 14.31 5.96 43.16
C LEU A 1087 14.55 7.36 43.73
N GLY A 1088 13.66 7.85 44.59
CA GLY A 1088 13.91 9.11 45.25
C GLY A 1088 13.90 10.29 44.29
N GLU A 1089 14.58 11.34 44.71
CA GLU A 1089 14.68 12.57 43.94
C GLU A 1089 15.98 12.56 43.14
N ASN A 1090 15.88 12.86 41.84
CA ASN A 1090 17.03 12.85 40.95
C ASN A 1090 17.73 11.49 40.96
N CYS A 1091 16.94 10.43 41.09
CA CYS A 1091 17.44 9.06 41.09
C CYS A 1091 18.52 8.85 42.14
N GLN A 1092 18.46 9.60 43.25
CA GLN A 1092 19.49 9.48 44.28
C GLN A 1092 19.45 8.11 44.94
N THR A 1093 18.25 7.57 45.17
CA THR A 1093 18.13 6.31 45.91
C THR A 1093 18.78 5.16 45.15
N MET A 1094 18.48 5.03 43.86
CA MET A 1094 19.07 3.96 43.07
C MET A 1094 20.58 4.10 43.00
N ILE A 1095 21.06 5.33 42.80
CA ILE A 1095 22.50 5.56 42.72
C ILE A 1095 23.17 5.15 44.02
N ASN A 1096 22.59 5.55 45.16
CA ASN A 1096 23.16 5.18 46.44
C ASN A 1096 23.15 3.68 46.64
N TYR A 1097 22.04 3.02 46.28
CA TYR A 1097 21.95 1.57 46.42
C TYR A 1097 23.04 0.87 45.63
N PHE A 1098 23.21 1.25 44.37
CA PHE A 1098 24.21 0.59 43.54
C PHE A 1098 25.62 0.90 44.01
N GLU A 1099 25.88 2.14 44.45
CA GLU A 1099 27.21 2.51 44.88
C GLU A 1099 27.60 1.80 46.17
N LYS A 1100 26.66 1.65 47.10
CA LYS A 1100 26.97 1.07 48.40
C LYS A 1100 27.19 -0.44 48.33
N TYR A 1101 26.91 -1.07 47.19
CA TYR A 1101 27.10 -2.51 47.00
C TYR A 1101 28.24 -2.79 46.04
N GLY A 1102 29.29 -1.96 46.07
CA GLY A 1102 30.46 -2.20 45.26
C GLY A 1102 30.29 -1.84 43.81
N ALA A 1103 30.01 -0.57 43.54
CA ALA A 1103 29.90 -0.07 42.18
C ALA A 1103 30.61 1.27 42.08
N ASP A 1104 31.04 1.60 40.87
CA ASP A 1104 31.73 2.87 40.65
C ASP A 1104 30.76 4.04 40.86
N PRO A 1105 31.25 5.16 41.38
CA PRO A 1105 30.36 6.30 41.61
C PRO A 1105 29.83 6.87 40.31
N CYS A 1106 28.62 7.41 40.38
CA CYS A 1106 28.00 8.00 39.20
C CYS A 1106 28.61 9.38 38.92
N PRO A 1107 28.97 9.68 37.67
CA PRO A 1107 29.46 11.02 37.36
C PRO A 1107 28.39 12.08 37.59
N LYS A 1108 28.86 13.28 37.94
CA LYS A 1108 27.92 14.36 38.28
C LYS A 1108 27.05 14.75 37.10
N GLU A 1109 27.58 14.64 35.88
CA GLU A 1109 26.86 15.05 34.68
C GLU A 1109 26.41 13.87 33.83
N ALA A 1110 26.33 12.67 34.42
CA ALA A 1110 25.96 11.47 33.69
C ALA A 1110 24.47 11.19 33.86
N ASN A 1111 23.86 10.72 32.79
CA ASN A 1111 22.44 10.36 32.83
C ASN A 1111 22.29 9.09 33.66
N PRO A 1112 21.45 9.08 34.71
CA PRO A 1112 21.39 7.88 35.57
C PRO A 1112 20.99 6.62 34.83
N ALA A 1113 20.12 6.71 33.82
CA ALA A 1113 19.69 5.49 33.12
C ALA A 1113 20.86 4.81 32.43
N GLU A 1114 21.66 5.58 31.68
CA GLU A 1114 22.80 5.00 30.98
C GLU A 1114 23.82 4.43 31.96
N TRP A 1115 24.07 5.15 33.06
CA TRP A 1115 25.04 4.66 34.05
C TRP A 1115 24.55 3.37 34.68
N MET A 1116 23.26 3.28 34.98
CA MET A 1116 22.71 2.05 35.55
C MET A 1116 22.86 0.89 34.56
N LEU A 1117 22.50 1.14 33.30
CA LEU A 1117 22.61 0.09 32.29
C LEU A 1117 24.05 -0.37 32.15
N GLN A 1118 25.00 0.56 32.18
CA GLN A 1118 26.41 0.21 32.01
C GLN A 1118 26.92 -0.58 33.22
N VAL A 1119 26.59 -0.14 34.43
CA VAL A 1119 27.09 -0.84 35.61
C VAL A 1119 26.53 -2.25 35.66
N VAL A 1120 25.26 -2.42 35.29
CA VAL A 1120 24.73 -3.78 35.23
C VAL A 1120 25.44 -4.58 34.16
N GLY A 1121 25.82 -3.94 33.05
CA GLY A 1121 26.59 -4.59 32.01
C GLY A 1121 25.88 -4.74 30.68
N ALA A 1122 24.60 -4.33 30.59
CA ALA A 1122 23.88 -4.47 29.33
C ALA A 1122 24.42 -3.53 28.26
N ALA A 1123 24.96 -2.38 28.66
CA ALA A 1123 25.44 -1.42 27.69
C ALA A 1123 26.62 -2.01 26.91
N PRO A 1124 26.71 -1.76 25.60
CA PRO A 1124 27.83 -2.30 24.83
C PRO A 1124 29.16 -1.73 25.31
N GLY A 1125 30.19 -2.57 25.27
CA GLY A 1125 31.51 -2.13 25.67
C GLY A 1125 31.67 -1.88 27.15
N SER A 1126 30.81 -2.49 27.98
CA SER A 1126 30.87 -2.32 29.42
C SER A 1126 31.01 -3.68 30.09
N HIS A 1127 31.82 -3.72 31.16
CA HIS A 1127 32.10 -4.95 31.89
C HIS A 1127 31.54 -4.82 33.30
N ALA A 1128 30.85 -5.86 33.76
CA ALA A 1128 30.23 -5.88 35.08
C ALA A 1128 31.18 -6.53 36.08
N LYS A 1129 31.41 -5.87 37.21
CA LYS A 1129 32.30 -6.43 38.22
C LYS A 1129 31.78 -7.76 38.73
N GLN A 1130 30.47 -7.85 38.98
CA GLN A 1130 29.83 -9.11 39.33
C GLN A 1130 28.35 -8.99 39.00
N ASP A 1131 27.72 -10.13 38.76
CA ASP A 1131 26.29 -10.12 38.47
C ASP A 1131 25.52 -9.57 39.67
N TYR A 1132 24.52 -8.73 39.38
CA TYR A 1132 23.77 -8.04 40.42
C TYR A 1132 22.49 -8.76 40.80
N PHE A 1133 22.08 -9.76 40.03
CA PHE A 1133 20.92 -10.57 40.42
C PHE A 1133 21.16 -11.22 41.78
N GLU A 1134 22.31 -11.89 41.93
CA GLU A 1134 22.60 -12.60 43.17
C GLU A 1134 22.69 -11.63 44.34
N VAL A 1135 23.40 -10.51 44.17
CA VAL A 1135 23.56 -9.57 45.27
C VAL A 1135 22.19 -8.98 45.64
N TRP A 1136 21.32 -8.79 44.65
CA TRP A 1136 19.97 -8.32 44.94
C TRP A 1136 19.20 -9.37 45.73
N ARG A 1137 19.41 -10.65 45.44
CA ARG A 1137 18.71 -11.70 46.18
C ARG A 1137 18.92 -11.55 47.68
N ASN A 1138 20.16 -11.40 48.12
CA ASN A 1138 20.50 -11.23 49.53
C ASN A 1138 21.06 -9.82 49.68
N SER A 1139 20.17 -8.86 49.92
CA SER A 1139 20.55 -7.46 49.95
C SER A 1139 20.02 -6.69 51.16
N SER A 1140 19.34 -7.35 52.09
CA SER A 1140 18.72 -6.70 53.24
C SER A 1140 17.54 -5.83 52.85
N GLU A 1141 17.20 -5.76 51.56
CA GLU A 1141 16.05 -5.00 51.10
C GLU A 1141 15.11 -5.92 50.32
N TYR A 1142 15.67 -6.98 49.72
CA TYR A 1142 14.81 -8.05 49.22
C TYR A 1142 14.02 -8.65 50.38
N GLN A 1143 14.63 -8.74 51.56
CA GLN A 1143 13.89 -9.16 52.74
C GLN A 1143 12.77 -8.19 53.06
N ALA A 1144 13.05 -6.89 52.92
CA ALA A 1144 11.99 -5.90 53.13
C ALA A 1144 10.87 -6.06 52.11
N VAL A 1145 11.23 -6.34 50.86
CA VAL A 1145 10.20 -6.56 49.83
C VAL A 1145 9.36 -7.78 50.18
N ARG A 1146 10.00 -8.87 50.60
CA ARG A 1146 9.27 -10.07 50.97
C ARG A 1146 8.33 -9.77 52.14
N GLU A 1147 8.82 -9.05 53.15
CA GLU A 1147 7.99 -8.73 54.31
C GLU A 1147 6.79 -7.88 53.90
N GLU A 1148 7.02 -6.90 53.03
CA GLU A 1148 5.92 -6.04 52.60
C GLU A 1148 4.88 -6.85 51.83
N ILE A 1149 5.33 -7.73 50.93
CA ILE A 1149 4.39 -8.54 50.16
C ILE A 1149 3.58 -9.44 51.08
N ASN A 1150 4.25 -10.10 52.03
CA ASN A 1150 3.54 -10.99 52.94
C ASN A 1150 2.56 -10.21 53.81
N ARG A 1151 2.96 -9.03 54.29
CA ARG A 1151 2.06 -8.21 55.09
C ARG A 1151 0.84 -7.78 54.29
N MET A 1152 1.05 -7.39 53.04
CA MET A 1152 -0.08 -7.03 52.19
C MET A 1152 -1.01 -8.21 52.00
N GLU A 1153 -0.45 -9.39 51.72
CA GLU A 1153 -1.28 -10.56 51.51
C GLU A 1153 -2.07 -10.90 52.77
N ALA A 1154 -1.43 -10.78 53.93
CA ALA A 1154 -2.10 -11.16 55.17
C ALA A 1154 -3.16 -10.16 55.60
N GLU A 1155 -2.98 -8.87 55.26
CA GLU A 1155 -3.91 -7.85 55.72
C GLU A 1155 -5.03 -7.64 54.70
N LEU A 1156 -4.68 -7.33 53.45
CA LEU A 1156 -5.70 -6.98 52.46
C LEU A 1156 -6.67 -8.13 52.21
N SER A 1157 -6.29 -9.37 52.55
CA SER A 1157 -7.19 -10.50 52.37
C SER A 1157 -8.45 -10.34 53.21
N LYS A 1158 -8.40 -9.57 54.29
CA LYS A 1158 -9.54 -9.38 55.17
C LYS A 1158 -10.47 -8.25 54.72
N LEU A 1159 -10.07 -7.48 53.71
CA LEU A 1159 -10.92 -6.39 53.24
C LEU A 1159 -12.14 -6.96 52.53
N PRO A 1160 -13.35 -6.47 52.83
CA PRO A 1160 -14.54 -6.99 52.15
C PRO A 1160 -14.44 -6.79 50.64
N ARG A 1161 -14.90 -7.78 49.89
CA ARG A 1161 -14.86 -7.75 48.44
C ARG A 1161 -16.12 -7.08 47.90
N ASP A 1162 -15.97 -6.43 46.74
CA ASP A 1162 -17.08 -5.78 46.04
C ASP A 1162 -17.56 -6.75 44.97
N ASN A 1163 -18.55 -7.56 45.32
CA ASN A 1163 -19.06 -8.61 44.44
C ASN A 1163 -20.16 -8.00 43.56
N ASP A 1164 -19.82 -7.71 42.31
CA ASP A 1164 -20.76 -7.16 41.34
C ASP A 1164 -21.06 -8.24 40.29
N PRO A 1165 -22.28 -8.75 40.19
CA PRO A 1165 -22.51 -9.89 39.28
C PRO A 1165 -22.38 -9.53 37.82
N GLU A 1166 -22.51 -8.24 37.46
CA GLU A 1166 -22.32 -7.85 36.07
C GLU A 1166 -20.84 -7.80 35.70
N ALA A 1167 -19.96 -7.65 36.69
CA ALA A 1167 -18.53 -7.55 36.39
C ALA A 1167 -18.01 -8.83 35.77
N LEU A 1168 -18.43 -9.99 36.29
CA LEU A 1168 -17.92 -11.28 35.82
C LEU A 1168 -18.61 -11.69 34.51
N LEU A 1169 -18.50 -10.82 33.52
CA LEU A 1169 -19.07 -11.05 32.20
C LEU A 1169 -17.97 -10.86 31.16
N LYS A 1170 -17.95 -11.74 30.16
CA LYS A 1170 -16.88 -11.69 29.16
C LYS A 1170 -16.90 -10.38 28.40
N TYR A 1171 -18.09 -9.89 28.04
CA TYR A 1171 -18.24 -8.64 27.33
C TYR A 1171 -19.23 -7.75 28.08
N ALA A 1172 -18.94 -6.44 28.10
CA ALA A 1172 -19.76 -5.52 28.89
C ALA A 1172 -21.12 -5.31 28.27
N ALA A 1173 -21.19 -5.14 26.95
CA ALA A 1173 -22.45 -4.86 26.29
C ALA A 1173 -23.01 -6.12 25.64
N PRO A 1174 -24.34 -6.28 25.62
CA PRO A 1174 -24.92 -7.47 25.00
C PRO A 1174 -24.62 -7.51 23.51
N LEU A 1175 -24.76 -8.70 22.93
CA LEU A 1175 -24.28 -8.94 21.58
C LEU A 1175 -25.01 -8.05 20.57
N TRP A 1176 -26.32 -7.88 20.72
CA TRP A 1176 -27.06 -7.10 19.73
C TRP A 1176 -26.58 -5.65 19.71
N LYS A 1177 -26.30 -5.08 20.89
CA LYS A 1177 -25.79 -3.72 20.94
C LYS A 1177 -24.44 -3.61 20.23
N GLN A 1178 -23.55 -4.58 20.46
CA GLN A 1178 -22.26 -4.56 19.78
C GLN A 1178 -22.44 -4.62 18.27
N TYR A 1179 -23.32 -5.51 17.81
CA TYR A 1179 -23.54 -5.66 16.37
C TYR A 1179 -24.06 -4.35 15.78
N LEU A 1180 -25.06 -3.75 16.43
CA LEU A 1180 -25.63 -2.51 15.91
C LEU A 1180 -24.58 -1.41 15.86
N LEU A 1181 -23.82 -1.24 16.95
CA LEU A 1181 -22.86 -0.14 17.00
C LEU A 1181 -21.75 -0.36 15.98
N VAL A 1182 -21.25 -1.59 15.82
CA VAL A 1182 -20.20 -1.84 14.85
C VAL A 1182 -20.71 -1.61 13.43
N SER A 1183 -21.93 -2.07 13.14
CA SER A 1183 -22.49 -1.86 11.80
C SER A 1183 -22.63 -0.38 11.51
N TRP A 1184 -23.15 0.40 12.47
CA TRP A 1184 -23.30 1.83 12.25
C TRP A 1184 -21.94 2.50 12.07
N ARG A 1185 -20.95 2.11 12.87
CA ARG A 1185 -19.63 2.70 12.73
C ARG A 1185 -19.04 2.43 11.36
N THR A 1186 -19.18 1.19 10.87
CA THR A 1186 -18.63 0.87 9.56
C THR A 1186 -19.38 1.61 8.46
N ILE A 1187 -20.70 1.73 8.58
CA ILE A 1187 -21.47 2.45 7.58
C ILE A 1187 -21.03 3.91 7.52
N VAL A 1188 -20.87 4.54 8.69
CA VAL A 1188 -20.43 5.93 8.73
C VAL A 1188 -19.03 6.06 8.16
N GLN A 1189 -18.15 5.12 8.48
CA GLN A 1189 -16.78 5.19 7.97
C GLN A 1189 -16.75 5.08 6.45
N ASP A 1190 -17.57 4.19 5.88
CA ASP A 1190 -17.66 4.12 4.43
C ASP A 1190 -18.24 5.40 3.85
N TRP A 1191 -19.24 5.98 4.52
CA TRP A 1191 -19.84 7.22 4.04
C TRP A 1191 -18.83 8.34 3.98
N ARG A 1192 -18.00 8.47 5.03
CA ARG A 1192 -17.02 9.55 5.11
C ARG A 1192 -15.73 9.24 4.40
N SER A 1193 -15.59 8.06 3.80
CA SER A 1193 -14.33 7.72 3.15
C SER A 1193 -14.07 8.70 2.00
N PRO A 1194 -12.82 9.12 1.79
CA PRO A 1194 -12.55 10.17 0.80
C PRO A 1194 -12.72 9.69 -0.63
N GLY A 1195 -13.96 9.58 -1.08
CA GLY A 1195 -14.24 9.24 -2.46
C GLY A 1195 -14.23 7.75 -2.74
N TYR A 1196 -14.86 6.98 -1.86
CA TYR A 1196 -15.06 5.56 -2.10
C TYR A 1196 -16.45 5.24 -2.60
N ILE A 1197 -17.48 5.89 -2.06
CA ILE A 1197 -18.83 5.72 -2.60
C ILE A 1197 -18.94 6.33 -3.97
N TYR A 1198 -18.29 7.48 -4.20
CA TYR A 1198 -18.38 8.13 -5.49
C TYR A 1198 -17.71 7.30 -6.57
N SER A 1199 -16.58 6.67 -6.26
CA SER A 1199 -15.94 5.81 -7.25
C SER A 1199 -16.85 4.66 -7.65
N LYS A 1200 -17.48 4.02 -6.65
CA LYS A 1200 -18.38 2.92 -6.93
C LYS A 1200 -19.56 3.37 -7.77
N ILE A 1201 -20.17 4.50 -7.40
CA ILE A 1201 -21.33 4.99 -8.15
C ILE A 1201 -20.94 5.33 -9.57
N PHE A 1202 -19.81 6.00 -9.75
CA PHE A 1202 -19.38 6.37 -11.10
C PHE A 1202 -19.13 5.12 -11.94
N LEU A 1203 -18.41 4.15 -11.39
CA LEU A 1203 -18.12 2.93 -12.15
C LEU A 1203 -19.41 2.24 -12.57
N VAL A 1204 -20.31 1.99 -11.61
CA VAL A 1204 -21.50 1.23 -11.92
C VAL A 1204 -22.40 1.99 -12.88
N VAL A 1205 -22.58 3.29 -12.66
CA VAL A 1205 -23.45 4.08 -13.53
C VAL A 1205 -22.89 4.10 -14.94
N SER A 1206 -21.58 4.32 -15.09
CA SER A 1206 -20.99 4.38 -16.41
C SER A 1206 -21.13 3.04 -17.13
N ALA A 1207 -20.79 1.94 -16.45
CA ALA A 1207 -20.88 0.64 -17.09
C ALA A 1207 -22.32 0.32 -17.48
N ALA A 1208 -23.27 0.56 -16.58
CA ALA A 1208 -24.66 0.25 -16.87
C ALA A 1208 -25.19 1.11 -18.01
N LEU A 1209 -24.86 2.41 -18.00
CA LEU A 1209 -25.35 3.29 -19.07
C LEU A 1209 -24.78 2.89 -20.41
N PHE A 1210 -23.48 2.58 -20.46
CA PHE A 1210 -22.88 2.16 -21.72
C PHE A 1210 -23.50 0.87 -22.22
N ASN A 1211 -23.72 -0.09 -21.33
CA ASN A 1211 -24.35 -1.35 -21.73
C ASN A 1211 -25.76 -1.11 -22.23
N GLY A 1212 -26.52 -0.27 -21.54
CA GLY A 1212 -27.89 -0.03 -21.95
C GLY A 1212 -28.00 0.69 -23.28
N PHE A 1213 -27.13 1.68 -23.50
CA PHE A 1213 -27.22 2.50 -24.71
C PHE A 1213 -26.42 1.95 -25.87
N SER A 1214 -25.65 0.88 -25.68
CA SER A 1214 -25.06 0.20 -26.83
C SER A 1214 -26.11 -0.62 -27.57
N PHE A 1215 -27.06 -1.19 -26.84
CA PHE A 1215 -28.17 -1.95 -27.42
C PHE A 1215 -29.48 -1.16 -27.29
N PHE A 1216 -29.41 0.16 -27.40
CA PHE A 1216 -30.57 1.00 -27.17
C PHE A 1216 -31.73 0.58 -28.07
N LYS A 1217 -32.88 0.30 -27.46
CA LYS A 1217 -34.07 -0.15 -28.17
C LYS A 1217 -33.74 -1.30 -29.12
N ALA A 1218 -33.02 -2.28 -28.58
CA ALA A 1218 -32.59 -3.42 -29.39
C ALA A 1218 -33.79 -4.12 -30.02
N LYS A 1219 -33.63 -4.50 -31.29
CA LYS A 1219 -34.67 -5.25 -31.99
C LYS A 1219 -34.62 -6.72 -31.57
N ASN A 1220 -35.57 -7.49 -32.07
CA ASN A 1220 -35.75 -8.88 -31.69
C ASN A 1220 -35.52 -9.83 -32.86
N ASN A 1221 -34.60 -9.47 -33.75
CA ASN A 1221 -34.21 -10.39 -34.81
C ASN A 1221 -33.36 -11.51 -34.20
N MET A 1222 -33.01 -12.50 -35.02
CA MET A 1222 -32.29 -13.66 -34.50
C MET A 1222 -30.97 -13.26 -33.87
N GLN A 1223 -30.25 -12.32 -34.49
CA GLN A 1223 -29.02 -11.83 -33.90
C GLN A 1223 -29.28 -10.90 -32.73
N GLY A 1224 -30.45 -10.25 -32.71
CA GLY A 1224 -30.75 -9.34 -31.61
C GLY A 1224 -30.85 -10.06 -30.28
N LEU A 1225 -31.43 -11.26 -30.27
CA LEU A 1225 -31.54 -12.02 -29.03
C LEU A 1225 -30.15 -12.41 -28.52
N GLN A 1226 -29.26 -12.83 -29.41
CA GLN A 1226 -27.90 -13.15 -28.98
C GLN A 1226 -27.19 -11.91 -28.47
N ASN A 1227 -27.40 -10.77 -29.12
CA ASN A 1227 -26.82 -9.52 -28.64
C ASN A 1227 -27.30 -9.20 -27.23
N GLN A 1228 -28.60 -9.36 -26.97
CA GLN A 1228 -29.12 -9.05 -25.64
C GLN A 1228 -28.63 -10.04 -24.61
N MET A 1229 -28.51 -11.32 -24.98
CA MET A 1229 -27.96 -12.30 -24.05
C MET A 1229 -26.53 -11.95 -23.67
N PHE A 1230 -25.72 -11.54 -24.66
CA PHE A 1230 -24.36 -11.15 -24.33
C PHE A 1230 -24.32 -9.81 -23.60
N SER A 1231 -25.34 -8.97 -23.76
CA SER A 1231 -25.44 -7.77 -22.92
C SER A 1231 -25.62 -8.17 -21.47
N VAL A 1232 -26.52 -9.11 -21.21
CA VAL A 1232 -26.68 -9.62 -19.84
C VAL A 1232 -25.37 -10.22 -19.35
N PHE A 1233 -24.66 -10.92 -20.24
CA PHE A 1233 -23.39 -11.54 -19.85
C PHE A 1233 -22.36 -10.48 -19.47
N MET A 1234 -22.25 -9.41 -20.25
CA MET A 1234 -21.29 -8.35 -19.99
C MET A 1234 -21.72 -7.43 -18.85
N PHE A 1235 -22.98 -7.52 -18.42
CA PHE A 1235 -23.42 -6.74 -17.28
C PHE A 1235 -22.66 -7.08 -16.00
N PHE A 1236 -22.02 -8.25 -15.94
CA PHE A 1236 -21.39 -8.74 -14.73
C PHE A 1236 -19.93 -8.33 -14.59
N ILE A 1237 -19.34 -7.68 -15.60
CA ILE A 1237 -17.90 -7.40 -15.57
C ILE A 1237 -17.51 -6.54 -14.38
N PRO A 1238 -18.28 -5.52 -13.97
CA PRO A 1238 -17.83 -4.68 -12.85
C PRO A 1238 -17.62 -5.41 -11.53
N PHE A 1239 -17.87 -6.72 -11.49
CA PHE A 1239 -17.65 -7.50 -10.28
C PHE A 1239 -16.21 -7.36 -9.78
N ASN A 1240 -15.24 -7.54 -10.67
CA ASN A 1240 -13.85 -7.52 -10.26
C ASN A 1240 -13.47 -6.16 -9.69
N THR A 1241 -13.86 -5.08 -10.37
CA THR A 1241 -13.51 -3.75 -9.90
C THR A 1241 -14.19 -3.43 -8.58
N LEU A 1242 -15.45 -3.86 -8.42
CA LEU A 1242 -16.14 -3.62 -7.15
C LEU A 1242 -15.44 -4.33 -6.00
N VAL A 1243 -15.05 -5.59 -6.22
CA VAL A 1243 -14.33 -6.31 -5.17
C VAL A 1243 -13.01 -5.62 -4.86
N GLN A 1244 -12.28 -5.20 -5.89
CA GLN A 1244 -11.00 -4.55 -5.67
C GLN A 1244 -11.15 -3.28 -4.86
N GLN A 1245 -12.17 -2.47 -5.17
CA GLN A 1245 -12.41 -1.25 -4.42
C GLN A 1245 -12.81 -1.56 -2.98
N MET A 1246 -13.62 -2.59 -2.78
CA MET A 1246 -14.22 -2.82 -1.47
C MET A 1246 -13.24 -3.43 -0.48
N LEU A 1247 -12.34 -4.29 -0.94
CA LEU A 1247 -11.54 -5.07 0.02
C LEU A 1247 -10.68 -4.22 0.96
N PRO A 1248 -9.95 -3.20 0.49
CA PRO A 1248 -9.07 -2.47 1.42
C PRO A 1248 -9.80 -1.86 2.60
N TYR A 1249 -11.03 -1.40 2.41
CA TYR A 1249 -11.80 -0.85 3.52
C TYR A 1249 -12.30 -1.94 4.46
N PHE A 1250 -12.20 -3.21 4.06
CA PHE A 1250 -12.32 -4.31 5.02
C PHE A 1250 -10.99 -4.56 5.72
N VAL A 1251 -9.88 -4.39 5.00
CA VAL A 1251 -8.57 -4.58 5.62
C VAL A 1251 -8.38 -3.61 6.77
N LYS A 1252 -8.76 -2.35 6.57
CA LYS A 1252 -8.58 -1.36 7.63
C LYS A 1252 -9.33 -1.76 8.89
N GLN A 1253 -10.61 -2.14 8.74
CA GLN A 1253 -11.41 -2.52 9.89
C GLN A 1253 -10.83 -3.77 10.56
N ARG A 1254 -10.41 -4.75 9.76
CA ARG A 1254 -9.85 -5.97 10.33
C ARG A 1254 -8.59 -5.68 11.12
N ASP A 1255 -7.70 -4.84 10.58
CA ASP A 1255 -6.47 -4.51 11.29
C ASP A 1255 -6.79 -3.80 12.61
N VAL A 1256 -7.69 -2.83 12.57
CA VAL A 1256 -8.02 -2.11 13.79
C VAL A 1256 -8.62 -3.05 14.82
N TYR A 1257 -9.49 -3.96 14.39
CA TYR A 1257 -10.13 -4.86 15.34
C TYR A 1257 -9.12 -5.83 15.95
N GLU A 1258 -8.29 -6.45 15.11
CA GLU A 1258 -7.41 -7.50 15.60
C GLU A 1258 -6.28 -6.93 16.45
N VAL A 1259 -5.70 -5.81 16.03
CA VAL A 1259 -4.54 -5.27 16.73
C VAL A 1259 -4.93 -4.82 18.14
N ARG A 1260 -6.01 -4.04 18.25
CA ARG A 1260 -6.35 -3.38 19.51
C ARG A 1260 -7.67 -3.86 20.09
N GLU A 1261 -8.76 -3.84 19.33
CA GLU A 1261 -10.07 -4.09 19.90
C GLU A 1261 -10.19 -5.51 20.45
N ALA A 1262 -9.69 -6.50 19.70
CA ALA A 1262 -9.88 -7.89 20.10
C ALA A 1262 -9.28 -8.20 21.46
N PRO A 1263 -7.98 -7.99 21.70
CA PRO A 1263 -7.44 -8.30 23.03
C PRO A 1263 -8.08 -7.50 24.14
N SER A 1264 -8.52 -6.27 23.88
CA SER A 1264 -9.15 -5.45 24.90
C SER A 1264 -10.53 -5.95 25.28
N ARG A 1265 -11.11 -6.89 24.54
CA ARG A 1265 -12.44 -7.43 24.84
C ARG A 1265 -13.50 -6.34 24.70
N THR A 1266 -13.50 -5.66 23.55
CA THR A 1266 -14.53 -4.66 23.29
C THR A 1266 -15.78 -5.29 22.71
N PHE A 1267 -15.65 -6.01 21.61
CA PHE A 1267 -16.77 -6.74 21.02
C PHE A 1267 -16.28 -8.05 20.44
N SER A 1268 -17.19 -9.03 20.41
CA SER A 1268 -16.84 -10.38 20.00
C SER A 1268 -16.59 -10.45 18.50
N TRP A 1269 -15.90 -11.52 18.10
CA TRP A 1269 -15.56 -11.69 16.69
C TRP A 1269 -16.82 -11.74 15.81
N PHE A 1270 -17.86 -12.44 16.30
CA PHE A 1270 -19.08 -12.54 15.52
C PHE A 1270 -19.67 -11.16 15.27
N ALA A 1271 -19.66 -10.30 16.28
CA ALA A 1271 -20.13 -8.94 16.08
C ALA A 1271 -19.35 -8.23 15.00
N PHE A 1272 -18.03 -8.37 14.99
CA PHE A 1272 -17.21 -7.71 13.98
C PHE A 1272 -17.56 -8.20 12.57
N ILE A 1273 -17.58 -9.52 12.38
CA ILE A 1273 -17.79 -10.03 11.03
C ILE A 1273 -19.22 -9.77 10.57
N ALA A 1274 -20.20 -9.90 11.47
CA ALA A 1274 -21.58 -9.59 11.09
C ALA A 1274 -21.73 -8.12 10.75
N GLY A 1275 -21.06 -7.23 11.49
CA GLY A 1275 -21.11 -5.82 11.15
C GLY A 1275 -20.50 -5.54 9.79
N GLN A 1276 -19.37 -6.19 9.49
CA GLN A 1276 -18.74 -6.00 8.19
C GLN A 1276 -19.64 -6.50 7.07
N ILE A 1277 -20.33 -7.62 7.29
CA ILE A 1277 -21.22 -8.14 6.25
C ILE A 1277 -22.41 -7.22 6.05
N THR A 1278 -23.00 -6.74 7.15
CA THR A 1278 -24.20 -5.90 7.04
C THR A 1278 -23.89 -4.49 6.59
N SER A 1279 -22.64 -4.03 6.71
CA SER A 1279 -22.33 -2.65 6.37
C SER A 1279 -22.51 -2.39 4.88
N GLU A 1280 -22.12 -3.36 4.05
CA GLU A 1280 -22.10 -3.15 2.60
C GLU A 1280 -23.45 -3.37 1.93
N ILE A 1281 -24.42 -3.96 2.62
CA ILE A 1281 -25.71 -4.25 1.99
C ILE A 1281 -26.43 -2.98 1.55
N PRO A 1282 -26.54 -1.93 2.38
CA PRO A 1282 -27.28 -0.74 1.92
C PRO A 1282 -26.67 -0.08 0.69
N TYR A 1283 -25.35 0.13 0.68
CA TYR A 1283 -24.72 0.75 -0.47
C TYR A 1283 -24.87 -0.12 -1.72
N GLN A 1284 -24.71 -1.43 -1.57
CA GLN A 1284 -24.87 -2.32 -2.71
C GLN A 1284 -26.30 -2.28 -3.24
N VAL A 1285 -27.28 -2.24 -2.36
CA VAL A 1285 -28.67 -2.18 -2.80
C VAL A 1285 -28.93 -0.88 -3.57
N ALA A 1286 -28.43 0.24 -3.04
CA ALA A 1286 -28.61 1.52 -3.74
C ALA A 1286 -27.96 1.48 -5.11
N VAL A 1287 -26.72 0.99 -5.18
CA VAL A 1287 -26.01 0.96 -6.46
C VAL A 1287 -26.70 0.02 -7.43
N GLY A 1288 -27.23 -1.10 -6.93
CA GLY A 1288 -27.94 -2.02 -7.80
C GLY A 1288 -29.22 -1.42 -8.36
N THR A 1289 -29.96 -0.69 -7.52
CA THR A 1289 -31.16 -0.02 -8.02
C THR A 1289 -30.79 0.99 -9.10
N ILE A 1290 -29.72 1.76 -8.89
CA ILE A 1290 -29.30 2.72 -9.90
C ILE A 1290 -28.91 2.00 -11.19
N ALA A 1291 -28.17 0.89 -11.07
CA ALA A 1291 -27.75 0.16 -12.26
C ALA A 1291 -28.95 -0.39 -13.02
N PHE A 1292 -29.93 -0.94 -12.31
CA PHE A 1292 -31.11 -1.46 -12.98
C PHE A 1292 -31.86 -0.35 -13.69
N PHE A 1293 -32.02 0.79 -13.04
CA PHE A 1293 -32.75 1.89 -13.69
C PHE A 1293 -31.98 2.41 -14.89
N CYS A 1294 -30.65 2.32 -14.88
CA CYS A 1294 -29.83 2.81 -15.98
C CYS A 1294 -29.56 1.77 -17.05
N TRP A 1295 -29.97 0.51 -16.84
CA TRP A 1295 -29.73 -0.55 -17.81
C TRP A 1295 -31.01 -1.14 -18.38
N TYR A 1296 -31.94 -1.56 -17.52
CA TYR A 1296 -33.12 -2.28 -17.99
C TYR A 1296 -33.98 -1.41 -18.89
N TYR A 1297 -34.14 -0.13 -18.54
CA TYR A 1297 -35.09 0.71 -19.27
C TYR A 1297 -34.52 1.21 -20.58
N PRO A 1298 -33.29 1.73 -20.62
CA PRO A 1298 -32.70 2.08 -21.92
C PRO A 1298 -32.68 0.89 -22.88
N LEU A 1299 -32.47 -0.31 -22.36
CA LEU A 1299 -32.44 -1.51 -23.19
C LEU A 1299 -33.79 -1.76 -23.85
N GLY A 1300 -34.85 -1.13 -23.37
CA GLY A 1300 -36.18 -1.33 -23.95
C GLY A 1300 -36.69 -2.74 -23.77
N LEU A 1301 -36.42 -3.36 -22.63
CA LEU A 1301 -36.93 -4.69 -22.36
C LEU A 1301 -38.36 -4.67 -21.83
N TYR A 1302 -38.88 -3.51 -21.45
CA TYR A 1302 -40.25 -3.46 -20.96
C TYR A 1302 -41.26 -3.70 -22.07
N ASN A 1303 -40.94 -3.31 -23.30
CA ASN A 1303 -41.86 -3.53 -24.41
C ASN A 1303 -42.22 -5.00 -24.55
N ASN A 1304 -41.31 -5.90 -24.19
CA ASN A 1304 -41.58 -7.33 -24.32
C ASN A 1304 -42.76 -7.76 -23.45
N ALA A 1305 -43.01 -7.04 -22.36
CA ALA A 1305 -44.09 -7.39 -21.46
C ALA A 1305 -45.43 -6.77 -21.84
N THR A 1306 -45.44 -5.83 -22.77
CA THR A 1306 -46.72 -5.18 -23.14
C THR A 1306 -47.72 -6.16 -23.72
N PRO A 1307 -47.36 -7.05 -24.65
CA PRO A 1307 -48.38 -7.95 -25.22
C PRO A 1307 -49.10 -8.79 -24.18
N THR A 1308 -48.38 -9.26 -23.17
CA THR A 1308 -48.96 -10.10 -22.13
C THR A 1308 -49.54 -9.30 -20.97
N ASP A 1309 -49.33 -7.99 -20.95
CA ASP A 1309 -49.83 -7.13 -19.88
C ASP A 1309 -49.25 -7.54 -18.53
N SER A 1310 -47.93 -7.70 -18.50
CA SER A 1310 -47.21 -8.12 -17.29
C SER A 1310 -45.97 -7.27 -17.12
N VAL A 1311 -46.11 -5.95 -17.27
CA VAL A 1311 -44.95 -5.06 -17.14
C VAL A 1311 -44.46 -5.03 -15.70
N ASN A 1312 -45.37 -4.83 -14.75
CA ASN A 1312 -44.94 -4.63 -13.36
C ASN A 1312 -44.27 -5.86 -12.78
N PRO A 1313 -44.82 -7.07 -12.91
CA PRO A 1313 -44.12 -8.24 -12.36
C PRO A 1313 -42.74 -8.44 -12.95
N ARG A 1314 -42.61 -8.34 -14.28
CA ARG A 1314 -41.34 -8.55 -14.95
C ARG A 1314 -40.36 -7.41 -14.72
N GLY A 1315 -40.82 -6.25 -14.24
CA GLY A 1315 -39.91 -5.18 -13.89
C GLY A 1315 -39.42 -5.33 -12.45
N VAL A 1316 -40.35 -5.62 -11.54
CA VAL A 1316 -39.98 -5.81 -10.15
C VAL A 1316 -39.03 -6.99 -10.01
N LEU A 1317 -39.31 -8.09 -10.71
CA LEU A 1317 -38.43 -9.25 -10.63
C LEU A 1317 -37.04 -8.93 -11.15
N MET A 1318 -36.95 -8.18 -12.25
CA MET A 1318 -35.64 -7.83 -12.79
C MET A 1318 -34.88 -6.95 -11.81
N TRP A 1319 -35.55 -5.97 -11.19
CA TRP A 1319 -34.87 -5.13 -10.22
C TRP A 1319 -34.37 -5.96 -9.04
N MET A 1320 -35.20 -6.88 -8.56
CA MET A 1320 -34.78 -7.73 -7.45
C MET A 1320 -33.57 -8.58 -7.85
N LEU A 1321 -33.57 -9.10 -9.07
CA LEU A 1321 -32.44 -9.91 -9.51
C LEU A 1321 -31.16 -9.09 -9.59
N VAL A 1322 -31.25 -7.86 -10.09
CA VAL A 1322 -30.05 -7.02 -10.19
C VAL A 1322 -29.49 -6.70 -8.81
N THR A 1323 -30.37 -6.30 -7.89
CA THR A 1323 -29.91 -6.00 -6.54
C THR A 1323 -29.33 -7.23 -5.88
N ALA A 1324 -29.94 -8.40 -6.12
CA ALA A 1324 -29.41 -9.64 -5.58
C ALA A 1324 -28.02 -9.91 -6.14
N PHE A 1325 -27.81 -9.64 -7.43
CA PHE A 1325 -26.48 -9.85 -7.99
C PHE A 1325 -25.45 -8.95 -7.31
N TYR A 1326 -25.80 -7.70 -7.06
CA TYR A 1326 -24.82 -6.81 -6.43
C TYR A 1326 -24.54 -7.21 -4.98
N VAL A 1327 -25.58 -7.58 -4.24
CA VAL A 1327 -25.35 -8.07 -2.88
C VAL A 1327 -24.50 -9.33 -2.91
N TYR A 1328 -24.71 -10.18 -3.91
CA TYR A 1328 -23.87 -11.37 -4.05
C TYR A 1328 -22.43 -11.00 -4.33
N THR A 1329 -22.21 -9.99 -5.17
CA THR A 1329 -20.85 -9.52 -5.42
C THR A 1329 -20.17 -9.15 -4.10
N ALA A 1330 -20.85 -8.36 -3.29
CA ALA A 1330 -20.25 -7.94 -2.02
C ALA A 1330 -19.97 -9.13 -1.11
N THR A 1331 -20.94 -10.05 -0.99
CA THR A 1331 -20.76 -11.17 -0.09
C THR A 1331 -19.63 -12.08 -0.57
N MET A 1332 -19.53 -12.31 -1.88
CA MET A 1332 -18.45 -13.13 -2.41
C MET A 1332 -17.10 -12.47 -2.16
N GLY A 1333 -17.00 -11.16 -2.36
CA GLY A 1333 -15.75 -10.49 -2.07
C GLY A 1333 -15.34 -10.65 -0.62
N GLN A 1334 -16.29 -10.43 0.29
CA GLN A 1334 -15.97 -10.57 1.71
C GLN A 1334 -15.59 -12.00 2.06
N LEU A 1335 -16.29 -12.98 1.48
CA LEU A 1335 -15.94 -14.38 1.73
C LEU A 1335 -14.53 -14.69 1.28
N CYS A 1336 -14.18 -14.30 0.06
CA CYS A 1336 -12.84 -14.57 -0.43
C CYS A 1336 -11.78 -13.76 0.29
N MET A 1337 -12.20 -12.71 1.02
CA MET A 1337 -11.28 -11.97 1.86
C MET A 1337 -11.27 -12.43 3.31
N SER A 1338 -12.17 -13.33 3.70
CA SER A 1338 -12.27 -13.71 5.11
C SER A 1338 -11.00 -14.39 5.59
N PHE A 1339 -10.53 -15.41 4.87
CA PHE A 1339 -9.43 -16.23 5.33
C PHE A 1339 -8.06 -15.73 4.89
N SER A 1340 -7.99 -15.04 3.75
CA SER A 1340 -6.70 -14.58 3.27
C SER A 1340 -6.26 -13.33 4.01
N GLU A 1341 -4.95 -13.05 3.97
CA GLU A 1341 -4.37 -11.94 4.69
C GLU A 1341 -4.28 -10.67 3.83
N LEU A 1342 -3.58 -10.75 2.71
CA LEU A 1342 -3.42 -9.59 1.86
C LEU A 1342 -4.68 -9.35 1.03
N ALA A 1343 -4.93 -8.08 0.70
CA ALA A 1343 -6.09 -7.74 -0.11
C ALA A 1343 -5.90 -8.20 -1.56
N ASP A 1344 -4.66 -8.13 -2.05
CA ASP A 1344 -4.41 -8.50 -3.44
C ASP A 1344 -4.73 -9.97 -3.68
N ASN A 1345 -4.33 -10.85 -2.76
CA ASN A 1345 -4.62 -12.27 -2.93
C ASN A 1345 -6.12 -12.54 -2.92
N ALA A 1346 -6.85 -11.90 -2.02
CA ALA A 1346 -8.30 -12.10 -1.97
C ALA A 1346 -8.96 -11.60 -3.25
N ALA A 1347 -8.54 -10.43 -3.74
CA ALA A 1347 -9.13 -9.90 -4.97
C ALA A 1347 -8.84 -10.82 -6.14
N ASN A 1348 -7.61 -11.33 -6.25
CA ASN A 1348 -7.26 -12.21 -7.35
C ASN A 1348 -8.05 -13.52 -7.28
N LEU A 1349 -8.18 -14.10 -6.07
CA LEU A 1349 -8.94 -15.33 -5.94
C LEU A 1349 -10.41 -15.09 -6.31
N ALA A 1350 -10.98 -13.97 -5.87
CA ALA A 1350 -12.37 -13.68 -6.21
C ALA A 1350 -12.55 -13.52 -7.71
N THR A 1351 -11.62 -12.81 -8.36
CA THR A 1351 -11.71 -12.67 -9.81
C THR A 1351 -11.58 -14.01 -10.51
N LEU A 1352 -10.68 -14.87 -10.04
CA LEU A 1352 -10.52 -16.19 -10.65
C LEU A 1352 -11.80 -17.01 -10.52
N LEU A 1353 -12.40 -17.02 -9.34
CA LEU A 1353 -13.62 -17.78 -9.14
C LEU A 1353 -14.77 -17.20 -9.97
N PHE A 1354 -14.84 -15.87 -10.06
CA PHE A 1354 -15.87 -15.25 -10.88
C PHE A 1354 -15.71 -15.62 -12.35
N THR A 1355 -14.47 -15.62 -12.84
CA THR A 1355 -14.23 -16.01 -14.23
C THR A 1355 -14.60 -17.47 -14.45
N MET A 1356 -14.25 -18.34 -13.50
CA MET A 1356 -14.62 -19.75 -13.62
C MET A 1356 -16.14 -19.91 -13.67
N CYS A 1357 -16.86 -19.17 -12.83
CA CYS A 1357 -18.31 -19.23 -12.85
C CYS A 1357 -18.87 -18.72 -14.17
N LEU A 1358 -18.29 -17.64 -14.70
CA LEU A 1358 -18.79 -17.08 -15.96
C LEU A 1358 -18.55 -18.02 -17.12
N ASN A 1359 -17.43 -18.76 -17.12
CA ASN A 1359 -17.11 -19.61 -18.26
C ASN A 1359 -18.22 -20.62 -18.52
N PHE A 1360 -18.74 -21.25 -17.47
CA PHE A 1360 -19.75 -22.28 -17.59
C PHE A 1360 -21.15 -21.77 -17.23
N CYS A 1361 -21.39 -20.47 -17.39
CA CYS A 1361 -22.69 -19.93 -17.03
C CYS A 1361 -23.80 -20.35 -17.97
N GLY A 1362 -23.48 -21.02 -19.07
CA GLY A 1362 -24.48 -21.55 -19.98
C GLY A 1362 -24.65 -20.78 -21.26
N VAL A 1363 -24.06 -19.59 -21.38
CA VAL A 1363 -24.17 -18.82 -22.62
C VAL A 1363 -23.12 -19.26 -23.61
N LEU A 1364 -21.88 -19.45 -23.16
CA LEU A 1364 -20.82 -19.88 -24.06
C LEU A 1364 -21.11 -21.27 -24.62
N ALA A 1365 -21.60 -22.18 -23.78
CA ALA A 1365 -21.92 -23.53 -24.21
C ALA A 1365 -22.94 -24.13 -23.24
N GLY A 1366 -24.05 -24.60 -23.77
CA GLY A 1366 -25.08 -25.19 -22.95
C GLY A 1366 -24.65 -26.53 -22.40
N PRO A 1367 -25.52 -27.11 -21.57
CA PRO A 1367 -25.16 -28.38 -20.93
C PRO A 1367 -24.84 -29.49 -21.92
N ASP A 1368 -25.56 -29.56 -23.04
CA ASP A 1368 -25.32 -30.63 -23.99
C ASP A 1368 -23.94 -30.53 -24.62
N VAL A 1369 -23.55 -29.33 -25.05
CA VAL A 1369 -22.25 -29.16 -25.69
C VAL A 1369 -21.12 -29.33 -24.67
N LEU A 1370 -21.34 -28.87 -23.44
CA LEU A 1370 -20.28 -28.94 -22.44
C LEU A 1370 -19.84 -30.38 -22.26
N PRO A 1371 -18.55 -30.64 -22.09
CA PRO A 1371 -18.11 -32.00 -21.77
C PRO A 1371 -18.69 -32.46 -20.45
N GLY A 1372 -18.90 -33.77 -20.32
CA GLY A 1372 -19.50 -34.29 -19.11
C GLY A 1372 -18.74 -33.91 -17.86
N PHE A 1373 -17.41 -33.88 -17.94
CA PHE A 1373 -16.60 -33.57 -16.77
C PHE A 1373 -17.07 -32.28 -16.09
N TRP A 1374 -17.39 -31.26 -16.88
CA TRP A 1374 -17.73 -29.95 -16.35
C TRP A 1374 -19.22 -29.80 -16.03
N ILE A 1375 -20.03 -30.83 -16.26
CA ILE A 1375 -21.47 -30.67 -16.08
C ILE A 1375 -21.78 -30.25 -14.65
N PHE A 1376 -21.06 -30.81 -13.68
CA PHE A 1376 -21.30 -30.43 -12.29
C PHE A 1376 -21.06 -28.94 -12.09
N MET A 1377 -19.99 -28.40 -12.68
CA MET A 1377 -19.70 -26.98 -12.53
C MET A 1377 -20.74 -26.12 -13.23
N TYR A 1378 -21.61 -26.72 -14.06
CA TYR A 1378 -22.70 -25.98 -14.65
C TYR A 1378 -23.93 -25.94 -13.74
N ARG A 1379 -24.03 -26.86 -12.79
CA ARG A 1379 -25.14 -26.88 -11.83
C ARG A 1379 -24.82 -26.16 -10.54
N CYS A 1380 -23.66 -26.43 -9.94
CA CYS A 1380 -23.25 -25.72 -8.73
C CYS A 1380 -23.00 -24.24 -8.98
N ASN A 1381 -22.89 -23.83 -10.24
CA ASN A 1381 -22.60 -22.43 -10.53
C ASN A 1381 -23.72 -21.55 -10.00
N PRO A 1382 -23.42 -20.38 -9.44
CA PRO A 1382 -24.48 -19.46 -8.99
C PRO A 1382 -24.94 -18.49 -10.05
N PHE A 1383 -24.28 -18.42 -11.19
CA PHE A 1383 -24.62 -17.46 -12.23
C PHE A 1383 -25.53 -18.03 -13.31
N THR A 1384 -25.60 -19.36 -13.46
CA THR A 1384 -26.50 -19.94 -14.44
C THR A 1384 -27.95 -19.59 -14.10
N TYR A 1385 -28.31 -19.71 -12.82
CA TYR A 1385 -29.67 -19.41 -12.41
C TYR A 1385 -30.00 -17.93 -12.56
N LEU A 1386 -29.04 -17.06 -12.22
CA LEU A 1386 -29.26 -15.63 -12.42
C LEU A 1386 -29.46 -15.31 -13.89
N VAL A 1387 -28.62 -15.88 -14.76
CA VAL A 1387 -28.74 -15.61 -16.19
C VAL A 1387 -30.08 -16.12 -16.71
N GLN A 1388 -30.48 -17.32 -16.30
CA GLN A 1388 -31.75 -17.86 -16.76
C GLN A 1388 -32.90 -16.98 -16.31
N ALA A 1389 -32.89 -16.55 -15.05
CA ALA A 1389 -33.97 -15.69 -14.57
C ALA A 1389 -34.02 -14.38 -15.33
N MET A 1390 -32.86 -13.75 -15.54
CA MET A 1390 -32.84 -12.47 -16.23
C MET A 1390 -33.35 -12.61 -17.67
N LEU A 1391 -32.85 -13.62 -18.38
CA LEU A 1391 -33.29 -13.82 -19.76
C LEU A 1391 -34.78 -14.10 -19.83
N SER A 1392 -35.26 -15.00 -18.98
CA SER A 1392 -36.67 -15.37 -19.03
C SER A 1392 -37.56 -14.17 -18.70
N THR A 1393 -37.16 -13.35 -17.73
CA THR A 1393 -37.97 -12.20 -17.37
C THR A 1393 -37.95 -11.13 -18.45
N GLY A 1394 -36.80 -10.91 -19.08
CA GLY A 1394 -36.69 -9.82 -20.03
C GLY A 1394 -37.04 -10.12 -21.46
N LEU A 1395 -37.11 -11.40 -21.86
CA LEU A 1395 -37.26 -11.75 -23.26
C LEU A 1395 -38.46 -12.63 -23.59
N ALA A 1396 -39.14 -13.21 -22.60
CA ALA A 1396 -40.13 -14.22 -22.87
C ALA A 1396 -41.43 -13.61 -23.41
N ASN A 1397 -42.15 -14.40 -24.20
CA ASN A 1397 -43.50 -14.07 -24.65
C ASN A 1397 -43.52 -12.77 -25.47
N THR A 1398 -42.84 -12.82 -26.62
CA THR A 1398 -42.93 -11.71 -27.57
C THR A 1398 -42.56 -12.25 -28.95
N PHE A 1399 -42.92 -11.48 -29.97
CA PHE A 1399 -42.71 -11.91 -31.35
C PHE A 1399 -41.28 -11.63 -31.79
N VAL A 1400 -40.87 -12.33 -32.86
CA VAL A 1400 -39.55 -12.18 -33.44
C VAL A 1400 -39.72 -11.86 -34.92
N LYS A 1401 -39.04 -10.80 -35.38
CA LYS A 1401 -39.08 -10.38 -36.78
C LYS A 1401 -37.67 -10.49 -37.34
N CYS A 1402 -37.46 -11.43 -38.25
CA CYS A 1402 -36.13 -11.67 -38.79
C CYS A 1402 -35.65 -10.48 -39.59
N ALA A 1403 -34.37 -10.17 -39.48
CA ALA A 1403 -33.79 -9.09 -40.26
C ALA A 1403 -33.73 -9.49 -41.74
N GLU A 1404 -33.52 -8.48 -42.59
CA GLU A 1404 -33.54 -8.73 -44.02
C GLU A 1404 -32.41 -9.65 -44.45
N ARG A 1405 -31.27 -9.61 -43.76
CA ARG A 1405 -30.11 -10.42 -44.15
C ARG A 1405 -30.15 -11.83 -43.60
N GLU A 1406 -31.08 -12.14 -42.70
CA GLU A 1406 -31.16 -13.46 -42.09
C GLU A 1406 -32.24 -14.33 -42.70
N TYR A 1407 -33.07 -13.80 -43.59
CA TYR A 1407 -34.06 -14.62 -44.28
C TYR A 1407 -33.36 -15.69 -45.10
N VAL A 1408 -33.97 -16.87 -45.14
CA VAL A 1408 -33.45 -18.00 -45.89
C VAL A 1408 -34.35 -18.24 -47.10
N SER A 1409 -33.75 -18.39 -48.27
CA SER A 1409 -34.52 -18.57 -49.50
C SER A 1409 -34.80 -20.04 -49.72
N VAL A 1410 -36.05 -20.36 -50.06
CA VAL A 1410 -36.49 -21.73 -50.31
C VAL A 1410 -37.21 -21.76 -51.65
N LYS A 1411 -36.97 -22.82 -52.41
CA LYS A 1411 -37.59 -23.01 -53.73
C LYS A 1411 -38.60 -24.14 -53.64
N PRO A 1412 -39.90 -23.87 -53.58
CA PRO A 1412 -40.86 -24.95 -53.38
C PRO A 1412 -41.00 -25.80 -54.63
N PRO A 1413 -41.52 -27.03 -54.50
CA PRO A 1413 -41.62 -27.90 -55.67
C PRO A 1413 -42.51 -27.31 -56.75
N ASN A 1414 -42.24 -27.70 -57.99
CA ASN A 1414 -43.05 -27.22 -59.11
C ASN A 1414 -44.52 -27.53 -58.88
N GLY A 1415 -45.37 -26.58 -59.23
CA GLY A 1415 -46.80 -26.75 -59.02
C GLY A 1415 -47.19 -26.77 -57.57
N GLU A 1416 -46.60 -25.90 -56.75
CA GLU A 1416 -46.91 -25.85 -55.33
C GLU A 1416 -46.72 -24.42 -54.84
N SER A 1417 -47.37 -24.12 -53.72
CA SER A 1417 -47.30 -22.81 -53.09
C SER A 1417 -46.45 -22.86 -51.83
N CYS A 1418 -45.98 -21.69 -51.40
CA CYS A 1418 -45.16 -21.62 -50.20
C CYS A 1418 -45.91 -22.21 -49.00
N SER A 1419 -47.16 -21.82 -48.82
CA SER A 1419 -47.94 -22.36 -47.71
C SER A 1419 -48.12 -23.87 -47.84
N THR A 1420 -48.58 -24.32 -49.00
CA THR A 1420 -48.85 -25.74 -49.19
C THR A 1420 -47.59 -26.58 -48.96
N TYR A 1421 -46.42 -26.00 -49.16
CA TYR A 1421 -45.16 -26.73 -49.02
C TYR A 1421 -44.54 -26.62 -47.64
N LEU A 1422 -44.80 -25.53 -46.90
CA LEU A 1422 -44.11 -25.29 -45.65
C LEU A 1422 -45.00 -25.36 -44.42
N ASP A 1423 -46.33 -25.49 -44.58
CA ASP A 1423 -47.19 -25.51 -43.41
C ASP A 1423 -46.87 -26.65 -42.46
N PRO A 1424 -46.67 -27.89 -42.91
CA PRO A 1424 -46.33 -28.96 -41.96
C PRO A 1424 -45.09 -28.65 -41.13
N TYR A 1425 -44.05 -28.08 -41.74
CA TYR A 1425 -42.86 -27.73 -40.97
C TYR A 1425 -43.16 -26.61 -39.99
N ILE A 1426 -43.92 -25.60 -40.43
CA ILE A 1426 -44.27 -24.50 -39.54
C ILE A 1426 -44.99 -25.03 -38.30
N LYS A 1427 -45.93 -25.95 -38.51
CA LYS A 1427 -46.60 -26.57 -37.36
C LYS A 1427 -45.62 -27.35 -36.51
N PHE A 1428 -44.73 -28.12 -37.15
CA PHE A 1428 -43.79 -28.94 -36.40
C PHE A 1428 -42.84 -28.06 -35.58
N ALA A 1429 -42.29 -27.02 -36.19
CA ALA A 1429 -41.37 -26.12 -35.52
C ALA A 1429 -41.69 -24.68 -35.90
N GLY A 1430 -41.36 -23.76 -35.00
CA GLY A 1430 -41.70 -22.37 -35.18
C GLY A 1430 -41.15 -21.76 -36.45
N GLY A 1431 -41.46 -20.49 -36.69
CA GLY A 1431 -41.00 -19.76 -37.85
C GLY A 1431 -42.16 -19.24 -38.66
N TYR A 1432 -41.83 -18.50 -39.71
CA TYR A 1432 -42.83 -17.97 -40.63
C TYR A 1432 -42.18 -17.74 -41.97
N PHE A 1433 -43.01 -17.37 -42.95
CA PHE A 1433 -42.54 -17.26 -44.33
C PHE A 1433 -43.25 -16.10 -45.02
N GLU A 1434 -42.61 -15.60 -46.07
CA GLU A 1434 -43.13 -14.51 -46.88
C GLU A 1434 -42.92 -14.85 -48.35
N THR A 1435 -43.75 -14.27 -49.21
CA THR A 1435 -43.62 -14.42 -50.64
C THR A 1435 -42.79 -13.28 -51.20
N ARG A 1436 -41.78 -13.62 -52.00
CA ARG A 1436 -40.85 -12.63 -52.53
C ARG A 1436 -41.14 -12.25 -53.99
N ASN A 1437 -42.30 -12.65 -54.50
CA ASN A 1437 -42.71 -12.29 -55.87
C ASN A 1437 -41.69 -12.77 -56.90
N ASP A 1438 -41.02 -13.89 -56.62
CA ASP A 1438 -40.08 -14.49 -57.56
C ASP A 1438 -40.22 -16.01 -57.58
N GLY A 1439 -41.33 -16.53 -57.07
CA GLY A 1439 -41.56 -17.97 -57.03
C GLY A 1439 -40.92 -18.68 -55.86
N SER A 1440 -40.25 -17.96 -54.97
CA SER A 1440 -39.55 -18.55 -53.82
C SER A 1440 -40.22 -18.08 -52.53
N CYS A 1441 -39.74 -18.62 -51.41
CA CYS A 1441 -40.24 -18.29 -50.09
C CYS A 1441 -39.09 -17.77 -49.25
N ALA A 1442 -39.30 -16.66 -48.56
CA ALA A 1442 -38.33 -16.14 -47.60
C ALA A 1442 -38.76 -16.59 -46.21
N PHE A 1443 -37.94 -17.42 -45.58
CA PHE A 1443 -38.30 -18.13 -44.38
C PHE A 1443 -37.46 -17.65 -43.21
N CYS A 1444 -38.10 -17.50 -42.05
CA CYS A 1444 -37.45 -17.16 -40.81
C CYS A 1444 -37.74 -18.26 -39.80
N GLN A 1445 -36.70 -18.73 -39.10
CA GLN A 1445 -36.79 -19.96 -38.33
C GLN A 1445 -37.48 -19.77 -36.98
N MET A 1446 -37.66 -18.54 -36.51
CA MET A 1446 -38.20 -18.28 -35.19
C MET A 1446 -39.35 -17.29 -35.29
N SER A 1447 -40.49 -17.65 -34.69
CA SER A 1447 -41.66 -16.78 -34.67
C SER A 1447 -41.93 -16.17 -33.30
N SER A 1448 -41.45 -16.79 -32.23
CA SER A 1448 -41.60 -16.24 -30.89
C SER A 1448 -40.32 -16.46 -30.12
N THR A 1449 -40.03 -15.55 -29.18
CA THR A 1449 -38.78 -15.60 -28.45
C THR A 1449 -38.69 -16.83 -27.56
N ASN A 1450 -39.80 -17.52 -27.32
CA ASN A 1450 -39.74 -18.70 -26.46
C ASN A 1450 -38.82 -19.77 -27.02
N THR A 1451 -38.71 -19.87 -28.35
CA THR A 1451 -37.84 -20.87 -28.94
C THR A 1451 -36.38 -20.64 -28.56
N PHE A 1452 -35.90 -19.42 -28.73
CA PHE A 1452 -34.51 -19.13 -28.36
C PHE A 1452 -34.30 -19.35 -26.87
N LEU A 1453 -35.26 -18.93 -26.04
CA LEU A 1453 -35.11 -19.12 -24.60
C LEU A 1453 -35.00 -20.60 -24.25
N LYS A 1454 -35.85 -21.43 -24.85
CA LYS A 1454 -35.74 -22.87 -24.62
C LYS A 1454 -34.40 -23.41 -25.10
N SER A 1455 -33.86 -22.82 -26.18
CA SER A 1455 -32.55 -23.24 -26.65
C SER A 1455 -31.47 -22.98 -25.60
N VAL A 1456 -31.55 -21.84 -24.92
CA VAL A 1456 -30.58 -21.50 -23.88
C VAL A 1456 -30.89 -22.19 -22.56
N ASN A 1457 -31.93 -23.02 -22.51
CA ASN A 1457 -32.34 -23.76 -21.31
C ASN A 1457 -32.90 -22.82 -20.24
N SER A 1458 -33.42 -21.68 -20.65
CA SER A 1458 -34.07 -20.73 -19.76
C SER A 1458 -35.57 -20.73 -20.04
N LEU A 1459 -36.37 -21.00 -19.02
CA LEU A 1459 -37.81 -21.11 -19.14
C LEU A 1459 -38.48 -19.97 -18.39
N TYR A 1460 -39.62 -19.52 -18.92
CA TYR A 1460 -40.34 -18.41 -18.29
C TYR A 1460 -41.11 -18.87 -17.05
N SER A 1461 -41.58 -20.12 -17.02
CA SER A 1461 -42.39 -20.59 -15.91
C SER A 1461 -41.57 -20.95 -14.68
N GLU A 1462 -40.24 -20.94 -14.78
CA GLU A 1462 -39.37 -21.31 -13.67
C GLU A 1462 -38.59 -20.13 -13.10
N ARG A 1463 -38.75 -18.93 -13.65
CA ARG A 1463 -37.90 -17.81 -13.26
C ARG A 1463 -37.86 -17.65 -11.75
N TRP A 1464 -39.03 -17.63 -11.11
CA TRP A 1464 -39.08 -17.46 -9.67
C TRP A 1464 -38.19 -18.48 -8.98
N ARG A 1465 -38.36 -19.76 -9.32
CA ARG A 1465 -37.54 -20.80 -8.72
C ARG A 1465 -36.06 -20.45 -8.87
N ASN A 1466 -35.63 -20.12 -10.08
CA ASN A 1466 -34.24 -19.76 -10.30
C ASN A 1466 -33.83 -18.64 -9.36
N PHE A 1467 -34.62 -17.57 -9.32
CA PHE A 1467 -34.31 -16.47 -8.43
C PHE A 1467 -34.08 -16.98 -7.02
N GLY A 1468 -35.01 -17.80 -6.52
CA GLY A 1468 -34.87 -18.30 -5.16
C GLY A 1468 -33.52 -18.97 -4.96
N ILE A 1469 -33.14 -19.83 -5.90
CA ILE A 1469 -31.88 -20.55 -5.76
C ILE A 1469 -30.74 -19.55 -5.61
N PHE A 1470 -30.73 -18.49 -6.41
CA PHE A 1470 -29.66 -17.52 -6.31
C PHE A 1470 -29.59 -16.95 -4.90
N ILE A 1471 -30.75 -16.59 -4.33
CA ILE A 1471 -30.73 -16.08 -2.97
C ILE A 1471 -30.08 -17.08 -2.03
N ALA A 1472 -30.42 -18.36 -2.18
CA ALA A 1472 -29.80 -19.38 -1.35
C ALA A 1472 -28.29 -19.27 -1.42
N PHE A 1473 -27.75 -19.13 -2.63
CA PHE A 1473 -26.30 -19.03 -2.76
C PHE A 1473 -25.77 -17.87 -1.94
N ILE A 1474 -26.40 -16.70 -2.04
CA ILE A 1474 -25.97 -15.57 -1.23
C ILE A 1474 -25.97 -15.98 0.24
N ALA A 1475 -27.06 -16.58 0.70
CA ALA A 1475 -27.11 -17.03 2.08
C ALA A 1475 -25.89 -17.87 2.40
N ILE A 1476 -25.61 -18.87 1.55
CA ILE A 1476 -24.48 -19.76 1.82
C ILE A 1476 -23.22 -18.93 2.00
N ASN A 1477 -22.97 -18.00 1.08
CA ASN A 1477 -21.78 -17.18 1.18
C ASN A 1477 -21.68 -16.57 2.57
N ILE A 1478 -22.75 -15.91 3.00
CA ILE A 1478 -22.71 -15.25 4.31
C ILE A 1478 -22.31 -16.26 5.37
N ILE A 1479 -22.99 -17.40 5.40
CA ILE A 1479 -22.69 -18.40 6.41
C ILE A 1479 -21.21 -18.76 6.37
N LEU A 1480 -20.70 -19.05 5.17
CA LEU A 1480 -19.31 -19.47 5.06
C LEU A 1480 -18.40 -18.41 5.66
N THR A 1481 -18.65 -17.13 5.36
CA THR A 1481 -17.82 -16.09 5.93
C THR A 1481 -17.80 -16.21 7.46
N VAL A 1482 -18.98 -16.23 8.07
CA VAL A 1482 -19.05 -16.23 9.53
C VAL A 1482 -18.37 -17.46 10.11
N ILE A 1483 -18.16 -18.49 9.30
CA ILE A 1483 -17.42 -19.66 9.75
C ILE A 1483 -15.93 -19.52 9.45
N PHE A 1484 -15.60 -19.09 8.24
CA PHE A 1484 -14.19 -19.06 7.86
C PHE A 1484 -13.41 -18.08 8.72
N TYR A 1485 -13.97 -16.91 8.97
CA TYR A 1485 -13.28 -15.96 9.82
C TYR A 1485 -13.00 -16.54 11.21
N TRP A 1486 -13.81 -17.50 11.64
CA TRP A 1486 -13.52 -18.14 12.93
C TRP A 1486 -12.41 -19.16 12.80
N LEU A 1487 -12.35 -19.90 11.70
CA LEU A 1487 -11.30 -20.90 11.54
C LEU A 1487 -9.94 -20.26 11.32
N ALA A 1488 -9.90 -19.13 10.60
CA ALA A 1488 -8.64 -18.56 10.15
C ALA A 1488 -8.03 -17.59 11.15
N ARG A 1489 -8.76 -16.52 11.51
CA ARG A 1489 -8.16 -15.41 12.26
C ARG A 1489 -8.46 -15.44 13.75
N VAL A 1490 -9.59 -16.01 14.17
CA VAL A 1490 -9.93 -15.99 15.60
C VAL A 1490 -9.00 -16.96 16.33
N PRO A 1491 -8.28 -16.52 17.38
CA PRO A 1491 -7.43 -17.47 18.12
C PRO A 1491 -8.23 -18.30 19.11
C10 A1L26 B . 3.67 -15.26 -39.81
C13 A1L26 B . 2.30 -15.04 -42.34
C15 A1L26 B . 1.19 -17.23 -43.06
C17 A1L26 B . -0.61 -18.35 -44.55
C21 A1L26 B . -1.81 -16.39 -47.55
C22 A1L26 B . -1.56 -14.93 -47.99
C24 A1L26 B . 0.28 -13.49 -48.48
C26 A1L26 B . 1.59 -13.10 -47.74
C28 A1L26 B . 3.75 -13.97 -46.60
C01 A1L26 B . 8.11 -15.45 -31.86
C02 A1L26 B . 6.57 -15.53 -31.86
C03 A1L26 B . 5.98 -15.56 -33.29
C04 A1L26 B . 7.05 -15.19 -34.36
C05 A1L26 B . 6.41 -14.54 -35.61
C06 A1L26 B . 5.01 -15.11 -35.92
C07 A1L26 B . 4.90 -15.55 -37.41
C08 A1L26 B . 5.65 -14.58 -38.35
C09 A1L26 B . 4.89 -14.34 -39.66
C11 A1L26 B . 3.92 -16.37 -40.86
C12 A1L26 B . 3.60 -15.89 -42.29
C14 A1L26 B . 1.25 -15.70 -43.28
C16 A1L26 B . 0.90 -17.99 -44.39
C18 A1L26 B . -1.11 -18.02 -45.99
C27 A1L26 B . 2.36 -14.35 -47.20
C29 A1L26 B . 3.55 -13.18 -45.29
C30 A1L26 B . 4.69 -12.57 -44.91
C31 A1L26 B . 4.61 -11.75 -43.60
C32 A1L26 B . 5.67 -12.28 -42.60
C33 A1L26 B . 6.04 -11.33 -41.72
C34 A1L26 B . 7.10 -11.76 -40.67
C35 A1L26 B . 7.33 -10.62 -39.65
C36 A1L26 B . 7.13 -11.04 -38.38
C37 A1L26 B . 7.33 -9.99 -37.27
C38 A1L26 B . 6.79 -10.56 -35.92
C39 A1L26 B . 7.48 -10.07 -34.87
C40 A1L26 B . 7.02 -10.58 -33.48
C41 A1L26 B . 6.70 -9.37 -32.57
C42 A1L26 B . 7.97 -8.77 -31.91
C43 A1L26 B . 7.70 -7.40 -31.23
C44 A1L26 B . 8.97 -6.53 -31.17
C45 A1L26 B . -3.25 -16.53 -47.09
C51 A1L26 B . -5.15 -15.33 -50.68
C52 A1L26 B . -5.82 -14.73 -51.93
C53 A1L26 B . -5.99 -15.74 -53.07
C54 A1L26 B . -4.62 -16.36 -53.42
C55 A1L26 B . -4.13 -17.23 -52.24
C56 A1L26 B . -4.59 -16.77 -50.82
O19 A1L26 B . -1.61 -18.86 -46.65
O20 A1L26 B . -0.95 -16.70 -46.50
O23 A1L26 B . -0.20 -14.82 -48.42
O25 A1L26 B . -0.35 -12.66 -49.09
O46 A1L26 B . -4.03 -15.63 -47.87
O48 A1L26 B . -6.50 -15.46 -47.08
O49 A1L26 B . -5.81 -17.51 -48.24
O50 A1L26 B . -6.08 -15.34 -49.63
O57 A1L26 B . -3.47 -16.90 -49.95
O58 A1L26 B . -2.73 -17.50 -52.26
O59 A1L26 B . -3.75 -15.30 -53.79
O61 A1L26 B . -2.56 -14.74 -51.54
O62 A1L26 B . -1.32 -16.00 -53.26
O63 A1L26 B . -1.80 -13.61 -53.60
O64 A1L26 B . -6.86 -16.76 -52.64
O66 A1L26 B . -8.76 -15.25 -53.51
O67 A1L26 B . -9.30 -16.96 -51.81
O68 A1L26 B . -8.77 -17.63 -54.13
O69 A1L26 B . -5.03 -13.67 -52.39
P47 A1L26 B . -5.64 -16.02 -48.17
P60 A1L26 B . -2.34 -14.90 -53.02
P65 A1L26 B . -8.46 -16.64 -53.04
#